data_9B3Z
#
_entry.id   9B3Z
#
_cell.length_a   1.00
_cell.length_b   1.00
_cell.length_c   1.00
_cell.angle_alpha   90.00
_cell.angle_beta   90.00
_cell.angle_gamma   90.00
#
_symmetry.space_group_name_H-M   'P 1'
#
loop_
_entity.id
_entity.type
_entity.pdbx_description
1 polymer 'Transient receptor potential cation channel subfamily V member 2'
2 non-polymer 1,2-DIDECANOYL-SN-GLYCERO-3-PHOSPHOETHANOLAMINE
3 non-polymer '2-aminoethyl diphenylborinate'
4 non-polymer '4-(dipropylsulfamoyl)benzoic acid'
#
_entity_poly.entity_id   1
_entity_poly.type   'polypeptide(L)'
_entity_poly.pdbx_seq_one_letter_code
;MTSASSPPAFRLETSDGDEEGNAEVNKGKQEPPPMESPFQREDRNSSPQIKVNLNFIKRPPKNTSAPSQQEPDRFDRDRL
FSVVSRGVPEELTGLLEYLRWNSKYLTDSAYTEGSTGKTCLMKAVLNLQDGVNACIMPLLQIDKDSGNPKLLVNAQCTDE
FYQGHSALHIAIEKRSLQCVKLLVENGADVHLRACGRFFQKHQGTCFYFGELPLSLAACTKQWDVVTYLLENPHQPASLE
ATDSLGNTVLHALVMIADNSPENSALVIHMYDGLLQMGARLCPTVQLEEISNHQGLTPLKLAAKEGKIEIFRHILQREFS
GPYQPLSRKFTEWCYGPVRVSLYDLSSVDSWEKNSVLEIIAFHCKSPNRHRMVVLEPLNKLLQEKWDRLVSRFFFNFACY
LVYMFIFTVVAYHQPSLDQPAIPSSKATFGESMLLLGHILILLGGIYLLLGQLWYFWRRRLFIWISFMDSYFEILFLLQA
LLTVLSQVLRFMETEWYLPLLVLSLVLGWLNLLYYTRGFQHTGIYSVMIQKVILRDLLRFLLVYLVFLFGFAVALVSLSR
EARSPKAPEDNNSTVTEQPTVGQEEEPAPYRSILDASLELFKFTIGMGELAFQEQLRFRGVVLLLLLAYVLLTYVLLLNM
LIALMSETVNHVADNSWSIWKLQKAISVLEMENGYWWCRRKKHREGRLLKVGTRGDGTPDERWCFRVEEVNWAAWEKTLP
TLSAAPSGPGITGNKKNPTSKPGKNSASEEDHLPLQVLQSP
;
_entity_poly.pdbx_strand_id   A,B,C,D
#
# COMPACT_ATOMS: atom_id res chain seq x y z
N PHE A 75 51.94 34.12 36.63
CA PHE A 75 51.40 33.10 35.73
C PHE A 75 50.09 32.56 36.27
N ASP A 76 48.99 33.25 35.94
CA ASP A 76 47.68 32.91 36.47
C ASP A 76 47.00 31.87 35.60
N ARG A 77 45.75 31.54 35.97
CA ARG A 77 44.99 30.54 35.24
C ARG A 77 44.67 31.00 33.82
N ASP A 78 44.32 32.28 33.65
CA ASP A 78 43.90 32.77 32.34
C ASP A 78 45.03 32.67 31.32
N ARG A 79 46.24 33.08 31.71
CA ARG A 79 47.38 32.96 30.80
C ARG A 79 47.72 31.50 30.53
N LEU A 80 47.68 30.66 31.57
CA LEU A 80 47.99 29.26 31.41
C LEU A 80 46.98 28.56 30.51
N PHE A 81 45.70 28.89 30.68
CA PHE A 81 44.67 28.28 29.85
C PHE A 81 44.76 28.75 28.40
N SER A 82 45.27 29.96 28.19
CA SER A 82 45.37 30.48 26.83
C SER A 82 46.52 29.82 26.07
N VAL A 83 47.67 29.64 26.72
CA VAL A 83 48.84 29.12 26.01
C VAL A 83 48.64 27.65 25.65
N VAL A 84 48.05 26.87 26.56
CA VAL A 84 47.81 25.46 26.27
C VAL A 84 46.78 25.29 25.16
N SER A 85 45.87 26.27 25.02
CA SER A 85 44.92 26.23 23.91
C SER A 85 45.59 26.58 22.58
N ARG A 86 46.54 27.51 22.60
CA ARG A 86 47.25 27.88 21.38
C ARG A 86 48.36 26.90 21.01
N GLY A 87 48.75 26.04 21.95
CA GLY A 87 49.78 25.05 21.67
C GLY A 87 51.16 25.60 21.40
N VAL A 88 51.61 26.56 22.21
CA VAL A 88 52.93 27.16 22.04
C VAL A 88 53.77 26.81 23.26
N PRO A 89 54.63 25.79 23.19
CA PRO A 89 55.44 25.42 24.36
C PRO A 89 56.47 26.47 24.74
N GLU A 90 56.84 27.37 23.83
CA GLU A 90 57.85 28.38 24.13
C GLU A 90 57.38 29.36 25.20
N GLU A 91 56.07 29.63 25.27
CA GLU A 91 55.52 30.53 26.27
C GLU A 91 55.37 29.88 27.64
N LEU A 92 55.46 28.56 27.72
CA LEU A 92 55.26 27.84 28.97
C LEU A 92 56.50 27.80 29.84
N THR A 93 57.57 28.52 29.47
CA THR A 93 58.81 28.47 30.24
C THR A 93 58.65 29.03 31.65
N GLY A 94 57.87 30.09 31.82
CA GLY A 94 57.73 30.70 33.13
C GLY A 94 56.77 30.01 34.07
N LEU A 95 56.13 28.94 33.61
CA LEU A 95 55.15 28.24 34.45
C LEU A 95 55.83 27.52 35.62
N LEU A 96 56.94 26.82 35.34
CA LEU A 96 57.61 26.06 36.38
C LEU A 96 58.17 26.97 37.47
N GLU A 97 58.75 28.10 37.07
CA GLU A 97 59.31 29.03 38.05
C GLU A 97 58.23 29.58 38.97
N TYR A 98 57.07 29.92 38.41
CA TYR A 98 55.98 30.48 39.22
C TYR A 98 55.47 29.45 40.22
N LEU A 99 55.34 28.19 39.79
CA LEU A 99 54.85 27.14 40.69
C LEU A 99 55.81 26.90 41.84
N ARG A 100 57.11 26.87 41.54
CA ARG A 100 58.11 26.69 42.60
C ARG A 100 58.12 27.90 43.54
N TRP A 101 57.98 29.10 42.99
CA TRP A 101 58.00 30.31 43.81
C TRP A 101 56.82 30.35 44.75
N ASN A 102 55.63 29.98 44.27
CA ASN A 102 54.41 30.04 45.07
C ASN A 102 54.09 28.73 45.78
N SER A 103 54.88 27.68 45.55
CA SER A 103 54.64 26.36 46.15
C SER A 103 53.24 25.85 45.83
N LYS A 104 52.94 25.78 44.54
CA LYS A 104 51.63 25.36 44.05
C LYS A 104 51.79 24.23 43.04
N TYR A 105 50.69 23.56 42.78
CA TYR A 105 50.65 22.46 41.81
C TYR A 105 49.55 22.72 40.80
N LEU A 106 49.69 22.09 39.62
CA LEU A 106 48.72 22.25 38.56
C LEU A 106 47.36 21.67 38.92
N THR A 107 47.31 20.74 39.89
CA THR A 107 46.06 20.13 40.32
C THR A 107 45.32 20.99 41.34
N ASP A 108 45.91 22.09 41.78
CA ASP A 108 45.28 22.95 42.77
C ASP A 108 44.01 23.58 42.21
N SER A 109 43.10 23.95 43.12
CA SER A 109 41.81 24.50 42.71
C SER A 109 41.98 25.83 41.98
N ALA A 110 43.11 26.51 42.18
CA ALA A 110 43.34 27.80 41.52
C ALA A 110 43.42 27.65 40.00
N TYR A 111 43.95 26.53 39.52
CA TYR A 111 44.14 26.30 38.09
C TYR A 111 43.07 25.39 37.51
N THR A 112 41.92 25.27 38.17
CA THR A 112 40.83 24.42 37.70
C THR A 112 39.56 25.27 37.61
N GLU A 113 38.83 25.11 36.51
CA GLU A 113 37.56 25.81 36.33
C GLU A 113 36.54 25.32 37.35
N GLY A 114 36.01 26.23 38.16
CA GLY A 114 35.08 25.87 39.21
C GLY A 114 33.75 25.34 38.69
N SER A 115 33.46 25.61 37.41
CA SER A 115 32.20 25.15 36.84
C SER A 115 32.13 23.63 36.78
N THR A 116 33.20 22.98 36.31
CA THR A 116 33.21 21.53 36.17
C THR A 116 34.38 20.90 36.92
N GLY A 117 35.54 21.55 36.89
CA GLY A 117 36.73 21.00 37.49
C GLY A 117 37.79 20.68 36.46
N LYS A 118 37.64 21.25 35.27
CA LYS A 118 38.58 21.02 34.19
C LYS A 118 39.98 21.51 34.56
N THR A 119 40.98 20.66 34.31
CA THR A 119 42.37 21.00 34.59
C THR A 119 43.04 21.55 33.33
N CYS A 120 44.30 21.96 33.50
CA CYS A 120 45.05 22.52 32.39
C CYS A 120 45.34 21.48 31.31
N LEU A 121 45.54 20.23 31.71
CA LEU A 121 45.80 19.18 30.73
C LEU A 121 44.57 18.88 29.88
N MET A 122 43.38 18.97 30.48
CA MET A 122 42.15 18.71 29.73
C MET A 122 41.96 19.72 28.61
N LYS A 123 42.41 20.96 28.83
CA LYS A 123 42.31 21.97 27.78
C LYS A 123 43.18 21.61 26.59
N ALA A 124 44.38 21.08 26.85
CA ALA A 124 45.33 20.79 25.79
C ALA A 124 44.83 19.68 24.85
N VAL A 125 44.24 18.63 25.41
CA VAL A 125 43.85 17.48 24.60
C VAL A 125 42.70 17.83 23.67
N LEU A 126 41.75 18.64 24.14
CA LEU A 126 40.65 19.00 23.23
C LEU A 126 41.00 20.11 22.27
N ASN A 127 42.20 20.68 22.37
CA ASN A 127 42.70 21.68 21.43
C ASN A 127 43.90 21.09 20.69
N LEU A 128 43.62 20.40 19.59
CA LEU A 128 44.61 19.62 18.87
C LEU A 128 44.96 20.26 17.54
N GLN A 129 46.20 20.07 17.12
CA GLN A 129 46.69 20.53 15.82
C GLN A 129 47.59 19.46 15.22
N ASP A 130 47.24 19.00 14.02
CA ASP A 130 47.99 17.96 13.31
C ASP A 130 48.04 16.65 14.11
N GLY A 131 47.09 16.48 15.03
CA GLY A 131 46.97 15.26 15.79
C GLY A 131 47.73 15.24 17.10
N VAL A 132 48.74 16.10 17.28
CA VAL A 132 49.52 16.14 18.50
C VAL A 132 49.63 17.59 18.96
N ASN A 133 49.27 17.85 20.21
CA ASN A 133 49.47 19.17 20.81
C ASN A 133 50.85 19.19 21.45
N ALA A 134 51.73 20.03 20.93
CA ALA A 134 53.12 20.05 21.37
C ALA A 134 53.27 20.56 22.80
N CYS A 135 52.22 21.16 23.37
CA CYS A 135 52.32 21.71 24.72
C CYS A 135 52.15 20.63 25.78
N ILE A 136 51.56 19.49 25.43
CA ILE A 136 51.21 18.48 26.42
C ILE A 136 52.46 17.95 27.11
N MET A 137 53.48 17.57 26.34
CA MET A 137 54.68 16.98 26.93
C MET A 137 55.39 17.94 27.87
N PRO A 138 55.69 19.19 27.50
CA PRO A 138 56.27 20.11 28.49
C PRO A 138 55.37 20.34 29.69
N LEU A 139 54.06 20.34 29.49
CA LEU A 139 53.13 20.56 30.59
C LEU A 139 53.21 19.42 31.60
N LEU A 140 53.31 18.18 31.12
CA LEU A 140 53.34 17.03 32.02
C LEU A 140 54.64 16.99 32.81
N GLN A 141 55.77 17.28 32.17
CA GLN A 141 57.06 17.20 32.86
C GLN A 141 57.21 18.32 33.88
N ILE A 142 56.51 19.43 33.69
CA ILE A 142 56.54 20.50 34.69
C ILE A 142 55.91 20.04 36.00
N ASP A 143 54.80 19.32 35.92
CA ASP A 143 54.14 18.82 37.12
C ASP A 143 55.02 17.83 37.87
N LYS A 144 55.74 16.98 37.12
CA LYS A 144 56.68 16.06 37.75
C LYS A 144 57.78 16.81 38.49
N ASP A 145 58.27 17.89 37.88
CA ASP A 145 59.27 18.72 38.55
C ASP A 145 58.67 19.47 39.74
N SER A 146 57.36 19.77 39.69
CA SER A 146 56.72 20.51 40.76
C SER A 146 56.51 19.69 42.03
N GLY A 147 56.72 18.38 41.97
CA GLY A 147 56.51 17.54 43.14
C GLY A 147 55.08 17.42 43.57
N ASN A 148 54.14 17.31 42.63
CA ASN A 148 52.74 17.19 42.96
C ASN A 148 52.47 15.83 43.59
N PRO A 149 51.89 15.78 44.80
CA PRO A 149 51.48 14.48 45.35
C PRO A 149 50.46 13.75 44.50
N LYS A 150 49.58 14.47 43.80
CA LYS A 150 48.68 13.88 42.84
C LYS A 150 49.34 13.88 41.46
N LEU A 151 48.56 13.55 40.44
CA LEU A 151 49.03 13.56 39.06
C LEU A 151 48.03 14.30 38.19
N LEU A 152 48.53 15.23 37.37
CA LEU A 152 47.66 15.96 36.45
C LEU A 152 47.03 15.03 35.43
N VAL A 153 47.72 13.95 35.06
CA VAL A 153 47.18 13.00 34.10
C VAL A 153 45.99 12.25 34.67
N ASN A 154 46.05 11.90 35.96
CA ASN A 154 44.98 11.17 36.62
C ASN A 154 43.94 12.08 37.26
N ALA A 155 44.06 13.40 37.10
CA ALA A 155 43.08 14.32 37.65
C ALA A 155 41.74 14.14 36.94
N GLN A 156 40.66 14.28 37.70
CA GLN A 156 39.31 14.09 37.18
C GLN A 156 38.46 15.29 37.54
N CYS A 157 37.40 15.50 36.74
CA CYS A 157 36.47 16.58 37.01
C CYS A 157 35.65 16.26 38.27
N THR A 158 35.08 17.32 38.86
CA THR A 158 34.30 17.16 40.07
C THR A 158 32.85 17.60 39.95
N ASP A 159 32.38 18.02 38.77
CA ASP A 159 30.98 18.41 38.62
C ASP A 159 30.08 17.18 38.72
N GLU A 160 28.83 17.42 39.11
CA GLU A 160 27.87 16.32 39.23
C GLU A 160 27.63 15.64 37.89
N PHE A 161 27.51 16.43 36.82
CA PHE A 161 27.23 15.87 35.51
C PHE A 161 28.45 15.19 34.90
N TYR A 162 29.63 15.77 35.07
CA TYR A 162 30.85 15.28 34.46
C TYR A 162 31.84 14.69 35.46
N GLN A 163 31.35 14.08 36.53
CA GLN A 163 32.23 13.50 37.54
C GLN A 163 33.04 12.36 36.94
N GLY A 164 34.35 12.36 37.22
CA GLY A 164 35.23 11.32 36.75
C GLY A 164 35.81 11.54 35.36
N HIS A 165 35.37 12.56 34.64
CA HIS A 165 35.91 12.82 33.32
C HIS A 165 37.38 13.21 33.41
N SER A 166 38.19 12.67 32.51
CA SER A 166 39.64 12.84 32.58
C SER A 166 40.18 13.17 31.20
N ALA A 167 41.45 13.59 31.17
CA ALA A 167 42.10 13.90 29.90
C ALA A 167 42.26 12.67 29.03
N LEU A 168 42.36 11.49 29.64
CA LEU A 168 42.46 10.25 28.86
C LEU A 168 41.18 9.99 28.08
N HIS A 169 40.03 10.27 28.69
CA HIS A 169 38.76 10.09 27.97
C HIS A 169 38.68 11.03 26.76
N ILE A 170 39.15 12.26 26.92
CA ILE A 170 39.11 13.21 25.82
C ILE A 170 40.02 12.77 24.68
N ALA A 171 41.17 12.16 25.01
CA ALA A 171 42.10 11.73 23.98
C ALA A 171 41.50 10.68 23.06
N ILE A 172 40.80 9.69 23.64
CA ILE A 172 40.17 8.67 22.82
C ILE A 172 38.98 9.25 22.04
N GLU A 173 38.23 10.17 22.65
CA GLU A 173 37.09 10.77 21.97
C GLU A 173 37.54 11.54 20.74
N LYS A 174 38.65 12.27 20.83
CA LYS A 174 39.19 13.03 19.72
C LYS A 174 39.80 12.15 18.63
N ARG A 175 39.82 10.84 18.83
CA ARG A 175 40.33 9.88 17.84
C ARG A 175 41.77 10.20 17.46
N SER A 176 42.60 10.40 18.50
CA SER A 176 44.02 10.72 18.33
C SER A 176 44.82 9.73 19.16
N LEU A 177 45.29 8.66 18.51
CA LEU A 177 46.05 7.63 19.21
C LEU A 177 47.34 8.20 19.77
N GLN A 178 47.92 9.18 19.09
CA GLN A 178 49.22 9.72 19.50
C GLN A 178 49.16 10.31 20.90
N CYS A 179 48.10 11.06 21.21
CA CYS A 179 47.95 11.60 22.56
C CYS A 179 47.74 10.48 23.57
N VAL A 180 46.90 9.49 23.24
CA VAL A 180 46.69 8.37 24.14
C VAL A 180 48.00 7.65 24.42
N LYS A 181 48.84 7.53 23.39
CA LYS A 181 50.19 7.01 23.60
C LYS A 181 50.98 7.89 24.55
N LEU A 182 50.78 9.21 24.45
CA LEU A 182 51.59 10.14 25.23
C LEU A 182 51.23 10.09 26.71
N LEU A 183 49.93 10.05 27.04
CA LEU A 183 49.52 10.14 28.44
C LEU A 183 49.95 8.91 29.21
N VAL A 184 49.74 7.71 28.66
CA VAL A 184 50.02 6.48 29.40
C VAL A 184 51.53 6.31 29.58
N GLU A 185 52.33 6.87 28.67
CA GLU A 185 53.77 6.82 28.84
C GLU A 185 54.22 7.65 30.04
N ASN A 186 53.46 8.69 30.38
CA ASN A 186 53.73 9.53 31.54
C ASN A 186 52.97 9.09 32.78
N GLY A 187 52.22 7.99 32.70
CA GLY A 187 51.54 7.46 33.86
C GLY A 187 50.04 7.66 33.90
N ALA A 188 49.36 7.59 32.77
CA ALA A 188 47.91 7.72 32.76
C ALA A 188 47.27 6.46 33.30
N ASP A 189 46.33 6.62 34.22
CA ASP A 189 45.58 5.49 34.76
C ASP A 189 44.52 5.06 33.76
N VAL A 190 44.69 3.86 33.18
CA VAL A 190 43.74 3.37 32.20
C VAL A 190 42.41 2.96 32.81
N HIS A 191 42.34 2.86 34.13
CA HIS A 191 41.11 2.46 34.82
C HIS A 191 40.37 3.64 35.44
N LEU A 192 40.55 4.84 34.91
CA LEU A 192 39.78 5.99 35.39
C LEU A 192 38.31 5.79 35.06
N ARG A 193 37.44 6.12 36.01
CA ARG A 193 36.01 5.83 35.92
C ARG A 193 35.24 7.15 35.86
N ALA A 194 34.75 7.50 34.68
CA ALA A 194 33.93 8.69 34.49
C ALA A 194 32.49 8.34 34.80
N CYS A 195 32.06 8.62 36.05
CA CYS A 195 30.75 8.22 36.51
C CYS A 195 29.80 9.39 36.75
N GLY A 196 29.95 10.49 36.04
CA GLY A 196 29.05 11.61 36.20
C GLY A 196 27.68 11.33 35.61
N ARG A 197 26.74 12.23 35.93
CA ARG A 197 25.38 12.08 35.44
C ARG A 197 25.29 12.16 33.93
N PHE A 198 26.23 12.84 33.29
CA PHE A 198 26.25 12.88 31.83
C PHE A 198 26.59 11.52 31.24
N PHE A 199 27.45 10.75 31.90
CA PHE A 199 27.87 9.46 31.39
C PHE A 199 26.93 8.33 31.79
N GLN A 200 26.15 8.52 32.87
CA GLN A 200 25.17 7.51 33.26
C GLN A 200 24.04 7.45 32.25
N LYS A 201 23.52 6.24 32.02
CA LYS A 201 22.44 6.05 31.05
C LYS A 201 21.11 6.45 31.68
N HIS A 202 20.44 7.42 31.06
CA HIS A 202 19.14 7.88 31.53
C HIS A 202 18.44 8.60 30.38
N GLN A 203 17.14 8.81 30.55
CA GLN A 203 16.34 9.51 29.54
C GLN A 203 16.67 10.99 29.59
N GLY A 204 17.55 11.43 28.71
CA GLY A 204 17.95 12.82 28.67
C GLY A 204 19.24 12.96 27.89
N THR A 205 19.90 14.11 28.11
CA THR A 205 21.18 14.39 27.47
C THR A 205 22.25 13.57 28.17
N CYS A 206 22.69 12.50 27.53
CA CYS A 206 23.68 11.60 28.12
C CYS A 206 24.42 10.87 27.01
N PHE A 207 25.58 10.32 27.37
CA PHE A 207 26.42 9.53 26.47
C PHE A 207 26.97 8.37 27.28
N TYR A 208 26.25 7.25 27.26
CA TYR A 208 26.68 6.06 27.98
C TYR A 208 27.60 5.22 27.08
N PHE A 209 28.80 4.96 27.58
CA PHE A 209 29.78 4.15 26.88
C PHE A 209 30.48 3.21 27.84
N GLY A 210 29.80 2.82 28.91
CA GLY A 210 30.52 2.33 30.06
C GLY A 210 31.06 3.51 30.84
N GLU A 211 32.13 3.28 31.59
CA GLU A 211 32.78 4.36 32.32
C GLU A 211 34.30 4.32 32.27
N LEU A 212 34.90 3.43 31.51
CA LEU A 212 36.34 3.29 31.44
C LEU A 212 36.86 3.71 30.08
N PRO A 213 38.11 4.17 30.00
CA PRO A 213 38.70 4.48 28.69
C PRO A 213 38.68 3.30 27.73
N LEU A 214 38.88 2.09 28.25
CA LEU A 214 38.78 0.90 27.40
C LEU A 214 37.38 0.73 26.84
N SER A 215 36.36 0.95 27.67
CA SER A 215 34.99 0.86 27.18
C SER A 215 34.68 2.00 26.22
N LEU A 216 35.23 3.18 26.47
CA LEU A 216 35.06 4.29 25.54
C LEU A 216 35.73 3.99 24.20
N ALA A 217 36.92 3.39 24.24
CA ALA A 217 37.61 3.04 23.00
C ALA A 217 36.93 1.89 22.27
N ALA A 218 36.00 1.18 22.92
CA ALA A 218 35.28 0.10 22.28
C ALA A 218 33.96 0.55 21.67
N CYS A 219 33.21 1.42 22.37
CA CYS A 219 31.98 1.97 21.80
C CYS A 219 32.25 2.78 20.55
N THR A 220 33.28 3.63 20.58
CA THR A 220 33.78 4.23 19.35
C THR A 220 34.61 3.19 18.59
N LYS A 221 34.36 3.08 17.29
CA LYS A 221 35.03 2.08 16.48
C LYS A 221 36.47 2.51 16.27
N GLN A 222 37.31 2.26 17.29
CA GLN A 222 38.72 2.63 17.29
C GLN A 222 39.52 1.38 17.66
N TRP A 223 39.88 0.61 16.63
CA TRP A 223 40.67 -0.60 16.87
C TRP A 223 42.07 -0.27 17.36
N ASP A 224 42.73 0.69 16.72
CA ASP A 224 44.13 0.97 17.05
C ASP A 224 44.28 1.42 18.50
N VAL A 225 43.31 2.17 19.01
CA VAL A 225 43.37 2.57 20.42
C VAL A 225 43.10 1.38 21.34
N VAL A 226 42.11 0.55 21.01
CA VAL A 226 41.62 -0.44 21.96
C VAL A 226 42.64 -1.56 22.15
N THR A 227 43.40 -1.90 21.10
CA THR A 227 44.45 -2.90 21.26
C THR A 227 45.61 -2.36 22.08
N TYR A 228 46.03 -1.13 21.81
CA TYR A 228 47.19 -0.57 22.51
C TYR A 228 46.89 -0.40 24.00
N LEU A 229 45.66 -0.01 24.33
CA LEU A 229 45.29 0.12 25.73
C LEU A 229 45.35 -1.23 26.45
N LEU A 230 45.13 -2.31 25.70
CA LEU A 230 45.05 -3.63 26.33
C LEU A 230 46.42 -4.29 26.47
N GLU A 231 47.33 -4.04 25.52
CA GLU A 231 48.61 -4.75 25.50
C GLU A 231 49.81 -3.80 25.57
N ASN A 232 49.63 -2.60 26.09
CA ASN A 232 50.76 -1.70 26.26
C ASN A 232 51.62 -2.17 27.44
N PRO A 233 52.94 -1.96 27.36
CA PRO A 233 53.82 -2.38 28.47
C PRO A 233 53.79 -1.45 29.66
N HIS A 234 53.31 -0.21 29.49
CA HIS A 234 53.29 0.73 30.61
C HIS A 234 52.22 0.37 31.63
N GLN A 235 50.97 0.33 31.19
CA GLN A 235 49.86 -0.06 32.06
C GLN A 235 48.75 -0.68 31.23
N PRO A 236 48.68 -2.01 31.16
CA PRO A 236 47.67 -2.65 30.31
C PRO A 236 46.29 -2.64 30.94
N ALA A 237 45.29 -2.35 30.12
CA ALA A 237 43.91 -2.40 30.58
C ALA A 237 43.44 -3.85 30.69
N SER A 238 42.37 -4.05 31.46
CA SER A 238 41.80 -5.37 31.67
C SER A 238 40.37 -5.39 31.18
N LEU A 239 40.03 -6.42 30.40
CA LEU A 239 38.67 -6.58 29.91
C LEU A 239 37.69 -6.94 31.03
N GLU A 240 38.20 -7.40 32.17
CA GLU A 240 37.36 -7.77 33.30
C GLU A 240 37.02 -6.57 34.19
N ALA A 241 37.51 -5.38 33.87
CA ALA A 241 37.19 -4.20 34.65
C ALA A 241 35.71 -3.85 34.50
N THR A 242 35.13 -3.35 35.60
CA THR A 242 33.71 -3.03 35.65
C THR A 242 33.51 -1.58 36.04
N ASP A 243 32.41 -1.00 35.57
CA ASP A 243 32.05 0.37 35.90
C ASP A 243 31.18 0.39 37.16
N SER A 244 30.57 1.54 37.41
CA SER A 244 29.74 1.70 38.61
C SER A 244 28.55 0.76 38.65
N LEU A 245 28.03 0.35 37.49
CA LEU A 245 26.93 -0.60 37.42
C LEU A 245 27.40 -2.04 37.28
N GLY A 246 28.71 -2.28 37.34
CA GLY A 246 29.25 -3.60 37.14
C GLY A 246 29.41 -4.02 35.70
N ASN A 247 29.13 -3.13 34.75
CA ASN A 247 29.22 -3.48 33.34
C ASN A 247 30.68 -3.53 32.89
N THR A 248 31.06 -4.63 32.25
CA THR A 248 32.38 -4.74 31.66
C THR A 248 32.37 -4.13 30.26
N VAL A 249 33.44 -4.38 29.50
CA VAL A 249 33.52 -3.88 28.13
C VAL A 249 32.48 -4.56 27.26
N LEU A 250 32.24 -5.85 27.48
CA LEU A 250 31.24 -6.57 26.70
C LEU A 250 29.82 -6.11 27.03
N HIS A 251 29.56 -5.81 28.31
CA HIS A 251 28.25 -5.29 28.68
C HIS A 251 28.01 -3.92 28.06
N ALA A 252 29.03 -3.06 28.04
CA ALA A 252 28.86 -1.72 27.49
C ALA A 252 28.55 -1.77 26.01
N LEU A 253 29.19 -2.68 25.27
CA LEU A 253 28.92 -2.81 23.85
C LEU A 253 27.47 -3.21 23.59
N VAL A 254 26.93 -4.07 24.46
CA VAL A 254 25.54 -4.50 24.30
C VAL A 254 24.58 -3.33 24.45
N MET A 255 24.79 -2.51 25.48
CA MET A 255 23.86 -1.41 25.75
C MET A 255 23.85 -0.37 24.63
N ILE A 256 25.02 -0.07 24.08
CA ILE A 256 25.13 0.96 23.05
C ILE A 256 24.77 0.38 21.69
N ALA A 257 24.45 -0.90 21.65
CA ALA A 257 24.14 -1.56 20.38
C ALA A 257 22.68 -1.31 20.01
N ASP A 258 22.46 -0.65 18.88
CA ASP A 258 21.12 -0.48 18.36
C ASP A 258 20.77 -1.64 17.44
N ASN A 259 19.49 -1.69 17.03
CA ASN A 259 19.04 -2.70 16.10
C ASN A 259 19.25 -2.29 14.64
N SER A 260 19.80 -1.11 14.41
CA SER A 260 20.17 -0.71 13.06
C SER A 260 21.26 -1.65 12.53
N PRO A 261 21.19 -2.06 11.26
CA PRO A 261 22.16 -3.02 10.77
C PRO A 261 23.52 -2.43 10.37
N GLU A 262 23.68 -1.11 10.41
CA GLU A 262 25.01 -0.52 10.33
C GLU A 262 25.66 -0.51 11.71
N ASN A 263 24.88 -0.18 12.74
CA ASN A 263 25.41 -0.17 14.10
C ASN A 263 25.69 -1.57 14.60
N SER A 264 24.75 -2.50 14.38
CA SER A 264 24.90 -3.85 14.91
C SER A 264 26.08 -4.58 14.29
N ALA A 265 26.42 -4.29 13.04
CA ALA A 265 27.57 -4.93 12.41
C ALA A 265 28.86 -4.55 13.09
N LEU A 266 29.03 -3.27 13.45
CA LEU A 266 30.25 -2.84 14.11
C LEU A 266 30.32 -3.33 15.55
N VAL A 267 29.19 -3.35 16.25
CA VAL A 267 29.18 -3.84 17.63
C VAL A 267 29.54 -5.31 17.69
N ILE A 268 28.96 -6.11 16.78
CA ILE A 268 29.28 -7.53 16.74
C ILE A 268 30.74 -7.75 16.40
N HIS A 269 31.25 -7.02 15.41
CA HIS A 269 32.65 -7.16 15.03
C HIS A 269 33.57 -6.72 16.17
N MET A 270 33.20 -5.66 16.88
CA MET A 270 33.93 -5.27 18.08
C MET A 270 33.78 -6.31 19.17
N TYR A 271 32.60 -6.92 19.29
CA TYR A 271 32.37 -7.93 20.32
C TYR A 271 33.26 -9.14 20.12
N ASP A 272 33.33 -9.63 18.88
CA ASP A 272 34.16 -10.81 18.60
C ASP A 272 35.63 -10.50 18.77
N GLY A 273 36.07 -9.33 18.31
CA GLY A 273 37.49 -9.00 18.39
C GLY A 273 37.98 -8.88 19.82
N LEU A 274 37.21 -8.20 20.68
CA LEU A 274 37.59 -8.10 22.07
C LEU A 274 37.54 -9.46 22.77
N LEU A 275 36.53 -10.28 22.42
CA LEU A 275 36.43 -11.60 23.01
C LEU A 275 37.58 -12.50 22.57
N GLN A 276 37.96 -12.43 21.28
CA GLN A 276 39.07 -13.23 20.79
C GLN A 276 40.39 -12.79 21.42
N MET A 277 40.61 -11.48 21.49
CA MET A 277 41.86 -10.98 22.09
C MET A 277 41.89 -11.24 23.58
N GLY A 278 40.72 -11.40 24.20
CA GLY A 278 40.68 -11.76 25.61
C GLY A 278 41.22 -13.15 25.88
N ALA A 279 41.15 -14.02 24.87
CA ALA A 279 41.72 -15.37 25.00
C ALA A 279 43.24 -15.34 25.03
N ARG A 280 43.86 -14.23 24.63
CA ARG A 280 45.31 -14.13 24.67
C ARG A 280 45.79 -13.49 25.98
N LEU A 281 45.19 -12.36 26.35
CA LEU A 281 45.62 -11.64 27.54
C LEU A 281 45.19 -12.33 28.83
N CYS A 282 43.97 -12.86 28.87
CA CYS A 282 43.47 -13.52 30.07
C CYS A 282 42.79 -14.84 29.71
N PRO A 283 43.55 -15.86 29.32
CA PRO A 283 42.91 -17.15 28.96
C PRO A 283 42.14 -17.79 30.11
N THR A 284 42.58 -17.58 31.35
CA THR A 284 41.92 -18.23 32.48
C THR A 284 40.64 -17.53 32.91
N VAL A 285 40.33 -16.37 32.34
CA VAL A 285 39.13 -15.62 32.72
C VAL A 285 38.12 -15.72 31.60
N GLN A 286 36.90 -16.14 31.94
CA GLN A 286 35.80 -16.24 30.97
C GLN A 286 35.05 -14.92 30.98
N LEU A 287 35.26 -14.12 29.94
CA LEU A 287 34.65 -12.80 29.88
C LEU A 287 33.14 -12.88 29.67
N GLU A 288 32.66 -13.98 29.10
CA GLU A 288 31.24 -14.11 28.80
C GLU A 288 30.41 -14.41 30.04
N GLU A 289 31.03 -14.82 31.14
CA GLU A 289 30.31 -15.21 32.35
C GLU A 289 30.43 -14.19 33.48
N ILE A 290 30.91 -12.99 33.19
CA ILE A 290 31.00 -11.94 34.21
C ILE A 290 29.63 -11.30 34.38
N SER A 291 29.15 -11.25 35.61
CA SER A 291 27.82 -10.71 35.90
C SER A 291 27.94 -9.33 36.54
N ASN A 292 27.11 -8.40 36.08
CA ASN A 292 27.09 -7.06 36.62
C ASN A 292 26.32 -7.04 37.95
N HIS A 293 26.06 -5.83 38.46
CA HIS A 293 25.33 -5.69 39.70
C HIS A 293 23.90 -6.20 39.61
N GLN A 294 23.33 -6.29 38.41
CA GLN A 294 22.01 -6.88 38.21
C GLN A 294 22.06 -8.40 38.07
N GLY A 295 23.25 -9.00 38.06
CA GLY A 295 23.39 -10.43 37.90
C GLY A 295 23.22 -10.93 36.48
N LEU A 296 23.38 -10.06 35.48
CA LEU A 296 23.17 -10.43 34.09
C LEU A 296 24.50 -10.55 33.36
N THR A 297 24.69 -11.66 32.66
CA THR A 297 25.82 -11.85 31.77
C THR A 297 25.61 -11.05 30.50
N PRO A 298 26.65 -10.86 29.68
CA PRO A 298 26.44 -10.14 28.40
C PRO A 298 25.37 -10.77 27.52
N LEU A 299 25.21 -12.09 27.59
CA LEU A 299 24.13 -12.73 26.85
C LEU A 299 22.78 -12.43 27.48
N LYS A 300 22.69 -12.50 28.81
CA LYS A 300 21.44 -12.21 29.49
C LYS A 300 21.06 -10.74 29.36
N LEU A 301 22.06 -9.84 29.36
CA LEU A 301 21.77 -8.41 29.23
C LEU A 301 21.14 -8.10 27.88
N ALA A 302 21.61 -8.75 26.82
CA ALA A 302 21.02 -8.54 25.50
C ALA A 302 19.56 -8.98 25.47
N ALA A 303 19.23 -10.07 26.14
CA ALA A 303 17.84 -10.52 26.20
C ALA A 303 16.98 -9.53 26.97
N LYS A 304 17.48 -9.02 28.10
CA LYS A 304 16.72 -8.06 28.88
C LYS A 304 16.54 -6.74 28.13
N GLU A 305 17.62 -6.26 27.50
CA GLU A 305 17.54 -4.99 26.78
C GLU A 305 16.75 -5.10 25.48
N GLY A 306 16.43 -6.32 25.05
CA GLY A 306 15.66 -6.50 23.83
C GLY A 306 16.42 -6.20 22.57
N LYS A 307 17.74 -6.39 22.58
CA LYS A 307 18.57 -6.11 21.41
C LYS A 307 18.88 -7.43 20.68
N ILE A 308 17.97 -7.79 19.78
CA ILE A 308 17.98 -9.10 19.15
C ILE A 308 19.20 -9.27 18.26
N GLU A 309 19.64 -8.20 17.60
CA GLU A 309 20.71 -8.31 16.62
C GLU A 309 22.00 -8.82 17.24
N ILE A 310 22.37 -8.32 18.42
CA ILE A 310 23.54 -8.86 19.11
C ILE A 310 23.17 -10.11 19.89
N PHE A 311 21.90 -10.23 20.31
CA PHE A 311 21.46 -11.43 21.01
C PHE A 311 21.52 -12.64 20.10
N ARG A 312 21.13 -12.49 18.84
CA ARG A 312 21.17 -13.60 17.90
C ARG A 312 22.60 -14.08 17.66
N HIS A 313 23.54 -13.14 17.54
CA HIS A 313 24.91 -13.52 17.22
C HIS A 313 25.56 -14.32 18.34
N ILE A 314 25.31 -13.93 19.59
CA ILE A 314 25.93 -14.62 20.72
C ILE A 314 25.43 -16.06 20.81
N LEU A 315 24.12 -16.26 20.62
CA LEU A 315 23.56 -17.61 20.66
C LEU A 315 24.14 -18.48 19.57
N GLN A 316 24.28 -17.94 18.36
CA GLN A 316 24.76 -18.69 17.20
C GLN A 316 26.22 -18.40 16.88
N ARG A 317 27.01 -18.01 17.87
CA ARG A 317 28.41 -17.69 17.65
C ARG A 317 29.21 -18.96 17.32
N GLU A 318 29.98 -18.90 16.24
CA GLU A 318 30.80 -20.02 15.82
C GLU A 318 32.14 -19.51 15.30
N PHE A 319 33.23 -20.11 15.79
CA PHE A 319 34.57 -19.75 15.38
C PHE A 319 35.33 -21.02 15.02
N SER A 320 36.41 -20.84 14.26
CA SER A 320 37.27 -21.94 13.85
C SER A 320 38.72 -21.58 14.12
N GLY A 321 39.53 -22.62 14.33
CA GLY A 321 40.93 -22.45 14.62
C GLY A 321 41.19 -22.40 16.12
N PRO A 322 42.18 -21.59 16.52
CA PRO A 322 42.48 -21.47 17.95
C PRO A 322 41.35 -20.88 18.78
N TYR A 323 40.47 -20.10 18.17
CA TYR A 323 39.35 -19.46 18.87
C TYR A 323 38.08 -20.30 18.83
N GLN A 324 38.17 -21.56 18.45
CA GLN A 324 37.03 -22.49 18.41
C GLN A 324 36.35 -22.62 19.78
N PRO A 325 37.09 -22.73 20.89
CA PRO A 325 36.40 -22.86 22.19
C PRO A 325 35.51 -21.69 22.55
N LEU A 326 35.72 -20.52 21.92
CA LEU A 326 34.85 -19.37 22.16
C LEU A 326 33.49 -19.50 21.50
N SER A 327 33.29 -20.52 20.67
CA SER A 327 32.02 -20.68 19.97
C SER A 327 30.94 -21.20 20.90
N ARG A 328 29.69 -20.87 20.55
CA ARG A 328 28.52 -21.44 21.22
C ARG A 328 27.71 -22.35 20.32
N LYS A 329 27.96 -22.32 19.01
CA LYS A 329 27.32 -23.21 18.06
C LYS A 329 28.38 -24.06 17.39
N PHE A 330 28.27 -25.37 17.53
CA PHE A 330 29.26 -26.31 16.99
C PHE A 330 28.57 -27.17 15.93
N THR A 331 28.98 -27.00 14.67
CA THR A 331 28.41 -27.80 13.59
C THR A 331 28.89 -29.24 13.72
N GLU A 332 27.94 -30.18 13.82
CA GLU A 332 28.28 -31.58 13.95
C GLU A 332 28.57 -32.22 12.59
N TRP A 333 27.61 -32.17 11.67
CA TRP A 333 27.86 -32.60 10.30
C TRP A 333 26.90 -31.86 9.37
N CYS A 334 27.38 -31.54 8.18
CA CYS A 334 26.59 -30.86 7.18
C CYS A 334 26.51 -31.73 5.93
N TYR A 335 25.29 -31.97 5.45
CA TYR A 335 25.07 -32.83 4.29
C TYR A 335 24.03 -32.17 3.40
N GLY A 336 24.48 -31.48 2.36
CA GLY A 336 23.59 -30.74 1.50
C GLY A 336 22.90 -29.62 2.24
N PRO A 337 21.57 -29.53 2.11
CA PRO A 337 20.82 -28.48 2.81
C PRO A 337 20.60 -28.76 4.28
N VAL A 338 20.95 -29.95 4.77
CA VAL A 338 20.70 -30.35 6.15
C VAL A 338 21.96 -30.10 6.97
N ARG A 339 21.83 -29.28 8.01
CA ARG A 339 22.92 -28.99 8.93
C ARG A 339 22.52 -29.41 10.33
N VAL A 340 23.47 -30.01 11.05
CA VAL A 340 23.29 -30.42 12.44
C VAL A 340 24.30 -29.67 13.28
N SER A 341 23.81 -28.88 14.23
CA SER A 341 24.65 -28.01 15.04
C SER A 341 24.35 -28.23 16.51
N LEU A 342 25.40 -28.22 17.33
CA LEU A 342 25.27 -28.33 18.78
C LEU A 342 25.29 -26.93 19.39
N TYR A 343 24.16 -26.51 19.92
CA TYR A 343 24.01 -25.19 20.53
C TYR A 343 24.23 -25.30 22.03
N ASP A 344 25.05 -24.41 22.57
CA ASP A 344 25.31 -24.40 24.01
C ASP A 344 24.10 -23.84 24.75
N LEU A 345 23.68 -24.54 25.80
CA LEU A 345 22.54 -24.13 26.60
C LEU A 345 22.94 -23.46 27.92
N SER A 346 24.22 -23.16 28.10
CA SER A 346 24.65 -22.51 29.33
C SER A 346 23.99 -21.14 29.46
N SER A 347 23.38 -20.90 30.63
CA SER A 347 22.66 -19.66 30.91
C SER A 347 21.50 -19.44 29.97
N VAL A 348 21.12 -20.47 29.21
CA VAL A 348 20.00 -20.36 28.28
C VAL A 348 18.85 -21.28 28.67
N ASP A 349 19.16 -22.51 29.08
CA ASP A 349 18.13 -23.44 29.51
C ASP A 349 17.44 -22.91 30.77
N SER A 350 16.12 -23.14 30.85
CA SER A 350 15.32 -22.65 31.95
C SER A 350 15.51 -23.44 33.23
N TRP A 351 16.36 -24.47 33.23
CA TRP A 351 16.62 -25.22 34.45
C TRP A 351 17.25 -24.35 35.52
N GLU A 352 18.13 -23.44 35.12
CA GLU A 352 18.81 -22.53 36.06
C GLU A 352 17.99 -21.25 36.21
N LYS A 353 17.99 -20.72 37.42
CA LYS A 353 17.23 -19.51 37.70
C LYS A 353 17.84 -18.31 36.97
N ASN A 354 16.98 -17.34 36.65
CA ASN A 354 17.39 -16.12 35.95
C ASN A 354 18.07 -16.43 34.62
N SER A 355 17.51 -17.41 33.90
CA SER A 355 18.06 -17.80 32.61
C SER A 355 17.58 -16.85 31.52
N VAL A 356 18.12 -17.05 30.31
CA VAL A 356 17.74 -16.21 29.18
C VAL A 356 16.27 -16.39 28.83
N LEU A 357 15.79 -17.62 28.88
CA LEU A 357 14.39 -17.89 28.54
C LEU A 357 13.44 -17.20 29.52
N GLU A 358 13.77 -17.21 30.81
CA GLU A 358 12.91 -16.54 31.79
C GLU A 358 12.97 -15.03 31.64
N ILE A 359 14.14 -14.49 31.28
CA ILE A 359 14.30 -13.04 31.16
C ILE A 359 13.44 -12.51 30.00
N ILE A 360 13.44 -13.22 28.87
CA ILE A 360 12.67 -12.76 27.72
C ILE A 360 11.18 -12.75 28.02
N ALA A 361 10.69 -13.81 28.67
CA ALA A 361 9.26 -13.92 28.89
C ALA A 361 8.76 -12.95 29.95
N PHE A 362 9.53 -12.76 31.02
CA PHE A 362 9.07 -11.98 32.16
C PHE A 362 9.83 -10.68 32.36
N HIS A 363 11.16 -10.73 32.46
CA HIS A 363 11.93 -9.54 32.77
C HIS A 363 12.12 -8.59 31.60
N CYS A 364 12.05 -9.09 30.37
CA CYS A 364 12.15 -8.22 29.20
C CYS A 364 10.86 -7.44 29.01
N LYS A 365 10.99 -6.21 28.53
CA LYS A 365 9.84 -5.34 28.30
C LYS A 365 9.88 -4.66 26.93
N SER A 366 10.86 -4.98 26.10
CA SER A 366 10.97 -4.39 24.78
C SER A 366 9.93 -5.00 23.85
N PRO A 367 9.54 -4.29 22.79
CA PRO A 367 8.60 -4.86 21.81
C PRO A 367 9.19 -5.99 20.97
N ASN A 368 10.50 -6.23 21.06
CA ASN A 368 11.15 -7.24 20.24
C ASN A 368 11.18 -8.62 20.90
N ARG A 369 10.63 -8.77 22.11
CA ARG A 369 10.77 -10.03 22.82
C ARG A 369 10.04 -11.18 22.13
N HIS A 370 9.03 -10.89 21.30
CA HIS A 370 8.38 -11.95 20.56
C HIS A 370 9.23 -12.42 19.39
N ARG A 371 10.12 -11.56 18.90
CA ARG A 371 11.00 -11.94 17.80
C ARG A 371 12.22 -12.72 18.30
N MET A 372 12.49 -12.68 19.60
CA MET A 372 13.70 -13.33 20.12
C MET A 372 13.43 -14.76 20.54
N VAL A 373 12.16 -15.12 20.75
CA VAL A 373 11.82 -16.48 21.12
C VAL A 373 11.71 -17.41 19.92
N VAL A 374 11.82 -16.88 18.70
CA VAL A 374 11.77 -17.70 17.49
C VAL A 374 13.15 -18.00 16.94
N LEU A 375 14.20 -17.48 17.54
CA LEU A 375 15.56 -17.75 17.09
C LEU A 375 16.02 -19.13 17.55
N GLU A 376 17.08 -19.62 16.93
CA GLU A 376 17.67 -20.87 17.36
C GLU A 376 18.75 -20.61 18.41
N PRO A 377 18.89 -21.49 19.40
CA PRO A 377 18.16 -22.75 19.61
C PRO A 377 16.86 -22.54 20.37
N LEU A 378 16.47 -21.29 20.64
CA LEU A 378 15.28 -21.03 21.44
C LEU A 378 14.02 -21.57 20.77
N ASN A 379 13.98 -21.53 19.44
CA ASN A 379 12.81 -22.02 18.71
C ASN A 379 12.63 -23.52 18.93
N LYS A 380 13.72 -24.28 18.86
CA LYS A 380 13.62 -25.73 19.05
C LYS A 380 13.64 -26.09 20.53
N LEU A 381 14.31 -25.31 21.37
CA LEU A 381 14.34 -25.59 22.80
C LEU A 381 12.96 -25.43 23.42
N LEU A 382 12.23 -24.40 23.00
CA LEU A 382 10.88 -24.21 23.51
C LEU A 382 9.89 -25.18 22.87
N GLN A 383 10.12 -25.55 21.60
CA GLN A 383 9.23 -26.50 20.94
C GLN A 383 9.30 -27.88 21.60
N GLU A 384 10.50 -28.31 21.98
CA GLU A 384 10.63 -29.59 22.67
C GLU A 384 10.04 -29.54 24.07
N LYS A 385 10.12 -28.38 24.74
CA LYS A 385 9.47 -28.23 26.03
C LYS A 385 7.96 -28.25 25.89
N TRP A 386 7.43 -27.63 24.84
CA TRP A 386 5.99 -27.64 24.61
C TRP A 386 5.48 -29.05 24.34
N ASP A 387 6.22 -29.82 23.53
CA ASP A 387 5.80 -31.18 23.22
C ASP A 387 5.77 -32.05 24.46
N ARG A 388 6.67 -31.81 25.41
CA ARG A 388 6.66 -32.56 26.66
C ARG A 388 5.51 -32.13 27.55
N LEU A 389 5.18 -30.84 27.55
CA LEU A 389 4.16 -30.29 28.41
C LEU A 389 2.82 -30.07 27.72
N VAL A 390 2.66 -30.54 26.48
CA VAL A 390 1.39 -30.36 25.78
C VAL A 390 0.30 -31.20 26.44
N SER A 391 0.66 -32.33 27.03
CA SER A 391 -0.33 -33.14 27.75
C SER A 391 -0.75 -32.46 29.04
N ARG A 392 0.18 -31.77 29.71
CA ARG A 392 -0.17 -31.03 30.92
C ARG A 392 -1.06 -29.84 30.62
N PHE A 393 -0.85 -29.20 29.47
CA PHE A 393 -1.69 -28.07 29.09
C PHE A 393 -3.13 -28.49 28.87
N PHE A 394 -3.34 -29.62 28.20
CA PHE A 394 -4.70 -30.08 27.93
C PHE A 394 -5.35 -30.68 29.18
N PHE A 395 -4.56 -31.29 30.06
CA PHE A 395 -5.10 -31.74 31.34
C PHE A 395 -5.56 -30.55 32.17
N ASN A 396 -4.79 -29.46 32.15
CA ASN A 396 -5.23 -28.23 32.80
C ASN A 396 -6.48 -27.68 32.13
N PHE A 397 -6.53 -27.75 30.79
CA PHE A 397 -7.73 -27.32 30.07
C PHE A 397 -8.92 -28.20 30.41
N ALA A 398 -8.71 -29.52 30.49
CA ALA A 398 -9.79 -30.43 30.79
C ALA A 398 -10.33 -30.21 32.21
N CYS A 399 -9.44 -29.94 33.17
CA CYS A 399 -9.87 -29.68 34.53
C CYS A 399 -10.65 -28.38 34.63
N TYR A 400 -10.34 -27.41 33.78
CA TYR A 400 -11.08 -26.16 33.79
C TYR A 400 -12.46 -26.33 33.16
N LEU A 401 -12.55 -27.12 32.08
CA LEU A 401 -13.85 -27.39 31.48
C LEU A 401 -14.76 -28.13 32.45
N VAL A 402 -14.22 -29.11 33.18
CA VAL A 402 -15.01 -29.83 34.17
C VAL A 402 -15.46 -28.88 35.28
N TYR A 403 -14.55 -28.00 35.72
CA TYR A 403 -14.90 -27.05 36.77
C TYR A 403 -15.97 -26.07 36.29
N MET A 404 -15.88 -25.63 35.04
CA MET A 404 -16.88 -24.71 34.52
C MET A 404 -18.18 -25.42 34.16
N PHE A 405 -18.09 -26.70 33.79
CA PHE A 405 -19.31 -27.48 33.57
C PHE A 405 -20.10 -27.63 34.88
N ILE A 406 -19.39 -27.86 35.98
CA ILE A 406 -20.04 -27.89 37.29
C ILE A 406 -20.58 -26.51 37.64
N PHE A 407 -19.82 -25.46 37.30
CA PHE A 407 -20.26 -24.10 37.61
C PHE A 407 -21.54 -23.75 36.86
N THR A 408 -21.61 -24.11 35.58
CA THR A 408 -22.79 -23.78 34.78
C THR A 408 -24.03 -24.53 35.26
N VAL A 409 -23.86 -25.82 35.61
CA VAL A 409 -24.99 -26.62 36.06
C VAL A 409 -25.52 -26.09 37.39
N VAL A 410 -24.62 -25.76 38.31
CA VAL A 410 -25.05 -25.25 39.61
C VAL A 410 -25.71 -23.89 39.47
N ALA A 411 -25.17 -23.04 38.59
CA ALA A 411 -25.75 -21.71 38.40
C ALA A 411 -27.17 -21.81 37.85
N TYR A 412 -27.38 -22.71 36.87
CA TYR A 412 -28.71 -22.86 36.28
C TYR A 412 -29.71 -23.45 37.28
N HIS A 413 -29.33 -24.54 37.95
CA HIS A 413 -30.24 -25.24 38.85
C HIS A 413 -30.28 -24.63 40.24
N GLN A 414 -29.87 -23.37 40.37
CA GLN A 414 -29.98 -22.68 41.66
C GLN A 414 -31.45 -22.45 41.99
N PRO A 415 -31.86 -22.69 43.25
CA PRO A 415 -33.25 -22.48 43.70
C PRO A 415 -33.73 -21.06 43.49
N GLY A 430 -31.79 -33.93 45.08
CA GLY A 430 -31.50 -32.81 44.22
C GLY A 430 -30.66 -31.74 44.93
N GLU A 431 -30.98 -31.47 46.21
CA GLU A 431 -30.20 -30.51 46.97
C GLU A 431 -28.82 -31.05 47.32
N SER A 432 -28.70 -32.37 47.48
CA SER A 432 -27.41 -32.96 47.83
C SER A 432 -26.40 -32.75 46.71
N MET A 433 -26.81 -32.96 45.45
CA MET A 433 -25.91 -32.72 44.33
C MET A 433 -25.60 -31.23 44.18
N LEU A 434 -26.59 -30.38 44.43
CA LEU A 434 -26.35 -28.94 44.43
C LEU A 434 -25.38 -28.55 45.53
N LEU A 435 -25.54 -29.12 46.73
CA LEU A 435 -24.58 -28.88 47.81
C LEU A 435 -23.19 -29.39 47.43
N LEU A 436 -23.11 -30.57 46.84
CA LEU A 436 -21.84 -31.09 46.35
C LEU A 436 -21.28 -30.19 45.25
N GLY A 437 -22.15 -29.73 44.34
CA GLY A 437 -21.70 -28.81 43.32
C GLY A 437 -21.22 -27.49 43.89
N HIS A 438 -21.89 -27.00 44.93
CA HIS A 438 -21.45 -25.76 45.59
C HIS A 438 -20.09 -25.95 46.25
N ILE A 439 -19.86 -27.13 46.84
CA ILE A 439 -18.58 -27.40 47.48
C ILE A 439 -17.45 -27.42 46.45
N LEU A 440 -17.70 -28.07 45.31
CA LEU A 440 -16.66 -28.20 44.29
C LEU A 440 -16.27 -26.84 43.73
N ILE A 441 -17.24 -25.96 43.47
CA ILE A 441 -16.89 -24.63 42.99
C ILE A 441 -16.31 -23.79 44.12
N LEU A 442 -16.59 -24.13 45.37
CA LEU A 442 -15.92 -23.46 46.49
C LEU A 442 -14.47 -23.91 46.60
N LEU A 443 -14.24 -25.23 46.49
CA LEU A 443 -12.87 -25.74 46.51
C LEU A 443 -12.11 -25.32 45.26
N GLY A 444 -12.78 -25.35 44.11
CA GLY A 444 -12.15 -24.90 42.89
C GLY A 444 -11.80 -23.42 42.92
N GLY A 445 -12.69 -22.61 43.48
CA GLY A 445 -12.42 -21.18 43.59
C GLY A 445 -11.21 -20.89 44.45
N ILE A 446 -11.06 -21.63 45.54
CA ILE A 446 -9.88 -21.46 46.40
C ILE A 446 -8.63 -21.92 45.66
N TYR A 447 -8.73 -23.00 44.90
CA TYR A 447 -7.58 -23.52 44.16
C TYR A 447 -7.07 -22.50 43.16
N LEU A 448 -7.98 -21.88 42.40
CA LEU A 448 -7.56 -20.84 41.47
C LEU A 448 -7.09 -19.59 42.21
N LEU A 449 -7.68 -19.31 43.37
CA LEU A 449 -7.27 -18.15 44.15
C LEU A 449 -5.84 -18.33 44.66
N LEU A 450 -5.54 -19.50 45.22
CA LEU A 450 -4.19 -19.76 45.72
C LEU A 450 -3.19 -19.86 44.58
N GLY A 451 -3.62 -20.44 43.45
CA GLY A 451 -2.72 -20.55 42.31
C GLY A 451 -2.34 -19.20 41.73
N GLN A 452 -3.30 -18.29 41.62
CA GLN A 452 -3.01 -16.97 41.08
C GLN A 452 -2.27 -16.09 42.07
N LEU A 453 -2.56 -16.22 43.37
CA LEU A 453 -1.80 -15.48 44.37
C LEU A 453 -0.34 -15.91 44.39
N TRP A 454 -0.08 -17.22 44.22
CA TRP A 454 1.28 -17.70 44.14
C TRP A 454 1.96 -17.18 42.88
N TYR A 455 1.22 -17.08 41.77
CA TYR A 455 1.78 -16.59 40.53
C TYR A 455 2.17 -15.12 40.64
N PHE A 456 1.26 -14.29 41.17
CA PHE A 456 1.55 -12.87 41.29
C PHE A 456 2.63 -12.59 42.31
N TRP A 457 2.76 -13.44 43.33
CA TRP A 457 3.85 -13.29 44.29
C TRP A 457 5.20 -13.52 43.62
N ARG A 458 5.26 -14.48 42.69
CA ARG A 458 6.50 -14.72 41.96
C ARG A 458 6.70 -13.67 40.87
N ARG A 459 5.61 -13.10 40.35
CA ARG A 459 5.69 -12.07 39.32
C ARG A 459 5.74 -10.66 39.88
N ARG A 460 5.84 -10.50 41.21
CA ARG A 460 5.77 -9.17 41.81
C ARG A 460 6.93 -8.28 41.37
N LEU A 461 8.04 -8.88 40.94
CA LEU A 461 9.22 -8.08 40.59
C LEU A 461 9.08 -7.37 39.24
N PHE A 462 8.35 -7.96 38.29
CA PHE A 462 8.18 -7.37 36.96
C PHE A 462 6.74 -7.57 36.50
N ILE A 463 5.91 -6.56 36.70
CA ILE A 463 4.53 -6.58 36.25
C ILE A 463 4.09 -5.20 35.76
N MET A 468 0.10 -6.18 29.71
CA MET A 468 -0.95 -6.86 28.97
C MET A 468 -0.67 -8.34 28.78
N ASP A 469 0.56 -8.80 29.01
CA ASP A 469 0.85 -10.23 28.93
C ASP A 469 0.22 -11.00 30.07
N SER A 470 -0.02 -10.35 31.21
CA SER A 470 -0.73 -10.95 32.34
C SER A 470 -2.22 -10.65 32.33
N TYR A 471 -2.80 -10.44 31.15
CA TYR A 471 -4.21 -10.07 31.03
C TYR A 471 -5.10 -11.17 31.61
N PHE A 472 -4.87 -12.42 31.20
CA PHE A 472 -5.68 -13.52 31.69
C PHE A 472 -5.31 -13.90 33.12
N GLU A 473 -4.09 -13.61 33.55
CA GLU A 473 -3.71 -13.89 34.93
C GLU A 473 -4.51 -13.03 35.90
N ILE A 474 -4.84 -11.80 35.51
CA ILE A 474 -5.69 -10.95 36.34
C ILE A 474 -7.13 -11.48 36.35
N LEU A 475 -7.64 -11.86 35.17
CA LEU A 475 -9.01 -12.35 35.09
C LEU A 475 -9.18 -13.66 35.84
N PHE A 476 -8.20 -14.57 35.75
CA PHE A 476 -8.29 -15.83 36.50
C PHE A 476 -8.29 -15.58 37.99
N LEU A 477 -7.68 -14.48 38.44
CA LEU A 477 -7.74 -14.12 39.85
C LEU A 477 -9.11 -13.57 40.23
N LEU A 478 -9.67 -12.72 39.37
CA LEU A 478 -10.98 -12.13 39.66
C LEU A 478 -12.06 -13.19 39.72
N GLN A 479 -12.04 -14.13 38.78
CA GLN A 479 -13.02 -15.21 38.79
C GLN A 479 -12.93 -16.03 40.06
N ALA A 480 -11.70 -16.24 40.56
CA ALA A 480 -11.53 -16.98 41.80
C ALA A 480 -12.01 -16.18 43.01
N LEU A 481 -11.69 -14.88 43.03
CA LEU A 481 -12.10 -14.04 44.16
C LEU A 481 -13.62 -13.94 44.25
N LEU A 482 -14.28 -13.71 43.11
CA LEU A 482 -15.74 -13.59 43.12
C LEU A 482 -16.40 -14.92 43.48
N THR A 483 -15.84 -16.04 43.00
CA THR A 483 -16.41 -17.35 43.35
C THR A 483 -16.27 -17.62 44.84
N VAL A 484 -15.12 -17.28 45.42
CA VAL A 484 -14.94 -17.45 46.86
C VAL A 484 -15.87 -16.53 47.62
N LEU A 485 -15.98 -15.28 47.17
CA LEU A 485 -16.88 -14.32 47.81
C LEU A 485 -18.33 -14.77 47.71
N SER A 486 -18.73 -15.26 46.52
CA SER A 486 -20.11 -15.69 46.32
C SER A 486 -20.46 -16.86 47.24
N GLN A 487 -19.55 -17.83 47.37
CA GLN A 487 -19.80 -18.95 48.27
C GLN A 487 -19.78 -18.51 49.73
N VAL A 488 -18.94 -17.52 50.06
CA VAL A 488 -18.95 -16.96 51.41
C VAL A 488 -20.27 -16.26 51.68
N LEU A 489 -20.77 -15.50 50.70
CA LEU A 489 -22.06 -14.84 50.85
C LEU A 489 -23.20 -15.84 50.99
N ARG A 490 -23.14 -16.94 50.24
CA ARG A 490 -24.19 -17.95 50.32
C ARG A 490 -24.28 -18.54 51.72
N PHE A 491 -23.14 -18.65 52.42
CA PHE A 491 -23.16 -19.14 53.79
C PHE A 491 -23.89 -18.18 54.72
N MET A 492 -23.77 -16.88 54.46
CA MET A 492 -24.47 -15.87 55.25
C MET A 492 -25.89 -15.64 54.78
N GLU A 493 -26.34 -16.35 53.75
CA GLU A 493 -27.71 -16.33 53.23
C GLU A 493 -28.12 -14.97 52.67
N THR A 494 -27.17 -14.10 52.36
CA THR A 494 -27.50 -12.82 51.73
C THR A 494 -27.87 -13.05 50.27
N GLU A 495 -28.83 -12.26 49.79
CA GLU A 495 -29.33 -12.47 48.42
C GLU A 495 -28.29 -12.09 47.37
N TRP A 496 -27.29 -11.28 47.75
CA TRP A 496 -26.30 -10.83 46.78
C TRP A 496 -25.31 -11.92 46.38
N TYR A 497 -25.45 -13.13 46.91
CA TYR A 497 -24.56 -14.22 46.49
C TYR A 497 -24.83 -14.59 45.04
N LEU A 498 -26.09 -14.53 44.60
CA LEU A 498 -26.42 -14.93 43.24
C LEU A 498 -25.77 -14.02 42.20
N PRO A 499 -25.82 -12.68 42.31
CA PRO A 499 -25.13 -11.85 41.31
C PRO A 499 -23.64 -12.13 41.21
N LEU A 500 -22.97 -12.37 42.34
CA LEU A 500 -21.55 -12.68 42.29
C LEU A 500 -21.30 -14.05 41.66
N LEU A 501 -22.19 -15.01 41.94
CA LEU A 501 -22.07 -16.32 41.31
C LEU A 501 -22.24 -16.22 39.80
N VAL A 502 -23.19 -15.40 39.35
CA VAL A 502 -23.43 -15.24 37.93
C VAL A 502 -22.30 -14.48 37.25
N LEU A 503 -21.76 -13.44 37.91
CA LEU A 503 -20.62 -12.73 37.35
C LEU A 503 -19.40 -13.64 37.23
N SER A 504 -19.21 -14.52 38.21
CA SER A 504 -18.13 -15.50 38.13
C SER A 504 -18.33 -16.43 36.94
N LEU A 505 -19.57 -16.86 36.69
CA LEU A 505 -19.85 -17.73 35.57
C LEU A 505 -19.56 -17.05 34.25
N VAL A 506 -19.88 -15.76 34.15
CA VAL A 506 -19.59 -15.01 32.92
C VAL A 506 -18.08 -14.88 32.73
N LEU A 507 -17.36 -14.49 33.79
CA LEU A 507 -15.92 -14.34 33.69
C LEU A 507 -15.23 -15.67 33.41
N GLY A 508 -15.69 -16.74 34.06
CA GLY A 508 -15.08 -18.03 33.87
C GLY A 508 -15.17 -18.52 32.44
N TRP A 509 -16.32 -18.33 31.79
CA TRP A 509 -16.46 -18.72 30.39
C TRP A 509 -15.55 -17.88 29.51
N LEU A 510 -15.42 -16.59 29.82
CA LEU A 510 -14.57 -15.71 29.02
C LEU A 510 -13.10 -16.05 29.20
N ASN A 511 -12.74 -16.67 30.33
CA ASN A 511 -11.35 -17.05 30.57
C ASN A 511 -10.91 -18.22 29.69
N LEU A 512 -11.84 -18.84 28.97
CA LEU A 512 -11.53 -19.98 28.13
C LEU A 512 -10.69 -19.62 26.91
N LEU A 513 -10.53 -18.32 26.60
CA LEU A 513 -9.67 -17.93 25.50
C LEU A 513 -8.20 -18.20 25.80
N TYR A 514 -7.86 -18.33 27.08
CA TYR A 514 -6.49 -18.56 27.50
C TYR A 514 -5.95 -19.87 26.92
N TYR A 515 -6.82 -20.85 26.73
CA TYR A 515 -6.43 -22.16 26.23
C TYR A 515 -6.50 -22.25 24.71
N THR A 516 -6.84 -21.17 24.02
CA THR A 516 -6.77 -21.17 22.56
C THR A 516 -5.35 -21.14 22.05
N ARG A 517 -4.41 -20.67 22.88
CA ARG A 517 -3.00 -20.61 22.49
C ARG A 517 -2.36 -21.98 22.35
N GLY A 518 -3.00 -23.03 22.87
CA GLY A 518 -2.45 -24.37 22.76
C GLY A 518 -2.59 -25.03 21.41
N PHE A 519 -3.39 -24.45 20.52
CA PHE A 519 -3.60 -24.98 19.18
C PHE A 519 -3.19 -23.94 18.15
N GLN A 520 -2.53 -24.38 17.09
CA GLN A 520 -2.10 -23.47 16.03
C GLN A 520 -3.30 -22.88 15.31
N HIS A 521 -4.40 -23.64 15.22
CA HIS A 521 -5.60 -23.16 14.56
C HIS A 521 -6.18 -21.94 15.27
N THR A 522 -6.34 -22.04 16.59
CA THR A 522 -6.96 -20.95 17.36
C THR A 522 -5.95 -19.97 17.92
N GLY A 523 -4.71 -20.40 18.16
CA GLY A 523 -3.71 -19.53 18.73
C GLY A 523 -3.34 -18.34 17.87
N ILE A 524 -3.11 -18.60 16.58
CA ILE A 524 -2.73 -17.52 15.67
C ILE A 524 -3.90 -16.57 15.44
N TYR A 525 -5.12 -17.10 15.34
CA TYR A 525 -6.29 -16.26 15.10
C TYR A 525 -6.54 -15.29 16.26
N SER A 526 -6.38 -15.78 17.48
CA SER A 526 -6.68 -14.97 18.67
C SER A 526 -5.53 -14.04 19.06
N VAL A 527 -4.50 -13.92 18.21
CA VAL A 527 -3.41 -13.01 18.53
C VAL A 527 -3.85 -11.55 18.40
N MET A 528 -4.57 -11.22 17.33
CA MET A 528 -4.88 -9.82 17.01
C MET A 528 -6.18 -9.37 17.66
N ILE A 529 -6.24 -9.55 18.98
CA ILE A 529 -7.34 -8.99 19.77
C ILE A 529 -6.77 -8.16 20.92
N GLN A 530 -5.83 -8.74 21.66
CA GLN A 530 -5.25 -8.03 22.80
C GLN A 530 -4.36 -6.88 22.36
N LYS A 531 -3.69 -7.02 21.21
CA LYS A 531 -2.75 -6.00 20.76
C LYS A 531 -3.46 -4.73 20.32
N VAL A 532 -4.51 -4.83 19.51
CA VAL A 532 -5.15 -3.66 18.93
C VAL A 532 -6.63 -3.58 19.29
N ILE A 533 -7.34 -4.70 19.21
CA ILE A 533 -8.79 -4.69 19.33
C ILE A 533 -9.22 -4.24 20.71
N LEU A 534 -8.67 -4.86 21.75
CA LEU A 534 -9.13 -4.58 23.11
C LEU A 534 -8.73 -3.19 23.57
N ARG A 535 -7.59 -2.69 23.10
CA ARG A 535 -7.09 -1.39 23.56
C ARG A 535 -7.98 -0.25 23.07
N ASP A 536 -8.35 -0.27 21.79
CA ASP A 536 -9.06 0.86 21.21
C ASP A 536 -10.55 0.84 21.59
N LEU A 537 -11.07 -0.32 21.99
CA LEU A 537 -12.44 -0.37 22.50
C LEU A 537 -12.55 0.43 23.80
N LEU A 538 -11.49 0.42 24.60
CA LEU A 538 -11.49 1.22 25.84
C LEU A 538 -11.45 2.70 25.52
N ARG A 539 -10.80 3.08 24.42
CA ARG A 539 -10.66 4.50 24.09
C ARG A 539 -12.01 5.12 23.79
N PHE A 540 -12.83 4.42 23.01
CA PHE A 540 -14.16 4.94 22.66
C PHE A 540 -15.05 5.02 23.89
N LEU A 541 -14.96 4.02 24.77
CA LEU A 541 -15.88 3.95 25.91
C LEU A 541 -15.69 5.14 26.85
N LEU A 542 -14.44 5.47 27.19
CA LEU A 542 -14.18 6.54 28.13
C LEU A 542 -14.66 7.89 27.59
N VAL A 543 -14.39 8.16 26.31
CA VAL A 543 -14.81 9.43 25.73
C VAL A 543 -16.33 9.48 25.59
N TYR A 544 -16.93 8.38 25.16
CA TYR A 544 -18.36 8.35 24.90
C TYR A 544 -19.16 8.45 26.21
N LEU A 545 -18.69 7.76 27.25
CA LEU A 545 -19.43 7.73 28.51
C LEU A 545 -19.48 9.10 29.15
N VAL A 546 -18.44 9.90 28.97
CA VAL A 546 -18.40 11.24 29.55
C VAL A 546 -19.52 12.11 28.96
N PHE A 547 -19.66 12.06 27.63
CA PHE A 547 -20.66 12.89 26.97
C PHE A 547 -22.03 12.23 26.93
N LEU A 548 -22.09 10.92 27.15
CA LEU A 548 -23.37 10.29 27.44
C LEU A 548 -23.95 10.84 28.73
N PHE A 549 -23.11 11.03 29.74
CA PHE A 549 -23.54 11.67 30.98
C PHE A 549 -23.94 13.13 30.74
N GLY A 550 -23.19 13.84 29.90
CA GLY A 550 -23.50 15.24 29.64
C GLY A 550 -24.85 15.43 28.98
N PHE A 551 -25.17 14.57 28.01
CA PHE A 551 -26.48 14.65 27.36
C PHE A 551 -27.59 14.13 28.26
N ALA A 552 -27.30 13.12 29.09
CA ALA A 552 -28.32 12.56 29.97
C ALA A 552 -28.81 13.59 30.97
N VAL A 553 -27.90 14.35 31.57
CA VAL A 553 -28.30 15.40 32.49
C VAL A 553 -29.05 16.50 31.74
N ALA A 554 -28.65 16.77 30.50
CA ALA A 554 -29.32 17.79 29.70
C ALA A 554 -30.75 17.40 29.39
N LEU A 555 -30.97 16.14 28.99
CA LEU A 555 -32.31 15.71 28.61
C LEU A 555 -33.26 15.72 29.80
N VAL A 556 -32.80 15.26 30.96
CA VAL A 556 -33.68 15.19 32.13
C VAL A 556 -34.11 16.59 32.56
N SER A 557 -33.17 17.53 32.60
CA SER A 557 -33.50 18.89 33.02
C SER A 557 -34.45 19.55 32.03
N LEU A 558 -34.26 19.30 30.73
CA LEU A 558 -35.10 19.93 29.72
C LEU A 558 -36.47 19.27 29.64
N SER A 559 -36.56 17.98 29.99
CA SER A 559 -37.82 17.25 29.90
C SER A 559 -38.64 17.32 31.19
N ARG A 560 -38.19 18.08 32.20
CA ARG A 560 -38.92 18.15 33.46
C ARG A 560 -40.21 18.95 33.35
N GLU A 561 -40.35 19.77 32.31
CA GLU A 561 -41.53 20.62 32.15
C GLU A 561 -42.46 19.99 31.13
N ALA A 562 -43.74 19.85 31.49
CA ALA A 562 -44.72 19.28 30.59
C ALA A 562 -45.38 20.36 29.74
N ARG A 563 -46.03 19.93 28.68
CA ARG A 563 -46.71 20.85 27.76
C ARG A 563 -47.91 21.51 28.43
N PRO A 589 -40.92 10.78 30.27
CA PRO A 589 -39.65 10.24 29.78
C PRO A 589 -38.44 10.96 30.37
N TYR A 590 -37.31 10.26 30.44
CA TYR A 590 -36.06 10.81 30.98
C TYR A 590 -36.26 11.35 32.39
N ARG A 591 -36.65 10.45 33.30
CA ARG A 591 -36.90 10.82 34.68
C ARG A 591 -35.63 10.90 35.52
N SER A 592 -34.52 10.34 35.05
CA SER A 592 -33.29 10.33 35.81
C SER A 592 -32.11 10.11 34.87
N ILE A 593 -30.91 10.23 35.42
CA ILE A 593 -29.70 10.02 34.62
C ILE A 593 -29.65 8.58 34.12
N LEU A 594 -29.95 7.62 35.01
CA LEU A 594 -29.89 6.21 34.63
C LEU A 594 -30.85 5.91 33.50
N ASP A 595 -32.06 6.45 33.56
CA ASP A 595 -33.01 6.30 32.46
C ASP A 595 -32.50 7.00 31.21
N ALA A 596 -32.13 8.29 31.33
CA ALA A 596 -31.70 9.05 30.17
C ALA A 596 -30.43 8.47 29.56
N SER A 597 -29.53 7.94 30.39
CA SER A 597 -28.36 7.24 29.86
C SER A 597 -28.77 6.02 29.06
N LEU A 598 -29.80 5.31 29.53
CA LEU A 598 -30.22 4.08 28.86
C LEU A 598 -30.85 4.38 27.50
N GLU A 599 -31.74 5.37 27.43
CA GLU A 599 -32.34 5.74 26.16
C GLU A 599 -31.30 6.28 25.18
N LEU A 600 -30.32 7.03 25.67
CA LEU A 600 -29.27 7.54 24.79
C LEU A 600 -28.38 6.41 24.28
N PHE A 601 -28.16 5.38 25.10
CA PHE A 601 -27.32 4.27 24.67
C PHE A 601 -28.02 3.40 23.63
N LYS A 602 -29.36 3.39 23.64
CA LYS A 602 -30.10 2.60 22.67
C LYS A 602 -29.86 3.05 21.24
N PHE A 603 -29.46 4.31 21.03
CA PHE A 603 -29.14 4.77 19.69
C PHE A 603 -27.90 4.05 19.16
N THR A 604 -26.94 3.77 20.03
CA THR A 604 -25.72 3.08 19.60
C THR A 604 -26.01 1.65 19.16
N ILE A 605 -26.92 0.97 19.86
CA ILE A 605 -27.24 -0.42 19.55
C ILE A 605 -28.30 -0.48 18.46
N GLY A 606 -28.67 0.67 17.92
CA GLY A 606 -29.63 0.72 16.83
C GLY A 606 -31.06 0.53 17.25
N MET A 607 -31.41 0.87 18.49
CA MET A 607 -32.77 0.73 18.98
C MET A 607 -33.26 2.04 19.60
N GLY A 608 -32.54 3.14 19.35
CA GLY A 608 -32.93 4.42 19.92
C GLY A 608 -34.29 4.88 19.42
N GLU A 609 -35.13 5.30 20.36
CA GLU A 609 -36.48 5.78 20.07
C GLU A 609 -36.41 7.29 19.88
N LEU A 610 -36.24 7.72 18.64
CA LEU A 610 -36.18 9.13 18.28
C LEU A 610 -37.55 9.56 17.78
N ALA A 611 -38.35 10.13 18.67
CA ALA A 611 -39.72 10.51 18.34
C ALA A 611 -40.00 11.91 18.85
N PHE A 612 -40.95 12.58 18.21
CA PHE A 612 -41.37 13.93 18.60
C PHE A 612 -42.36 13.83 19.74
N GLN A 613 -41.86 13.89 20.97
CA GLN A 613 -42.67 13.65 22.16
C GLN A 613 -43.50 14.89 22.45
N GLU A 614 -44.83 14.76 22.30
CA GLU A 614 -45.72 15.90 22.50
C GLU A 614 -45.95 16.23 23.97
N GLN A 615 -45.54 15.34 24.88
CA GLN A 615 -45.79 15.56 26.30
C GLN A 615 -44.89 16.63 26.89
N LEU A 616 -43.83 17.04 26.18
CA LEU A 616 -42.87 18.00 26.71
C LEU A 616 -43.16 19.40 26.16
N ARG A 617 -43.00 20.40 27.03
CA ARG A 617 -43.18 21.79 26.61
C ARG A 617 -42.13 22.19 25.57
N PHE A 618 -40.90 21.75 25.77
CA PHE A 618 -39.78 22.04 24.87
C PHE A 618 -39.51 20.89 23.91
N ARG A 619 -40.59 20.27 23.42
CA ARG A 619 -40.55 19.13 22.53
C ARG A 619 -39.62 19.34 21.33
N GLY A 620 -39.61 20.57 20.79
CA GLY A 620 -38.72 20.85 19.67
C GLY A 620 -37.25 20.82 20.05
N VAL A 621 -36.89 21.39 21.20
CA VAL A 621 -35.50 21.46 21.61
C VAL A 621 -34.98 20.08 21.99
N VAL A 622 -35.82 19.27 22.66
CA VAL A 622 -35.39 17.93 23.07
C VAL A 622 -35.01 17.09 21.85
N LEU A 623 -35.76 17.23 20.76
CA LEU A 623 -35.43 16.51 19.54
C LEU A 623 -34.09 16.98 18.98
N LEU A 624 -33.81 18.27 19.05
CA LEU A 624 -32.53 18.79 18.56
C LEU A 624 -31.37 18.22 19.34
N LEU A 625 -31.52 18.10 20.67
CA LEU A 625 -30.47 17.50 21.48
C LEU A 625 -30.27 16.03 21.12
N LEU A 626 -31.38 15.30 20.91
CA LEU A 626 -31.27 13.90 20.53
C LEU A 626 -30.61 13.76 19.16
N LEU A 627 -30.96 14.63 18.21
CA LEU A 627 -30.31 14.61 16.91
C LEU A 627 -28.83 14.95 17.02
N ALA A 628 -28.51 16.01 17.76
CA ALA A 628 -27.11 16.41 17.92
C ALA A 628 -26.28 15.29 18.55
N TYR A 629 -26.91 14.49 19.42
CA TYR A 629 -26.21 13.36 20.03
C TYR A 629 -25.92 12.28 18.98
N VAL A 630 -26.78 12.15 17.98
CA VAL A 630 -26.65 11.07 17.00
C VAL A 630 -25.41 11.26 16.15
N LEU A 631 -25.31 12.40 15.47
CA LEU A 631 -24.14 12.66 14.62
C LEU A 631 -22.87 12.77 15.45
N LEU A 632 -22.96 13.37 16.64
CA LEU A 632 -21.80 13.47 17.51
C LEU A 632 -21.31 12.09 17.94
N THR A 633 -22.24 11.16 18.21
CA THR A 633 -21.83 9.79 18.48
C THR A 633 -21.26 9.13 17.24
N TYR A 634 -21.86 9.38 16.07
CA TYR A 634 -21.34 8.82 14.83
C TYR A 634 -19.91 9.28 14.57
N VAL A 635 -19.57 10.49 15.01
CA VAL A 635 -18.19 10.95 14.93
C VAL A 635 -17.28 10.04 15.75
N LEU A 636 -17.77 9.59 16.92
CA LEU A 636 -16.97 8.72 17.78
C LEU A 636 -16.79 7.33 17.17
N LEU A 637 -17.87 6.76 16.61
CA LEU A 637 -17.74 5.45 15.98
C LEU A 637 -16.80 5.51 14.78
N LEU A 638 -16.95 6.54 13.93
CA LEU A 638 -16.09 6.64 12.76
C LEU A 638 -14.63 6.86 13.16
N ASN A 639 -14.39 7.65 14.21
CA ASN A 639 -13.04 7.84 14.70
C ASN A 639 -12.45 6.53 15.21
N MET A 640 -13.24 5.75 15.93
CA MET A 640 -12.76 4.45 16.40
C MET A 640 -12.54 3.49 15.24
N LEU A 641 -13.46 3.48 14.27
CA LEU A 641 -13.30 2.63 13.10
C LEU A 641 -12.05 3.03 12.31
N ILE A 642 -11.81 4.33 12.18
CA ILE A 642 -10.60 4.80 11.50
C ILE A 642 -9.36 4.39 12.29
N ALA A 643 -9.42 4.48 13.63
CA ALA A 643 -8.29 4.08 14.45
C ALA A 643 -8.02 2.59 14.32
N LEU A 644 -9.08 1.78 14.29
CA LEU A 644 -8.94 0.34 14.05
C LEU A 644 -8.34 0.09 12.67
N MET A 645 -8.71 0.93 11.71
CA MET A 645 -8.40 0.72 10.30
C MET A 645 -6.92 1.01 10.01
N SER A 646 -6.34 1.97 10.73
CA SER A 646 -5.01 2.45 10.40
C SER A 646 -3.90 1.48 10.80
N GLU A 647 -4.15 0.58 11.76
CA GLU A 647 -3.10 -0.36 12.12
C GLU A 647 -3.17 -1.65 11.31
N THR A 648 -4.33 -1.92 10.71
CA THR A 648 -4.45 -3.10 9.84
C THR A 648 -3.61 -2.95 8.58
N VAL A 649 -3.61 -1.75 7.98
CA VAL A 649 -2.81 -1.53 6.78
C VAL A 649 -1.32 -1.61 7.11
N ASN A 650 -0.92 -1.03 8.23
CA ASN A 650 0.47 -1.08 8.69
C ASN A 650 0.59 -2.23 9.71
N HIS A 651 0.45 -3.45 9.20
CA HIS A 651 0.56 -4.63 10.04
C HIS A 651 1.27 -5.73 9.26
N VAL A 652 1.97 -6.60 10.01
CA VAL A 652 2.69 -7.73 9.43
C VAL A 652 2.05 -9.01 9.94
N ALA A 653 1.70 -9.90 9.00
CA ALA A 653 1.06 -11.15 9.37
C ALA A 653 2.05 -12.09 10.07
N ASP A 654 3.34 -11.93 9.79
CA ASP A 654 4.35 -12.79 10.40
C ASP A 654 4.45 -12.56 11.89
N ASN A 655 4.08 -11.37 12.37
CA ASN A 655 4.12 -11.09 13.80
C ASN A 655 3.14 -11.98 14.56
N SER A 656 2.04 -12.35 13.93
CA SER A 656 1.05 -13.19 14.60
C SER A 656 1.63 -14.54 14.99
N TRP A 657 2.47 -15.11 14.11
CA TRP A 657 3.08 -16.40 14.42
C TRP A 657 4.13 -16.28 15.52
N SER A 658 4.87 -15.17 15.53
CA SER A 658 5.90 -14.99 16.56
C SER A 658 5.28 -14.63 17.90
N ILE A 659 4.22 -13.82 17.90
CA ILE A 659 3.54 -13.47 19.14
C ILE A 659 2.92 -14.72 19.77
N TRP A 660 2.33 -15.58 18.95
CA TRP A 660 1.75 -16.82 19.46
C TRP A 660 2.82 -17.70 20.09
N LYS A 661 4.00 -17.77 19.47
CA LYS A 661 5.09 -18.56 20.05
C LYS A 661 5.55 -17.97 21.37
N LEU A 662 5.50 -16.64 21.52
CA LEU A 662 5.81 -16.02 22.80
C LEU A 662 4.77 -16.42 23.85
N GLN A 663 3.50 -16.50 23.46
CA GLN A 663 2.46 -16.93 24.39
C GLN A 663 2.70 -18.37 24.83
N LYS A 664 3.09 -19.24 23.91
CA LYS A 664 3.45 -20.60 24.29
C LYS A 664 4.74 -20.65 25.08
N ALA A 665 5.68 -19.74 24.79
CA ALA A 665 6.93 -19.69 25.54
C ALA A 665 6.68 -19.32 27.00
N ILE A 666 5.79 -18.36 27.23
CA ILE A 666 5.44 -17.98 28.60
C ILE A 666 4.72 -19.13 29.29
N SER A 667 3.87 -19.85 28.56
CA SER A 667 3.09 -20.93 29.16
C SER A 667 3.99 -22.07 29.61
N VAL A 668 4.92 -22.51 28.76
CA VAL A 668 5.76 -23.65 29.11
C VAL A 668 6.65 -23.33 30.30
N LEU A 669 7.08 -22.07 30.43
CA LEU A 669 7.90 -21.70 31.58
C LEU A 669 7.10 -21.71 32.88
N GLU A 670 5.80 -21.46 32.80
CA GLU A 670 4.96 -21.50 34.00
C GLU A 670 4.66 -22.94 34.41
N MET A 671 4.44 -23.82 33.43
CA MET A 671 4.16 -25.22 33.75
C MET A 671 5.43 -25.94 34.22
N GLU A 672 6.61 -25.45 33.84
CA GLU A 672 7.84 -26.06 34.32
C GLU A 672 7.97 -25.94 35.83
N ASN A 673 7.43 -24.87 36.42
CA ASN A 673 7.44 -24.73 37.87
C ASN A 673 6.48 -25.68 38.55
N GLY A 674 5.57 -26.29 37.80
CA GLY A 674 4.58 -27.16 38.40
C GLY A 674 3.44 -26.38 39.05
N TYR A 675 2.68 -27.10 39.87
CA TYR A 675 1.56 -26.51 40.58
C TYR A 675 2.03 -25.89 41.90
N TRP A 676 1.19 -25.00 42.44
CA TRP A 676 1.52 -24.36 43.71
C TRP A 676 1.57 -25.37 44.85
N TRP A 677 0.73 -26.41 44.80
CA TRP A 677 0.70 -27.43 45.83
C TRP A 677 1.74 -28.54 45.60
N CYS A 678 2.38 -28.57 44.43
CA CYS A 678 3.39 -29.57 44.14
C CYS A 678 4.46 -29.01 43.20
N ARG A 679 5.57 -28.57 43.76
CA ARG A 679 6.68 -28.04 42.95
C ARG A 679 7.47 -29.20 42.37
N ARG A 680 7.41 -29.37 41.06
CA ARG A 680 8.10 -30.47 40.40
C ARG A 680 9.57 -30.13 40.16
N LYS A 681 10.40 -31.17 40.11
CA LYS A 681 11.82 -30.98 39.86
C LYS A 681 12.04 -30.63 38.39
N LYS A 682 12.80 -29.57 38.14
CA LYS A 682 13.05 -29.14 36.77
C LYS A 682 14.02 -30.09 36.08
N HIS A 683 13.73 -30.38 34.82
CA HIS A 683 14.53 -31.31 34.02
C HIS A 683 15.40 -30.49 33.07
N ARG A 684 16.72 -30.74 33.11
CA ARG A 684 17.64 -30.01 32.26
C ARG A 684 17.61 -30.56 30.84
N GLU A 685 17.48 -29.68 29.87
CA GLU A 685 17.46 -30.10 28.48
C GLU A 685 18.89 -30.28 27.95
N GLY A 686 19.00 -30.99 26.84
CA GLY A 686 20.30 -31.25 26.25
C GLY A 686 21.05 -32.34 27.00
N ARG A 687 22.32 -32.50 26.62
CA ARG A 687 23.17 -33.51 27.23
C ARG A 687 24.58 -32.97 27.33
N LEU A 688 25.34 -33.51 28.28
CA LEU A 688 26.73 -33.10 28.50
C LEU A 688 27.60 -33.74 27.42
N LEU A 689 28.06 -32.93 26.47
CA LEU A 689 28.86 -33.40 25.34
C LEU A 689 30.15 -32.61 25.27
N LYS A 690 31.25 -33.32 24.97
CA LYS A 690 32.54 -32.67 24.81
C LYS A 690 32.57 -31.89 23.50
N VAL A 691 33.05 -30.66 23.56
CA VAL A 691 33.13 -29.81 22.37
C VAL A 691 34.47 -29.08 22.33
N ASP A 700 36.88 -29.60 27.42
CA ASP A 700 35.82 -28.63 27.20
C ASP A 700 34.51 -29.34 26.89
N GLU A 701 33.70 -29.57 27.92
CA GLU A 701 32.42 -30.24 27.79
C GLU A 701 31.31 -29.33 28.29
N ARG A 702 30.25 -29.22 27.49
CA ARG A 702 29.14 -28.32 27.80
C ARG A 702 27.83 -29.05 27.57
N TRP A 703 26.78 -28.54 28.21
CA TRP A 703 25.44 -29.08 28.00
C TRP A 703 24.87 -28.54 26.70
N CYS A 704 25.24 -29.16 25.59
CA CYS A 704 24.82 -28.71 24.27
C CYS A 704 23.44 -29.26 23.92
N PHE A 705 22.84 -28.65 22.91
CA PHE A 705 21.50 -29.03 22.43
C PHE A 705 21.55 -29.18 20.92
N ARG A 706 21.34 -30.40 20.45
CA ARG A 706 21.45 -30.69 19.02
C ARG A 706 20.22 -30.13 18.29
N VAL A 707 20.47 -29.35 17.25
CA VAL A 707 19.41 -28.75 16.44
C VAL A 707 19.65 -29.17 14.99
N GLU A 708 18.62 -29.76 14.37
CA GLU A 708 18.68 -30.15 12.98
C GLU A 708 17.92 -29.12 12.14
N GLU A 709 18.63 -28.51 11.19
CA GLU A 709 18.07 -27.42 10.40
C GLU A 709 18.27 -27.73 8.93
N VAL A 710 17.20 -27.58 8.14
CA VAL A 710 17.24 -27.79 6.69
C VAL A 710 16.88 -26.47 6.03
N ASN A 711 17.73 -26.03 5.09
CA ASN A 711 17.53 -24.75 4.40
C ASN A 711 17.99 -24.92 2.95
N TRP A 712 17.02 -25.18 2.07
CA TRP A 712 17.33 -25.34 0.66
C TRP A 712 17.75 -24.02 0.03
N ALA A 713 17.10 -22.92 0.43
CA ALA A 713 17.40 -21.63 -0.18
C ALA A 713 18.83 -21.19 0.10
N ALA A 714 19.28 -21.35 1.35
CA ALA A 714 20.65 -20.96 1.69
C ALA A 714 21.66 -21.90 1.07
N TRP A 715 21.35 -23.20 1.01
CA TRP A 715 22.26 -24.17 0.44
C TRP A 715 22.46 -23.93 -1.06
N GLU A 716 21.38 -23.64 -1.77
CA GLU A 716 21.48 -23.40 -3.21
C GLU A 716 22.28 -22.13 -3.51
N LYS A 717 22.13 -21.09 -2.68
CA LYS A 717 22.95 -19.91 -2.84
C LYS A 717 24.43 -20.18 -2.57
N THR A 718 24.73 -21.20 -1.77
CA THR A 718 26.10 -21.59 -1.51
C THR A 718 26.73 -22.31 -2.70
N LEU A 719 25.92 -23.07 -3.45
CA LEU A 719 26.44 -23.83 -4.57
C LEU A 719 27.07 -22.90 -5.61
N PHE B 75 45.92 -53.52 15.18
CA PHE B 75 45.33 -52.49 14.33
C PHE B 75 43.81 -52.48 14.50
N ASP B 76 43.33 -51.77 15.51
CA ASP B 76 41.92 -51.76 15.84
C ASP B 76 41.17 -50.70 15.03
N ARG B 77 39.87 -50.57 15.34
CA ARG B 77 39.04 -49.60 14.62
C ARG B 77 39.46 -48.17 14.92
N ASP B 78 39.80 -47.88 16.18
CA ASP B 78 40.12 -46.50 16.57
C ASP B 78 41.36 -45.99 15.84
N ARG B 79 42.40 -46.81 15.77
CA ARG B 79 43.60 -46.40 15.04
C ARG B 79 43.31 -46.28 13.54
N LEU B 80 42.56 -47.24 12.99
CA LEU B 80 42.23 -47.20 11.57
C LEU B 80 41.38 -45.99 11.21
N PHE B 81 40.42 -45.65 12.07
CA PHE B 81 39.57 -44.50 11.81
C PHE B 81 40.35 -43.20 11.94
N SER B 82 41.38 -43.19 12.78
CA SER B 82 42.18 -41.97 12.97
C SER B 82 43.08 -41.70 11.77
N VAL B 83 43.72 -42.74 11.24
CA VAL B 83 44.69 -42.53 10.16
C VAL B 83 43.99 -42.13 8.87
N VAL B 84 42.85 -42.75 8.58
CA VAL B 84 42.11 -42.38 7.37
C VAL B 84 41.57 -40.96 7.47
N SER B 85 41.29 -40.49 8.68
CA SER B 85 40.87 -39.11 8.86
C SER B 85 42.03 -38.13 8.66
N ARG B 86 43.23 -38.50 9.10
CA ARG B 86 44.39 -37.63 8.93
C ARG B 86 44.98 -37.73 7.53
N GLY B 87 44.62 -38.74 6.76
CA GLY B 87 45.10 -38.87 5.40
C GLY B 87 46.59 -39.15 5.28
N VAL B 88 47.12 -40.05 6.09
CA VAL B 88 48.54 -40.41 6.03
C VAL B 88 48.67 -41.86 5.59
N PRO B 89 48.93 -42.12 4.30
CA PRO B 89 49.05 -43.51 3.84
C PRO B 89 50.24 -44.25 4.41
N GLU B 90 51.26 -43.54 4.91
CA GLU B 90 52.45 -44.21 5.45
C GLU B 90 52.14 -45.01 6.70
N GLU B 91 51.16 -44.59 7.50
CA GLU B 91 50.77 -45.30 8.71
C GLU B 91 49.89 -46.51 8.42
N LEU B 92 49.34 -46.62 7.21
CA LEU B 92 48.43 -47.69 6.87
C LEU B 92 49.14 -48.98 6.47
N THR B 93 50.47 -49.04 6.61
CA THR B 93 51.23 -50.22 6.18
C THR B 93 50.87 -51.47 6.98
N GLY B 94 50.63 -51.33 8.29
CA GLY B 94 50.35 -52.49 9.11
C GLY B 94 48.93 -52.99 9.05
N LEU B 95 48.06 -52.33 8.28
CA LEU B 95 46.67 -52.73 8.22
C LEU B 95 46.51 -54.07 7.49
N LEU B 96 47.21 -54.23 6.36
CA LEU B 96 47.07 -55.45 5.58
C LEU B 96 47.57 -56.66 6.33
N GLU B 97 48.69 -56.52 7.04
CA GLU B 97 49.24 -57.64 7.80
C GLU B 97 48.29 -58.08 8.91
N TYR B 98 47.67 -57.11 9.60
CA TYR B 98 46.75 -57.45 10.68
C TYR B 98 45.52 -58.18 10.14
N LEU B 99 45.00 -57.74 9.01
CA LEU B 99 43.82 -58.39 8.43
C LEU B 99 44.12 -59.82 8.02
N ARG B 100 45.28 -60.05 7.40
CA ARG B 100 45.66 -61.39 7.00
C ARG B 100 45.90 -62.27 8.24
N TRP B 101 46.51 -61.70 9.27
CA TRP B 101 46.80 -62.47 10.48
C TRP B 101 45.51 -62.89 11.18
N ASN B 102 44.52 -62.00 11.26
CA ASN B 102 43.28 -62.28 11.95
C ASN B 102 42.18 -62.81 11.04
N SER B 103 42.44 -62.90 9.72
CA SER B 103 41.45 -63.37 8.75
C SER B 103 40.17 -62.54 8.83
N LYS B 104 40.32 -61.23 8.67
CA LYS B 104 39.22 -60.30 8.75
C LYS B 104 39.19 -59.43 7.51
N TYR B 105 38.06 -58.75 7.31
CA TYR B 105 37.86 -57.85 6.19
C TYR B 105 37.41 -56.49 6.69
N LEU B 106 37.64 -55.46 5.86
CA LEU B 106 37.26 -54.10 6.25
C LEU B 106 35.75 -53.93 6.35
N THR B 107 34.98 -54.80 5.70
CA THR B 107 33.53 -54.73 5.76
C THR B 107 32.96 -55.40 7.01
N ASP B 108 33.80 -56.03 7.82
CA ASP B 108 33.31 -56.70 9.02
C ASP B 108 32.73 -55.69 10.01
N SER B 109 31.85 -56.20 10.88
CA SER B 109 31.17 -55.32 11.84
C SER B 109 32.15 -54.70 12.83
N ALA B 110 33.33 -55.31 12.99
CA ALA B 110 34.31 -54.79 13.94
C ALA B 110 34.82 -53.43 13.51
N TYR B 111 34.93 -53.19 12.20
CA TYR B 111 35.46 -51.93 11.68
C TYR B 111 34.36 -50.98 11.21
N THR B 112 33.14 -51.17 11.69
CA THR B 112 32.02 -50.32 11.32
C THR B 112 31.38 -49.75 12.57
N GLU B 113 31.07 -48.45 12.55
CA GLU B 113 30.40 -47.81 13.67
C GLU B 113 28.99 -48.36 13.84
N GLY B 114 28.69 -48.91 15.01
CA GLY B 114 27.40 -49.53 15.25
C GLY B 114 26.24 -48.55 15.24
N SER B 115 26.56 -47.25 15.38
CA SER B 115 25.50 -46.24 15.40
C SER B 115 24.77 -46.16 14.06
N THR B 116 25.53 -46.15 12.96
CA THR B 116 24.93 -46.02 11.63
C THR B 116 25.36 -47.15 10.71
N GLY B 117 26.62 -47.56 10.81
CA GLY B 117 27.15 -48.58 9.92
C GLY B 117 28.23 -48.03 9.02
N LYS B 118 28.78 -46.87 9.38
CA LYS B 118 29.81 -46.22 8.60
C LYS B 118 31.06 -47.10 8.52
N THR B 119 31.59 -47.24 7.31
CA THR B 119 32.79 -48.02 7.08
C THR B 119 34.03 -47.11 7.07
N CYS B 120 35.19 -47.75 6.94
CA CYS B 120 36.44 -47.00 6.95
C CYS B 120 36.58 -46.12 5.71
N LEU B 121 36.04 -46.56 4.57
CA LEU B 121 36.13 -45.76 3.36
C LEU B 121 35.26 -44.51 3.46
N MET B 122 34.11 -44.61 4.14
CA MET B 122 33.23 -43.46 4.29
C MET B 122 33.90 -42.34 5.08
N LYS B 123 34.76 -42.71 6.03
CA LYS B 123 35.49 -41.71 6.80
C LYS B 123 36.45 -40.93 5.91
N ALA B 124 37.11 -41.63 4.99
CA ALA B 124 38.13 -41.00 4.14
C ALA B 124 37.54 -39.95 3.21
N VAL B 125 36.37 -40.25 2.61
CA VAL B 125 35.82 -39.35 1.60
C VAL B 125 35.34 -38.05 2.24
N LEU B 126 34.76 -38.12 3.43
CA LEU B 126 34.31 -36.87 4.05
C LEU B 126 35.43 -36.11 4.73
N ASN B 127 36.65 -36.65 4.76
CA ASN B 127 37.83 -35.97 5.29
C ASN B 127 38.80 -35.75 4.13
N LEU B 128 38.63 -34.63 3.45
CA LEU B 128 39.34 -34.34 2.21
C LEU B 128 40.37 -33.23 2.41
N GLN B 129 41.46 -33.32 1.66
CA GLN B 129 42.50 -32.30 1.64
C GLN B 129 42.96 -32.09 0.20
N ASP B 130 42.88 -30.85 -0.27
CA ASP B 130 43.27 -30.47 -1.63
C ASP B 130 42.46 -31.23 -2.67
N GLY B 131 41.29 -31.73 -2.29
CA GLY B 131 40.37 -32.39 -3.19
C GLY B 131 40.55 -33.89 -3.29
N VAL B 132 41.71 -34.43 -2.92
CA VAL B 132 41.97 -35.86 -3.00
C VAL B 132 42.55 -36.31 -1.67
N ASN B 133 41.95 -37.35 -1.08
CA ASN B 133 42.50 -37.97 0.12
C ASN B 133 43.43 -39.08 -0.32
N ALA B 134 44.73 -38.93 -0.02
CA ALA B 134 45.72 -39.88 -0.51
C ALA B 134 45.60 -41.25 0.14
N CYS B 135 44.81 -41.37 1.20
CA CYS B 135 44.68 -42.67 1.88
C CYS B 135 43.69 -43.58 1.18
N ILE B 136 42.82 -43.03 0.34
CA ILE B 136 41.73 -43.82 -0.25
C ILE B 136 42.30 -44.94 -1.12
N MET B 137 43.23 -44.61 -2.01
CA MET B 137 43.76 -45.61 -2.94
C MET B 137 44.46 -46.75 -2.22
N PRO B 138 45.40 -46.52 -1.29
CA PRO B 138 45.96 -47.65 -0.54
C PRO B 138 44.91 -48.42 0.25
N LEU B 139 43.89 -47.73 0.76
CA LEU B 139 42.85 -48.41 1.53
C LEU B 139 42.07 -49.37 0.65
N LEU B 140 41.75 -48.96 -0.58
CA LEU B 140 40.96 -49.81 -1.46
C LEU B 140 41.74 -51.04 -1.91
N GLN B 141 43.03 -50.86 -2.23
CA GLN B 141 43.83 -52.00 -2.71
C GLN B 141 44.11 -53.00 -1.61
N ILE B 142 44.09 -52.56 -0.35
CA ILE B 142 44.26 -53.49 0.77
C ILE B 142 43.09 -54.47 0.83
N ASP B 143 41.87 -53.96 0.63
CA ASP B 143 40.70 -54.84 0.68
C ASP B 143 40.73 -55.86 -0.45
N LYS B 144 41.19 -55.44 -1.63
CA LYS B 144 41.34 -56.39 -2.74
C LYS B 144 42.34 -57.48 -2.39
N ASP B 145 43.43 -57.11 -1.74
CA ASP B 145 44.40 -58.11 -1.30
C ASP B 145 43.85 -58.98 -0.18
N SER B 146 42.93 -58.44 0.62
CA SER B 146 42.36 -59.18 1.74
C SER B 146 41.38 -60.26 1.31
N GLY B 147 40.99 -60.30 0.04
CA GLY B 147 40.05 -61.30 -0.43
C GLY B 147 38.66 -61.16 0.15
N ASN B 148 38.17 -59.94 0.26
CA ASN B 148 36.83 -59.71 0.81
C ASN B 148 35.78 -60.19 -0.19
N PRO B 149 34.87 -61.09 0.22
CA PRO B 149 33.77 -61.45 -0.68
C PRO B 149 32.88 -60.28 -1.06
N LYS B 150 32.72 -59.30 -0.16
CA LYS B 150 32.03 -58.06 -0.49
C LYS B 150 33.04 -57.04 -0.99
N LEU B 151 32.58 -55.79 -1.15
CA LEU B 151 33.45 -54.70 -1.56
C LEU B 151 33.25 -53.52 -0.63
N LEU B 152 34.36 -52.94 -0.16
CA LEU B 152 34.28 -51.76 0.69
C LEU B 152 33.68 -50.58 -0.05
N VAL B 153 33.89 -50.50 -1.37
CA VAL B 153 33.35 -49.40 -2.15
C VAL B 153 31.83 -49.50 -2.22
N ASN B 154 31.30 -50.71 -2.34
CA ASN B 154 29.85 -50.91 -2.43
C ASN B 154 29.19 -51.11 -1.08
N ALA B 155 29.94 -51.00 0.02
CA ALA B 155 29.35 -51.13 1.34
C ALA B 155 28.41 -49.97 1.63
N GLN B 156 27.31 -50.27 2.32
CA GLN B 156 26.29 -49.28 2.62
C GLN B 156 26.00 -49.28 4.11
N CYS B 157 25.49 -48.15 4.60
CA CYS B 157 25.11 -48.03 6.00
C CYS B 157 23.87 -48.89 6.28
N THR B 158 23.67 -49.21 7.55
CA THR B 158 22.54 -50.04 7.95
C THR B 158 21.59 -49.38 8.92
N ASP B 159 21.78 -48.11 9.28
CA ASP B 159 20.87 -47.44 10.18
C ASP B 159 19.53 -47.20 9.49
N GLU B 160 18.47 -47.08 10.28
CA GLU B 160 17.14 -46.84 9.72
C GLU B 160 17.08 -45.50 8.99
N PHE B 161 17.70 -44.47 9.56
CA PHE B 161 17.66 -43.14 8.94
C PHE B 161 18.58 -43.05 7.72
N TYR B 162 19.76 -43.66 7.78
CA TYR B 162 20.75 -43.54 6.72
C TYR B 162 20.97 -44.84 5.97
N GLN B 163 19.92 -45.66 5.81
CA GLN B 163 20.05 -46.92 5.10
C GLN B 163 20.41 -46.68 3.64
N GLY B 164 21.40 -47.43 3.15
CA GLY B 164 21.82 -47.34 1.77
C GLY B 164 22.86 -46.28 1.49
N HIS B 165 23.21 -45.44 2.45
CA HIS B 165 24.22 -44.41 2.24
C HIS B 165 25.57 -45.06 1.98
N SER B 166 26.31 -44.53 1.01
CA SER B 166 27.55 -45.15 0.59
C SER B 166 28.62 -44.07 0.41
N ALA B 167 29.86 -44.52 0.25
CA ALA B 167 30.96 -43.60 0.05
C ALA B 167 30.83 -42.85 -1.27
N LEU B 168 30.19 -43.46 -2.27
CA LEU B 168 29.99 -42.78 -3.54
C LEU B 168 29.07 -41.58 -3.39
N HIS B 169 28.04 -41.69 -2.55
CA HIS B 169 27.16 -40.55 -2.30
C HIS B 169 27.91 -39.40 -1.64
N ILE B 170 28.80 -39.72 -0.71
CA ILE B 170 29.58 -38.69 -0.02
C ILE B 170 30.51 -37.99 -1.00
N ALA B 171 31.07 -38.72 -1.97
CA ALA B 171 32.00 -38.12 -2.90
C ALA B 171 31.33 -37.04 -3.76
N ILE B 172 30.12 -37.32 -4.25
CA ILE B 172 29.41 -36.32 -5.04
C ILE B 172 28.96 -35.15 -4.16
N GLU B 173 28.54 -35.43 -2.92
CA GLU B 173 28.10 -34.37 -2.03
C GLU B 173 29.24 -33.39 -1.74
N LYS B 174 30.45 -33.90 -1.54
CA LYS B 174 31.62 -33.08 -1.27
C LYS B 174 32.09 -32.29 -2.49
N ARG B 175 31.45 -32.49 -3.65
CA ARG B 175 31.77 -31.78 -4.88
C ARG B 175 33.23 -31.97 -5.26
N SER B 176 33.66 -33.23 -5.25
CA SER B 176 35.03 -33.63 -5.58
C SER B 176 34.97 -34.71 -6.65
N LEU B 177 35.10 -34.28 -7.91
CA LEU B 177 35.03 -35.20 -9.04
C LEU B 177 36.16 -36.23 -8.96
N GLN B 178 37.33 -35.80 -8.45
CA GLN B 178 38.50 -36.68 -8.45
C GLN B 178 38.24 -37.95 -7.64
N CYS B 179 37.60 -37.83 -6.47
CA CYS B 179 37.25 -39.02 -5.71
C CYS B 179 36.24 -39.88 -6.44
N VAL B 180 35.21 -39.26 -7.03
CA VAL B 180 34.22 -40.02 -7.80
C VAL B 180 34.89 -40.77 -8.94
N LYS B 181 35.88 -40.14 -9.56
CA LYS B 181 36.69 -40.84 -10.57
C LYS B 181 37.41 -42.02 -9.94
N LEU B 182 37.88 -41.85 -8.69
CA LEU B 182 38.71 -42.88 -8.06
C LEU B 182 37.88 -44.12 -7.71
N LEU B 183 36.69 -43.92 -7.14
CA LEU B 183 35.91 -45.06 -6.65
C LEU B 183 35.44 -45.95 -7.80
N VAL B 184 34.92 -45.35 -8.87
CA VAL B 184 34.36 -46.15 -9.95
C VAL B 184 35.46 -46.88 -10.72
N GLU B 185 36.68 -46.34 -10.69
CA GLU B 185 37.80 -47.05 -11.31
C GLU B 185 38.13 -48.32 -10.55
N ASN B 186 37.86 -48.35 -9.24
CA ASN B 186 38.07 -49.53 -8.42
C ASN B 186 36.82 -50.39 -8.28
N GLY B 187 35.74 -50.03 -8.96
CA GLY B 187 34.53 -50.86 -8.95
C GLY B 187 33.39 -50.32 -8.14
N ALA B 188 33.16 -49.01 -8.12
CA ALA B 188 32.03 -48.46 -7.40
C ALA B 188 30.74 -48.71 -8.17
N ASP B 189 29.73 -49.21 -7.47
CA ASP B 189 28.42 -49.43 -8.09
C ASP B 189 27.70 -48.10 -8.20
N VAL B 190 27.48 -47.64 -9.43
CA VAL B 190 26.82 -46.36 -9.65
C VAL B 190 25.33 -46.42 -9.36
N HIS B 191 24.77 -47.62 -9.18
CA HIS B 191 23.35 -47.79 -8.92
C HIS B 191 23.06 -48.09 -7.46
N LEU B 192 23.92 -47.66 -6.55
CA LEU B 192 23.64 -47.80 -5.12
C LEU B 192 22.44 -46.95 -4.74
N ARG B 193 21.55 -47.50 -3.92
CA ARG B 193 20.27 -46.87 -3.60
C ARG B 193 20.24 -46.53 -2.11
N ALA B 194 20.40 -45.24 -1.80
CA ALA B 194 20.32 -44.75 -0.42
C ALA B 194 18.86 -44.50 -0.09
N CYS B 195 18.22 -45.48 0.54
CA CYS B 195 16.79 -45.42 0.82
C CYS B 195 16.46 -45.28 2.30
N GLY B 196 17.32 -44.68 3.10
CA GLY B 196 17.03 -44.48 4.50
C GLY B 196 15.97 -43.42 4.72
N ARG B 197 15.48 -43.36 5.96
CA ARG B 197 14.45 -42.39 6.32
C ARG B 197 14.93 -40.96 6.17
N PHE B 198 16.23 -40.72 6.28
CA PHE B 198 16.75 -39.37 6.05
C PHE B 198 16.62 -38.96 4.59
N PHE B 199 16.77 -39.90 3.66
CA PHE B 199 16.70 -39.59 2.24
C PHE B 199 15.28 -39.62 1.70
N GLN B 200 14.36 -40.31 2.37
CA GLN B 200 12.97 -40.30 1.94
C GLN B 200 12.34 -38.93 2.20
N LYS B 201 11.45 -38.53 1.29
CA LYS B 201 10.80 -37.23 1.41
C LYS B 201 9.66 -37.30 2.41
N HIS B 202 9.75 -36.47 3.45
CA HIS B 202 8.73 -36.41 4.49
C HIS B 202 8.86 -35.09 5.22
N GLN B 203 7.82 -34.75 5.98
CA GLN B 203 7.81 -33.51 6.76
C GLN B 203 8.73 -33.68 7.95
N GLY B 204 9.96 -33.19 7.84
CA GLY B 204 10.93 -33.31 8.90
C GLY B 204 12.33 -33.08 8.36
N THR B 205 13.30 -33.51 9.14
CA THR B 205 14.72 -33.41 8.76
C THR B 205 15.00 -34.47 7.70
N CYS B 206 15.09 -34.05 6.44
CA CYS B 206 15.31 -34.97 5.34
C CYS B 206 15.97 -34.23 4.19
N PHE B 207 16.56 -35.01 3.28
CA PHE B 207 17.20 -34.48 2.07
C PHE B 207 16.85 -35.45 0.94
N TYR B 208 15.76 -35.15 0.23
CA TYR B 208 15.34 -35.98 -0.89
C TYR B 208 16.03 -35.50 -2.17
N PHE B 209 16.75 -36.42 -2.82
CA PHE B 209 17.43 -36.14 -4.07
C PHE B 209 17.25 -37.31 -5.04
N GLY B 210 16.15 -38.04 -4.91
CA GLY B 210 16.14 -39.38 -5.45
C GLY B 210 16.86 -40.30 -4.49
N GLU B 211 17.38 -41.40 -5.01
CA GLU B 211 18.16 -42.31 -4.19
C GLU B 211 19.41 -42.84 -4.87
N LEU B 212 19.76 -42.38 -6.04
CA LEU B 212 20.92 -42.86 -6.78
C LEU B 212 21.99 -41.79 -6.85
N PRO B 213 23.26 -42.19 -6.98
CA PRO B 213 24.33 -41.19 -7.17
C PRO B 213 24.12 -40.31 -8.37
N LEU B 214 23.55 -40.87 -9.45
CA LEU B 214 23.23 -40.05 -10.63
C LEU B 214 22.19 -39.00 -10.29
N SER B 215 21.16 -39.38 -9.52
CA SER B 215 20.14 -38.41 -9.12
C SER B 215 20.72 -37.40 -8.13
N LEU B 216 21.63 -37.83 -7.26
CA LEU B 216 22.31 -36.91 -6.36
C LEU B 216 23.17 -35.92 -7.14
N ALA B 217 23.87 -36.40 -8.16
CA ALA B 217 24.70 -35.53 -8.98
C ALA B 217 23.87 -34.59 -9.85
N ALA B 218 22.57 -34.85 -9.98
CA ALA B 218 21.69 -33.98 -10.76
C ALA B 218 21.01 -32.92 -9.91
N CYS B 219 20.55 -33.28 -8.70
CA CYS B 219 19.97 -32.29 -7.80
C CYS B 219 20.99 -31.23 -7.40
N THR B 220 22.21 -31.64 -7.07
CA THR B 220 23.30 -30.69 -6.95
C THR B 220 23.78 -30.31 -8.35
N LYS B 221 23.96 -29.01 -8.56
CA LYS B 221 24.35 -28.51 -9.89
C LYS B 221 25.80 -28.87 -10.13
N GLN B 222 26.04 -30.13 -10.52
CA GLN B 222 27.36 -30.66 -10.78
C GLN B 222 27.34 -31.31 -12.17
N TRP B 223 27.65 -30.50 -13.19
CA TRP B 223 27.67 -31.01 -14.56
C TRP B 223 28.81 -32.00 -14.74
N ASP B 224 30.01 -31.65 -14.29
CA ASP B 224 31.18 -32.50 -14.55
C ASP B 224 31.02 -33.89 -13.98
N VAL B 225 30.38 -34.01 -12.81
CA VAL B 225 30.13 -35.33 -12.23
C VAL B 225 29.06 -36.08 -13.03
N VAL B 226 27.98 -35.39 -13.40
CA VAL B 226 26.81 -36.08 -13.94
C VAL B 226 27.09 -36.66 -15.32
N THR B 227 27.92 -35.97 -16.12
CA THR B 227 28.28 -36.52 -17.42
C THR B 227 29.20 -37.72 -17.28
N TYR B 228 30.20 -37.63 -16.41
CA TYR B 228 31.17 -38.71 -16.26
C TYR B 228 30.49 -39.98 -15.74
N LEU B 229 29.54 -39.82 -14.81
CA LEU B 229 28.82 -40.98 -14.30
C LEU B 229 28.02 -41.65 -15.41
N LEU B 230 27.60 -40.89 -16.42
CA LEU B 230 26.74 -41.44 -17.46
C LEU B 230 27.53 -42.09 -18.58
N GLU B 231 28.71 -41.56 -18.91
CA GLU B 231 29.45 -42.02 -20.08
C GLU B 231 30.85 -42.54 -19.72
N ASN B 232 31.07 -42.96 -18.47
CA ASN B 232 32.35 -43.54 -18.11
C ASN B 232 32.46 -44.95 -18.68
N PRO B 233 33.66 -45.38 -19.07
CA PRO B 233 33.82 -46.74 -19.62
C PRO B 233 33.81 -47.83 -18.57
N HIS B 234 34.02 -47.49 -17.29
CA HIS B 234 34.07 -48.52 -16.25
C HIS B 234 32.67 -49.05 -15.96
N GLN B 235 31.76 -48.18 -15.54
CA GLN B 235 30.38 -48.56 -15.28
C GLN B 235 29.47 -47.37 -15.52
N PRO B 236 28.82 -47.28 -16.69
CA PRO B 236 28.00 -46.11 -16.98
C PRO B 236 26.64 -46.17 -16.30
N ALA B 237 26.23 -45.04 -15.75
CA ALA B 237 24.90 -44.94 -15.15
C ALA B 237 23.84 -44.86 -16.23
N SER B 238 22.60 -45.17 -15.84
CA SER B 238 21.46 -45.15 -16.74
C SER B 238 20.43 -44.15 -16.25
N LEU B 239 19.95 -43.31 -17.17
CA LEU B 239 18.92 -42.34 -16.82
C LEU B 239 17.57 -43.01 -16.55
N GLU B 240 17.40 -44.25 -16.98
CA GLU B 240 16.16 -44.98 -16.76
C GLU B 240 16.10 -45.68 -15.39
N ALA B 241 17.17 -45.57 -14.60
CA ALA B 241 17.16 -46.17 -13.26
C ALA B 241 16.15 -45.47 -12.36
N THR B 242 15.53 -46.26 -11.49
CA THR B 242 14.47 -45.77 -10.61
C THR B 242 14.84 -46.05 -9.16
N ASP B 243 14.35 -45.19 -8.27
CA ASP B 243 14.55 -45.35 -6.84
C ASP B 243 13.42 -46.19 -6.24
N SER B 244 13.33 -46.21 -4.92
CA SER B 244 12.32 -46.99 -4.22
C SER B 244 10.90 -46.58 -4.56
N LEU B 245 10.67 -45.31 -4.91
CA LEU B 245 9.36 -44.83 -5.31
C LEU B 245 9.16 -44.88 -6.82
N GLY B 246 10.10 -45.43 -7.56
CA GLY B 246 10.03 -45.46 -9.01
C GLY B 246 10.46 -44.18 -9.70
N ASN B 247 10.94 -43.19 -8.94
CA ASN B 247 11.34 -41.93 -9.54
C ASN B 247 12.68 -42.07 -10.26
N THR B 248 12.71 -41.62 -11.51
CA THR B 248 13.95 -41.57 -12.27
C THR B 248 14.70 -40.27 -11.96
N VAL B 249 15.73 -39.98 -12.76
CA VAL B 249 16.48 -38.74 -12.58
C VAL B 249 15.60 -37.53 -12.90
N LEU B 250 14.75 -37.66 -13.92
CA LEU B 250 13.87 -36.55 -14.28
C LEU B 250 12.79 -36.32 -13.22
N HIS B 251 12.27 -37.40 -12.62
CA HIS B 251 11.30 -37.25 -11.55
C HIS B 251 11.93 -36.58 -10.33
N ALA B 252 13.16 -36.96 -9.99
CA ALA B 252 13.82 -36.38 -8.82
C ALA B 252 14.04 -34.88 -8.99
N LEU B 253 14.41 -34.45 -10.21
CA LEU B 253 14.61 -33.02 -10.45
C LEU B 253 13.31 -32.25 -10.26
N VAL B 254 12.18 -32.84 -10.63
CA VAL B 254 10.90 -32.17 -10.48
C VAL B 254 10.58 -31.95 -9.01
N MET B 255 10.78 -32.97 -8.18
CA MET B 255 10.41 -32.87 -6.77
C MET B 255 11.24 -31.84 -6.03
N ILE B 256 12.53 -31.76 -6.34
CA ILE B 256 13.44 -30.85 -5.64
C ILE B 256 13.34 -29.45 -6.24
N ALA B 257 12.51 -29.29 -7.27
CA ALA B 257 12.38 -28.01 -7.94
C ALA B 257 11.41 -27.12 -7.18
N ASP B 258 11.91 -25.99 -6.68
CA ASP B 258 11.06 -24.99 -6.06
C ASP B 258 10.55 -24.00 -7.11
N ASN B 259 9.62 -23.16 -6.70
CA ASN B 259 9.10 -22.11 -7.57
C ASN B 259 9.95 -20.85 -7.56
N SER B 260 11.01 -20.83 -6.76
CA SER B 260 11.96 -19.73 -6.78
C SER B 260 12.61 -19.65 -8.16
N PRO B 261 12.80 -18.45 -8.72
CA PRO B 261 13.35 -18.37 -10.07
C PRO B 261 14.85 -18.50 -10.18
N GLU B 262 15.58 -18.60 -9.06
CA GLU B 262 16.96 -19.03 -9.10
C GLU B 262 17.05 -20.55 -9.12
N ASN B 263 16.20 -21.22 -8.32
CA ASN B 263 16.17 -22.67 -8.30
C ASN B 263 15.61 -23.24 -9.60
N SER B 264 14.49 -22.69 -10.07
CA SER B 264 13.83 -23.24 -11.24
C SER B 264 14.69 -23.11 -12.50
N ALA B 265 15.52 -22.08 -12.58
CA ALA B 265 16.40 -21.92 -13.74
C ALA B 265 17.41 -23.06 -13.83
N LEU B 266 17.99 -23.45 -12.69
CA LEU B 266 18.98 -24.52 -12.70
C LEU B 266 18.33 -25.88 -12.93
N VAL B 267 17.15 -26.10 -12.35
CA VAL B 267 16.46 -27.38 -12.54
C VAL B 267 16.07 -27.56 -14.00
N ILE B 268 15.55 -26.50 -14.63
CA ILE B 268 15.18 -26.59 -16.03
C ILE B 268 16.40 -26.85 -16.89
N HIS B 269 17.49 -26.12 -16.63
CA HIS B 269 18.71 -26.29 -17.40
C HIS B 269 19.28 -27.69 -17.19
N MET B 270 19.21 -28.20 -15.97
CA MET B 270 19.60 -29.59 -15.72
C MET B 270 18.63 -30.55 -16.40
N TYR B 271 17.34 -30.21 -16.43
CA TYR B 271 16.35 -31.08 -17.05
C TYR B 271 16.61 -31.23 -18.54
N ASP B 272 16.87 -30.11 -19.23
CA ASP B 272 17.11 -30.17 -20.67
C ASP B 272 18.41 -30.90 -20.98
N GLY B 273 19.46 -30.62 -20.20
CA GLY B 273 20.74 -31.23 -20.48
C GLY B 273 20.72 -32.74 -20.32
N LEU B 274 20.11 -33.24 -19.25
CA LEU B 274 19.99 -34.69 -19.07
C LEU B 274 19.10 -35.30 -20.15
N LEU B 275 18.03 -34.60 -20.53
CA LEU B 275 17.14 -35.11 -21.56
C LEU B 275 17.84 -35.14 -22.92
N GLN B 276 18.61 -34.10 -23.23
CA GLN B 276 19.34 -34.06 -24.50
C GLN B 276 20.41 -35.15 -24.54
N MET B 277 21.18 -35.29 -23.46
CA MET B 277 22.22 -36.31 -23.42
C MET B 277 21.62 -37.71 -23.42
N GLY B 278 20.37 -37.85 -22.96
CA GLY B 278 19.72 -39.14 -23.02
C GLY B 278 19.45 -39.58 -24.45
N ALA B 279 19.33 -38.63 -25.37
CA ALA B 279 19.15 -38.96 -26.77
C ALA B 279 20.41 -39.57 -27.38
N ARG B 280 21.56 -39.44 -26.72
CA ARG B 280 22.80 -40.03 -27.23
C ARG B 280 23.03 -41.40 -26.63
N LEU B 281 22.91 -41.53 -25.31
CA LEU B 281 23.20 -42.80 -24.64
C LEU B 281 22.10 -43.82 -24.85
N CYS B 282 20.84 -43.40 -24.80
CA CYS B 282 19.71 -44.31 -24.99
C CYS B 282 18.69 -43.72 -25.94
N PRO B 283 18.98 -43.66 -27.24
CA PRO B 283 18.00 -43.08 -28.18
C PRO B 283 16.69 -43.85 -28.23
N THR B 284 16.72 -45.17 -28.03
CA THR B 284 15.50 -45.98 -28.14
C THR B 284 14.61 -45.89 -26.91
N VAL B 285 15.07 -45.24 -25.84
CA VAL B 285 14.30 -45.13 -24.60
C VAL B 285 13.79 -43.71 -24.47
N GLN B 286 12.47 -43.56 -24.27
CA GLN B 286 11.85 -42.25 -24.08
C GLN B 286 11.81 -41.97 -22.58
N LEU B 287 12.70 -41.09 -22.14
CA LEU B 287 12.81 -40.80 -20.71
C LEU B 287 11.61 -40.03 -20.19
N GLU B 288 10.90 -39.32 -21.09
CA GLU B 288 9.76 -38.51 -20.65
C GLU B 288 8.52 -39.34 -20.36
N GLU B 289 8.48 -40.60 -20.79
CA GLU B 289 7.30 -41.44 -20.63
C GLU B 289 7.48 -42.54 -19.59
N ILE B 290 8.52 -42.45 -18.76
CA ILE B 290 8.71 -43.43 -17.70
C ILE B 290 7.81 -43.05 -16.52
N SER B 291 7.02 -44.02 -16.06
CA SER B 291 6.07 -43.79 -14.98
C SER B 291 6.58 -44.42 -13.68
N ASN B 292 6.46 -43.67 -12.60
CA ASN B 292 6.86 -44.16 -11.28
C ASN B 292 5.79 -45.10 -10.72
N HIS B 293 5.95 -45.47 -9.45
CA HIS B 293 4.97 -46.34 -8.80
C HIS B 293 3.59 -45.72 -8.68
N GLN B 294 3.50 -44.39 -8.73
CA GLN B 294 2.21 -43.71 -8.74
C GLN B 294 1.62 -43.60 -10.14
N GLY B 295 2.33 -44.04 -11.17
CA GLY B 295 1.86 -43.94 -12.54
C GLY B 295 1.98 -42.57 -13.16
N LEU B 296 2.83 -41.71 -12.62
CA LEU B 296 2.96 -40.34 -13.10
C LEU B 296 4.26 -40.17 -13.89
N THR B 297 4.14 -39.59 -15.08
CA THR B 297 5.30 -39.20 -15.87
C THR B 297 5.91 -37.94 -15.28
N PRO B 298 7.13 -37.58 -15.68
CA PRO B 298 7.72 -36.32 -15.18
C PRO B 298 6.86 -35.10 -15.45
N LEU B 299 6.10 -35.10 -16.55
CA LEU B 299 5.17 -34.00 -16.81
C LEU B 299 3.98 -34.08 -15.86
N LYS B 300 3.43 -35.28 -15.66
CA LYS B 300 2.29 -35.43 -14.76
C LYS B 300 2.68 -35.16 -13.31
N LEU B 301 3.90 -35.53 -12.93
CA LEU B 301 4.35 -35.30 -11.56
C LEU B 301 4.43 -33.82 -11.24
N ALA B 302 4.88 -33.01 -12.20
CA ALA B 302 4.94 -31.57 -11.99
C ALA B 302 3.54 -30.99 -11.79
N ALA B 303 2.55 -31.49 -12.52
CA ALA B 303 1.18 -31.02 -12.32
C ALA B 303 0.65 -31.40 -10.96
N LYS B 304 0.92 -32.62 -10.51
CA LYS B 304 0.45 -33.07 -9.20
C LYS B 304 1.15 -32.31 -8.08
N GLU B 305 2.48 -32.13 -8.20
CA GLU B 305 3.23 -31.43 -7.16
C GLU B 305 2.95 -29.93 -7.16
N GLY B 306 2.29 -29.42 -8.18
CA GLY B 306 1.98 -28.00 -8.24
C GLY B 306 3.18 -27.11 -8.50
N LYS B 307 4.18 -27.62 -9.22
CA LYS B 307 5.39 -26.85 -9.52
C LYS B 307 5.30 -26.31 -10.95
N ILE B 308 4.69 -25.12 -11.03
CA ILE B 308 4.32 -24.55 -12.33
C ILE B 308 5.55 -24.18 -13.14
N GLU B 309 6.62 -23.74 -12.47
CA GLU B 309 7.79 -23.23 -13.19
C GLU B 309 8.41 -24.30 -14.08
N ILE B 310 8.54 -25.53 -13.57
CA ILE B 310 9.04 -26.61 -14.42
C ILE B 310 7.90 -27.20 -15.26
N PHE B 311 6.66 -27.10 -14.77
CA PHE B 311 5.52 -27.58 -15.53
C PHE B 311 5.33 -26.77 -16.81
N ARG B 312 5.51 -25.45 -16.72
CA ARG B 312 5.35 -24.59 -17.89
C ARG B 312 6.40 -24.93 -18.95
N HIS B 313 7.63 -25.17 -18.53
CA HIS B 313 8.72 -25.39 -19.48
C HIS B 313 8.51 -26.68 -20.28
N ILE B 314 8.06 -27.75 -19.61
CA ILE B 314 7.88 -29.02 -20.30
C ILE B 314 6.78 -28.92 -21.35
N LEU B 315 5.69 -28.24 -21.02
CA LEU B 315 4.59 -28.07 -21.98
C LEU B 315 5.06 -27.28 -23.21
N GLN B 316 5.83 -26.22 -22.98
CA GLN B 316 6.27 -25.33 -24.05
C GLN B 316 7.72 -25.58 -24.44
N ARG B 317 8.21 -26.80 -24.26
CA ARG B 317 9.60 -27.12 -24.60
C ARG B 317 9.79 -27.12 -26.11
N GLU B 318 10.82 -26.42 -26.57
CA GLU B 318 11.15 -26.34 -27.98
C GLU B 318 12.65 -26.37 -28.16
N PHE B 319 13.11 -27.23 -29.07
CA PHE B 319 14.52 -27.36 -29.38
C PHE B 319 14.71 -27.32 -30.89
N SER B 320 15.94 -27.02 -31.31
CA SER B 320 16.28 -26.96 -32.72
C SER B 320 17.55 -27.78 -32.96
N GLY B 321 17.68 -28.27 -34.19
CA GLY B 321 18.82 -29.08 -34.56
C GLY B 321 18.57 -30.56 -34.37
N PRO B 322 19.60 -31.31 -33.99
CA PRO B 322 19.42 -32.75 -33.76
C PRO B 322 18.47 -33.08 -32.62
N TYR B 323 18.30 -32.17 -31.66
CA TYR B 323 17.42 -32.41 -30.51
C TYR B 323 16.02 -31.88 -30.73
N GLN B 324 15.65 -31.56 -31.97
CA GLN B 324 14.31 -31.11 -32.32
C GLN B 324 13.21 -32.11 -31.93
N PRO B 325 13.39 -33.43 -32.14
CA PRO B 325 12.34 -34.37 -31.75
C PRO B 325 12.01 -34.35 -30.27
N LEU B 326 12.91 -33.86 -29.42
CA LEU B 326 12.64 -33.75 -27.99
C LEU B 326 11.67 -32.62 -27.65
N SER B 327 11.33 -31.77 -28.63
CA SER B 327 10.45 -30.64 -28.37
C SER B 327 9.00 -31.10 -28.21
N ARG B 328 8.23 -30.30 -27.46
CA ARG B 328 6.78 -30.48 -27.37
C ARG B 328 6.01 -29.34 -28.00
N LYS B 329 6.67 -28.22 -28.30
CA LYS B 329 6.06 -27.10 -29.00
C LYS B 329 6.80 -26.88 -30.31
N PHE B 330 6.07 -26.97 -31.42
CA PHE B 330 6.62 -26.85 -32.76
C PHE B 330 6.04 -25.62 -33.42
N THR B 331 6.87 -24.61 -33.65
CA THR B 331 6.41 -23.39 -34.32
C THR B 331 6.12 -23.69 -35.79
N GLU B 332 4.88 -23.42 -36.21
CA GLU B 332 4.48 -23.67 -37.59
C GLU B 332 4.90 -22.53 -38.51
N TRP B 333 4.44 -21.31 -38.22
CA TRP B 333 4.91 -20.13 -38.93
C TRP B 333 4.76 -18.92 -38.05
N CYS B 334 5.71 -18.00 -38.16
CA CYS B 334 5.70 -16.76 -37.39
C CYS B 334 5.66 -15.59 -38.37
N TYR B 335 4.71 -14.67 -38.15
CA TYR B 335 4.54 -13.52 -39.03
C TYR B 335 4.27 -12.31 -38.15
N GLY B 336 5.31 -11.51 -37.90
CA GLY B 336 5.20 -10.37 -37.02
C GLY B 336 4.87 -10.80 -35.60
N PRO B 337 3.87 -10.17 -35.00
CA PRO B 337 3.47 -10.53 -33.62
C PRO B 337 2.67 -11.81 -33.54
N VAL B 338 2.26 -12.39 -34.66
CA VAL B 338 1.41 -13.58 -34.67
C VAL B 338 2.28 -14.82 -34.83
N ARG B 339 2.19 -15.72 -33.86
CA ARG B 339 2.91 -16.99 -33.90
C ARG B 339 1.92 -18.14 -33.86
N VAL B 340 2.19 -19.16 -34.67
CA VAL B 340 1.39 -20.38 -34.73
C VAL B 340 2.28 -21.54 -34.33
N SER B 341 1.91 -22.23 -33.26
CA SER B 341 2.72 -23.30 -32.70
C SER B 341 1.88 -24.55 -32.51
N LEU B 342 2.47 -25.70 -32.79
CA LEU B 342 1.82 -26.99 -32.60
C LEU B 342 2.26 -27.55 -31.26
N TYR B 343 1.33 -27.63 -30.31
CA TYR B 343 1.61 -28.14 -28.98
C TYR B 343 1.23 -29.61 -28.89
N ASP B 344 2.13 -30.42 -28.35
CA ASP B 344 1.86 -31.84 -28.21
C ASP B 344 0.86 -32.07 -27.07
N LEU B 345 -0.16 -32.87 -27.35
CA LEU B 345 -1.19 -33.19 -26.37
C LEU B 345 -1.01 -34.55 -25.71
N SER B 346 0.13 -35.22 -25.94
CA SER B 346 0.37 -36.52 -25.33
C SER B 346 0.38 -36.38 -23.80
N SER B 347 -0.40 -37.23 -23.13
CA SER B 347 -0.54 -37.23 -21.69
C SER B 347 -1.08 -35.90 -21.16
N VAL B 348 -1.60 -35.06 -22.06
CA VAL B 348 -2.16 -33.77 -21.66
C VAL B 348 -3.65 -33.72 -21.93
N ASP B 349 -4.09 -34.21 -23.09
CA ASP B 349 -5.51 -34.22 -23.42
C ASP B 349 -6.27 -35.11 -22.45
N SER B 350 -7.49 -34.69 -22.09
CA SER B 350 -8.29 -35.41 -21.12
C SER B 350 -8.93 -36.66 -21.69
N TRP B 351 -8.69 -36.98 -22.97
CA TRP B 351 -9.23 -38.21 -23.54
C TRP B 351 -8.67 -39.44 -22.84
N GLU B 352 -7.40 -39.41 -22.46
CA GLU B 352 -6.75 -40.52 -21.77
C GLU B 352 -6.90 -40.35 -20.27
N LYS B 353 -7.07 -41.48 -19.57
CA LYS B 353 -7.25 -41.45 -18.12
C LYS B 353 -5.95 -41.00 -17.44
N ASN B 354 -6.12 -40.38 -16.27
CA ASN B 354 -5.00 -39.88 -15.46
C ASN B 354 -4.13 -38.91 -16.26
N SER B 355 -4.79 -38.03 -17.02
CA SER B 355 -4.07 -37.05 -17.81
C SER B 355 -3.67 -35.85 -16.95
N VAL B 356 -2.92 -34.93 -17.57
CA VAL B 356 -2.46 -33.74 -16.85
C VAL B 356 -3.64 -32.86 -16.46
N LEU B 357 -4.62 -32.73 -17.36
CA LEU B 357 -5.77 -31.89 -17.07
C LEU B 357 -6.58 -32.42 -15.89
N GLU B 358 -6.75 -33.74 -15.82
CA GLU B 358 -7.49 -34.33 -14.70
C GLU B 358 -6.71 -34.20 -13.40
N ILE B 359 -5.38 -34.32 -13.47
CA ILE B 359 -4.56 -34.26 -12.26
C ILE B 359 -4.65 -32.88 -11.62
N ILE B 360 -4.57 -31.83 -12.45
CA ILE B 360 -4.61 -30.47 -11.92
C ILE B 360 -5.94 -30.19 -11.23
N ALA B 361 -7.04 -30.59 -11.86
CA ALA B 361 -8.36 -30.26 -11.34
C ALA B 361 -8.69 -31.05 -10.08
N PHE B 362 -8.32 -32.33 -10.05
CA PHE B 362 -8.74 -33.20 -8.96
C PHE B 362 -7.59 -33.68 -8.07
N HIS B 363 -6.55 -34.28 -8.65
CA HIS B 363 -5.48 -34.87 -7.86
C HIS B 363 -4.51 -33.83 -7.29
N CYS B 364 -4.37 -32.68 -7.93
CA CYS B 364 -3.50 -31.64 -7.39
C CYS B 364 -4.16 -30.96 -6.19
N LYS B 365 -3.33 -30.57 -5.22
CA LYS B 365 -3.82 -29.91 -4.01
C LYS B 365 -3.02 -28.67 -3.66
N SER B 366 -2.06 -28.28 -4.50
CA SER B 366 -1.27 -27.09 -4.23
C SER B 366 -2.09 -25.84 -4.51
N PRO B 367 -1.72 -24.71 -3.90
CA PRO B 367 -2.44 -23.45 -4.19
C PRO B 367 -2.17 -22.90 -5.59
N ASN B 368 -1.22 -23.47 -6.33
CA ASN B 368 -0.87 -22.96 -7.64
C ASN B 368 -1.68 -23.58 -8.77
N ARG B 369 -2.61 -24.50 -8.47
CA ARG B 369 -3.31 -25.21 -9.53
C ARG B 369 -4.19 -24.30 -10.36
N HIS B 370 -4.61 -23.15 -9.83
CA HIS B 370 -5.39 -22.22 -10.64
C HIS B 370 -4.49 -21.45 -11.60
N ARG B 371 -3.21 -21.33 -11.30
CA ARG B 371 -2.27 -20.66 -12.20
C ARG B 371 -1.78 -21.58 -13.31
N MET B 372 -1.97 -22.89 -13.16
CA MET B 372 -1.44 -23.83 -14.16
C MET B 372 -2.47 -24.11 -15.26
N VAL B 373 -3.74 -23.83 -15.01
CA VAL B 373 -4.77 -24.04 -16.02
C VAL B 373 -4.86 -22.89 -17.02
N VAL B 374 -4.12 -21.80 -16.80
CA VAL B 374 -4.13 -20.67 -17.71
C VAL B 374 -2.93 -20.68 -18.65
N LEU B 375 -2.02 -21.63 -18.51
CA LEU B 375 -0.87 -21.73 -19.40
C LEU B 375 -1.28 -22.33 -20.73
N GLU B 376 -0.41 -22.16 -21.73
CA GLU B 376 -0.63 -22.80 -23.02
C GLU B 376 0.03 -24.17 -23.05
N PRO B 377 -0.58 -25.14 -23.73
CA PRO B 377 -1.82 -25.06 -24.51
C PRO B 377 -3.07 -25.27 -23.65
N LEU B 378 -2.92 -25.37 -22.32
CA LEU B 378 -4.05 -25.66 -21.46
C LEU B 378 -5.10 -24.56 -21.54
N ASN B 379 -4.67 -23.32 -21.72
CA ASN B 379 -5.62 -22.21 -21.80
C ASN B 379 -6.52 -22.34 -23.01
N LYS B 380 -5.93 -22.69 -24.17
CA LYS B 380 -6.72 -22.84 -25.38
C LYS B 380 -7.38 -24.20 -25.46
N LEU B 381 -6.74 -25.23 -24.89
CA LEU B 381 -7.33 -26.57 -24.92
C LEU B 381 -8.62 -26.62 -24.10
N LEU B 382 -8.62 -25.95 -22.94
CA LEU B 382 -9.82 -25.90 -22.11
C LEU B 382 -10.85 -24.94 -22.69
N GLN B 383 -10.40 -23.86 -23.34
CA GLN B 383 -11.34 -22.92 -23.93
C GLN B 383 -12.13 -23.55 -25.06
N GLU B 384 -11.46 -24.35 -25.90
CA GLU B 384 -12.16 -25.04 -26.97
C GLU B 384 -13.09 -26.12 -26.44
N LYS B 385 -12.73 -26.77 -25.33
CA LYS B 385 -13.64 -27.72 -24.70
C LYS B 385 -14.86 -27.02 -24.11
N TRP B 386 -14.66 -25.83 -23.52
CA TRP B 386 -15.78 -25.09 -22.97
C TRP B 386 -16.73 -24.65 -24.06
N ASP B 387 -16.21 -24.18 -25.20
CA ASP B 387 -17.05 -23.73 -26.29
C ASP B 387 -17.89 -24.87 -26.85
N ARG B 388 -17.36 -26.09 -26.84
CA ARG B 388 -18.13 -27.24 -27.29
C ARG B 388 -19.19 -27.63 -26.27
N LEU B 389 -18.87 -27.49 -24.99
CA LEU B 389 -19.77 -27.91 -23.92
C LEU B 389 -20.54 -26.76 -23.29
N VAL B 390 -20.46 -25.55 -23.85
CA VAL B 390 -21.20 -24.42 -23.30
C VAL B 390 -22.70 -24.62 -23.46
N SER B 391 -23.12 -25.31 -24.53
CA SER B 391 -24.53 -25.60 -24.71
C SER B 391 -25.01 -26.64 -23.71
N ARG B 392 -24.15 -27.61 -23.37
CA ARG B 392 -24.52 -28.60 -22.36
C ARG B 392 -24.62 -27.98 -20.98
N PHE B 393 -23.78 -26.99 -20.68
CA PHE B 393 -23.83 -26.31 -19.39
C PHE B 393 -25.15 -25.57 -19.20
N PHE B 394 -25.60 -24.86 -20.25
CA PHE B 394 -26.84 -24.11 -20.13
C PHE B 394 -28.06 -25.01 -20.18
N PHE B 395 -27.99 -26.13 -20.92
CA PHE B 395 -29.07 -27.11 -20.86
C PHE B 395 -29.19 -27.71 -19.47
N ASN B 396 -28.06 -27.98 -18.82
CA ASN B 396 -28.08 -28.42 -17.43
C ASN B 396 -28.64 -27.32 -16.53
N PHE B 397 -28.28 -26.06 -16.80
CA PHE B 397 -28.82 -24.94 -16.04
C PHE B 397 -30.31 -24.80 -16.27
N ALA B 398 -30.76 -24.95 -17.52
CA ALA B 398 -32.18 -24.83 -17.84
C ALA B 398 -32.99 -25.93 -17.17
N CYS B 399 -32.45 -27.15 -17.14
CA CYS B 399 -33.17 -28.25 -16.50
C CYS B 399 -33.27 -28.04 -15.00
N TYR B 400 -32.26 -27.37 -14.40
CA TYR B 400 -32.33 -27.10 -12.97
C TYR B 400 -33.32 -26.00 -12.66
N LEU B 401 -33.40 -24.98 -13.52
CA LEU B 401 -34.39 -23.92 -13.32
C LEU B 401 -35.81 -24.47 -13.44
N VAL B 402 -36.04 -25.36 -14.41
CA VAL B 402 -37.35 -25.98 -14.55
C VAL B 402 -37.67 -26.83 -13.32
N TYR B 403 -36.69 -27.58 -12.85
CA TYR B 403 -36.88 -28.42 -11.67
C TYR B 403 -37.18 -27.57 -10.44
N MET B 404 -36.47 -26.44 -10.29
CA MET B 404 -36.71 -25.57 -9.15
C MET B 404 -37.99 -24.76 -9.31
N PHE B 405 -38.38 -24.45 -10.55
CA PHE B 405 -39.66 -23.79 -10.78
C PHE B 405 -40.81 -24.69 -10.35
N ILE B 406 -40.71 -25.98 -10.67
CA ILE B 406 -41.70 -26.95 -10.20
C ILE B 406 -41.64 -27.06 -8.68
N PHE B 407 -40.43 -27.04 -8.11
CA PHE B 407 -40.29 -27.16 -6.67
C PHE B 407 -40.94 -25.97 -5.95
N THR B 408 -40.72 -24.76 -6.46
CA THR B 408 -41.27 -23.58 -5.81
C THR B 408 -42.80 -23.56 -5.89
N VAL B 409 -43.35 -23.94 -7.05
CA VAL B 409 -44.80 -23.94 -7.22
C VAL B 409 -45.46 -24.96 -6.29
N VAL B 410 -44.88 -26.16 -6.21
CA VAL B 410 -45.43 -27.20 -5.37
C VAL B 410 -45.32 -26.81 -3.90
N ALA B 411 -44.20 -26.20 -3.51
CA ALA B 411 -44.02 -25.80 -2.11
C ALA B 411 -45.05 -24.75 -1.72
N TYR B 412 -45.30 -23.77 -2.59
CA TYR B 412 -46.26 -22.73 -2.27
C TYR B 412 -47.69 -23.27 -2.22
N HIS B 413 -48.09 -24.03 -3.23
CA HIS B 413 -49.46 -24.52 -3.33
C HIS B 413 -49.69 -25.80 -2.52
N GLN B 414 -48.83 -26.07 -1.54
CA GLN B 414 -49.06 -27.21 -0.67
C GLN B 414 -50.28 -26.97 0.21
N PRO B 415 -51.15 -27.97 0.38
CA PRO B 415 -52.35 -27.86 1.21
C PRO B 415 -52.05 -27.49 2.66
N GLY B 430 -56.77 -29.71 -9.38
CA GLY B 430 -55.72 -29.03 -8.64
C GLY B 430 -54.80 -30.00 -7.92
N GLU B 431 -55.36 -31.05 -7.33
CA GLU B 431 -54.54 -32.06 -6.65
C GLU B 431 -53.77 -32.90 -7.65
N SER B 432 -54.32 -33.11 -8.85
CA SER B 432 -53.64 -33.91 -9.86
C SER B 432 -52.32 -33.26 -10.28
N MET B 433 -52.33 -31.94 -10.51
CA MET B 433 -51.10 -31.25 -10.86
C MET B 433 -50.13 -31.23 -9.68
N LEU B 434 -50.65 -31.08 -8.47
CA LEU B 434 -49.80 -31.16 -7.29
C LEU B 434 -49.18 -32.56 -7.16
N LEU B 435 -49.98 -33.60 -7.40
CA LEU B 435 -49.44 -34.96 -7.39
C LEU B 435 -48.40 -35.14 -8.48
N LEU B 436 -48.67 -34.62 -9.68
CA LEU B 436 -47.68 -34.67 -10.74
C LEU B 436 -46.45 -33.85 -10.37
N GLY B 437 -46.65 -32.69 -9.75
CA GLY B 437 -45.52 -31.90 -9.29
C GLY B 437 -44.73 -32.61 -8.22
N HIS B 438 -45.41 -33.32 -7.32
CA HIS B 438 -44.71 -34.09 -6.29
C HIS B 438 -43.90 -35.22 -6.90
N ILE B 439 -44.44 -35.85 -7.95
CA ILE B 439 -43.71 -36.94 -8.62
C ILE B 439 -42.44 -36.40 -9.28
N LEU B 440 -42.56 -35.26 -9.96
CA LEU B 440 -41.40 -34.71 -10.67
C LEU B 440 -40.28 -34.34 -9.71
N ILE B 441 -40.60 -33.73 -8.58
CA ILE B 441 -39.56 -33.41 -7.61
C ILE B 441 -39.07 -34.67 -6.91
N LEU B 442 -39.89 -35.73 -6.89
CA LEU B 442 -39.41 -37.01 -6.37
C LEU B 442 -38.45 -37.66 -7.36
N LEU B 443 -38.81 -37.67 -8.64
CA LEU B 443 -37.92 -38.20 -9.67
C LEU B 443 -36.68 -37.33 -9.82
N GLY B 444 -36.86 -36.01 -9.78
CA GLY B 444 -35.72 -35.12 -9.84
C GLY B 444 -34.78 -35.28 -8.66
N GLY B 445 -35.35 -35.46 -7.47
CA GLY B 445 -34.51 -35.66 -6.29
C GLY B 445 -33.66 -36.91 -6.37
N ILE B 446 -34.24 -37.98 -6.93
CA ILE B 446 -33.49 -39.22 -7.12
C ILE B 446 -32.40 -39.01 -8.16
N TYR B 447 -32.73 -38.26 -9.23
CA TYR B 447 -31.76 -38.02 -10.29
C TYR B 447 -30.53 -37.29 -9.76
N LEU B 448 -30.75 -36.24 -8.96
CA LEU B 448 -29.62 -35.54 -8.36
C LEU B 448 -28.91 -36.40 -7.32
N LEU B 449 -29.68 -37.25 -6.61
CA LEU B 449 -29.07 -38.12 -5.63
C LEU B 449 -28.15 -39.14 -6.28
N LEU B 450 -28.62 -39.78 -7.37
CA LEU B 450 -27.78 -40.75 -8.07
C LEU B 450 -26.63 -40.07 -8.78
N GLY B 451 -26.85 -38.87 -9.31
CA GLY B 451 -25.78 -38.15 -9.97
C GLY B 451 -24.65 -37.76 -9.03
N GLN B 452 -25.01 -37.28 -7.83
CA GLN B 452 -23.99 -36.89 -6.87
C GLN B 452 -23.32 -38.09 -6.22
N LEU B 453 -24.05 -39.19 -6.01
CA LEU B 453 -23.43 -40.39 -5.48
C LEU B 453 -22.41 -40.96 -6.47
N TRP B 454 -22.74 -40.92 -7.76
CA TRP B 454 -21.79 -41.36 -8.78
C TRP B 454 -20.57 -40.44 -8.82
N TYR B 455 -20.78 -39.14 -8.60
CA TYR B 455 -19.66 -38.20 -8.61
C TYR B 455 -18.72 -38.45 -7.44
N PHE B 456 -19.28 -38.59 -6.24
CA PHE B 456 -18.45 -38.81 -5.06
C PHE B 456 -17.77 -40.17 -5.09
N TRP B 457 -18.39 -41.16 -5.72
CA TRP B 457 -17.75 -42.46 -5.88
C TRP B 457 -16.51 -42.34 -6.76
N ARG B 458 -16.58 -41.52 -7.80
CA ARG B 458 -15.41 -41.31 -8.65
C ARG B 458 -14.40 -40.37 -7.99
N ARG B 459 -14.87 -39.48 -7.12
CA ARG B 459 -14.00 -38.55 -6.41
C ARG B 459 -13.51 -39.09 -5.07
N ARG B 460 -13.81 -40.35 -4.75
CA ARG B 460 -13.47 -40.88 -3.42
C ARG B 460 -11.96 -40.91 -3.18
N LEU B 461 -11.16 -40.94 -4.25
CA LEU B 461 -9.72 -41.06 -4.09
C LEU B 461 -9.06 -39.76 -3.63
N PHE B 462 -9.59 -38.60 -4.02
CA PHE B 462 -9.01 -37.31 -3.64
C PHE B 462 -10.16 -36.34 -3.31
N ILE B 463 -10.45 -36.21 -2.03
CA ILE B 463 -11.45 -35.26 -1.54
C ILE B 463 -11.02 -34.65 -0.22
N MET B 468 -12.72 -27.54 -0.47
CA MET B 468 -13.64 -26.45 -0.78
C MET B 468 -14.02 -26.38 -2.25
N ASP B 469 -13.28 -27.06 -3.13
CA ASP B 469 -13.66 -27.10 -4.53
C ASP B 469 -14.91 -27.93 -4.76
N SER B 470 -15.21 -28.89 -3.89
CA SER B 470 -16.44 -29.66 -3.93
C SER B 470 -17.53 -29.09 -3.05
N TYR B 471 -17.52 -27.76 -2.83
CA TYR B 471 -18.49 -27.13 -1.94
C TYR B 471 -19.91 -27.34 -2.44
N PHE B 472 -20.14 -27.04 -3.72
CA PHE B 472 -21.48 -27.19 -4.29
C PHE B 472 -21.83 -28.65 -4.54
N GLU B 473 -20.82 -29.52 -4.71
CA GLU B 473 -21.10 -30.93 -4.88
C GLU B 473 -21.71 -31.53 -3.61
N ILE B 474 -21.29 -31.04 -2.44
CA ILE B 474 -21.90 -31.48 -1.20
C ILE B 474 -23.32 -30.94 -1.06
N LEU B 475 -23.52 -29.66 -1.39
CA LEU B 475 -24.85 -29.06 -1.29
C LEU B 475 -25.83 -29.70 -2.25
N PHE B 476 -25.40 -29.99 -3.48
CA PHE B 476 -26.29 -30.65 -4.44
C PHE B 476 -26.68 -32.03 -3.96
N LEU B 477 -25.84 -32.68 -3.15
CA LEU B 477 -26.20 -33.97 -2.57
C LEU B 477 -27.21 -33.79 -1.44
N LEU B 478 -27.01 -32.78 -0.59
CA LEU B 478 -27.92 -32.56 0.53
C LEU B 478 -29.31 -32.20 0.04
N GLN B 479 -29.40 -31.34 -0.98
CA GLN B 479 -30.70 -30.98 -1.53
C GLN B 479 -31.42 -32.19 -2.09
N ALA B 480 -30.68 -33.12 -2.69
CA ALA B 480 -31.28 -34.33 -3.22
C ALA B 480 -31.72 -35.27 -2.09
N LEU B 481 -30.88 -35.41 -1.06
CA LEU B 481 -31.23 -36.29 0.05
C LEU B 481 -32.46 -35.80 0.79
N LEU B 482 -32.53 -34.50 1.09
CA LEU B 482 -33.68 -33.95 1.78
C LEU B 482 -34.95 -34.04 0.94
N THR B 483 -34.83 -33.80 -0.37
CA THR B 483 -36.00 -33.92 -1.24
C THR B 483 -36.51 -35.35 -1.29
N VAL B 484 -35.60 -36.33 -1.38
CA VAL B 484 -36.02 -37.73 -1.36
C VAL B 484 -36.63 -38.07 0.00
N LEU B 485 -36.01 -37.61 1.09
CA LEU B 485 -36.54 -37.87 2.41
C LEU B 485 -37.90 -37.21 2.60
N SER B 486 -38.06 -35.98 2.12
CA SER B 486 -39.32 -35.27 2.27
C SER B 486 -40.45 -35.98 1.54
N GLN B 487 -40.17 -36.44 0.32
CA GLN B 487 -41.18 -37.18 -0.43
C GLN B 487 -41.46 -38.54 0.20
N VAL B 488 -40.44 -39.17 0.80
CA VAL B 488 -40.65 -40.41 1.54
C VAL B 488 -41.53 -40.15 2.76
N LEU B 489 -41.26 -39.06 3.47
CA LEU B 489 -42.08 -38.71 4.63
C LEU B 489 -43.52 -38.41 4.23
N ARG B 490 -43.71 -37.74 3.09
CA ARG B 490 -45.07 -37.42 2.64
C ARG B 490 -45.88 -38.69 2.39
N PHE B 491 -45.21 -39.76 1.95
CA PHE B 491 -45.91 -41.03 1.74
C PHE B 491 -46.40 -41.60 3.07
N MET B 492 -45.63 -41.41 4.13
CA MET B 492 -46.03 -41.87 5.47
C MET B 492 -46.94 -40.89 6.19
N GLU B 493 -47.28 -39.76 5.56
CA GLU B 493 -48.23 -38.78 6.06
C GLU B 493 -47.77 -38.10 7.35
N THR B 494 -46.49 -38.17 7.68
CA THR B 494 -45.98 -37.47 8.84
C THR B 494 -45.88 -35.98 8.54
N GLU B 495 -46.16 -35.15 9.55
CA GLU B 495 -46.21 -33.70 9.35
C GLU B 495 -44.82 -33.13 9.08
N TRP B 496 -43.76 -33.85 9.45
CA TRP B 496 -42.41 -33.33 9.27
C TRP B 496 -41.95 -33.34 7.82
N TYR B 497 -42.78 -33.78 6.89
CA TYR B 497 -42.39 -33.72 5.47
C TYR B 497 -42.30 -32.28 5.00
N LEU B 498 -43.16 -31.40 5.51
CA LEU B 498 -43.14 -30.02 5.05
C LEU B 498 -41.86 -29.30 5.42
N PRO B 499 -41.34 -29.38 6.65
CA PRO B 499 -40.05 -28.71 6.94
C PRO B 499 -38.91 -29.18 6.05
N LEU B 500 -38.85 -30.49 5.75
CA LEU B 500 -37.79 -30.98 4.88
C LEU B 500 -37.99 -30.49 3.44
N LEU B 501 -39.24 -30.42 3.00
CA LEU B 501 -39.53 -29.88 1.67
C LEU B 501 -39.12 -28.42 1.57
N VAL B 502 -39.39 -27.64 2.62
CA VAL B 502 -39.04 -26.23 2.62
C VAL B 502 -37.52 -26.04 2.72
N LEU B 503 -36.83 -26.84 3.53
CA LEU B 503 -35.38 -26.75 3.59
C LEU B 503 -34.74 -27.12 2.26
N SER B 504 -35.32 -28.09 1.56
CA SER B 504 -34.82 -28.42 0.22
C SER B 504 -35.01 -27.25 -0.73
N LEU B 505 -36.15 -26.56 -0.64
CA LEU B 505 -36.40 -25.41 -1.50
C LEU B 505 -35.40 -24.30 -1.24
N VAL B 506 -35.05 -24.09 0.04
CA VAL B 506 -34.06 -23.06 0.37
C VAL B 506 -32.69 -23.46 -0.18
N LEU B 507 -32.28 -24.70 0.06
CA LEU B 507 -30.97 -25.16 -0.42
C LEU B 507 -30.92 -25.17 -1.94
N GLY B 508 -32.00 -25.60 -2.59
CA GLY B 508 -32.00 -25.65 -4.05
C GLY B 508 -31.82 -24.29 -4.69
N TRP B 509 -32.46 -23.25 -4.15
CA TRP B 509 -32.28 -21.91 -4.69
C TRP B 509 -30.86 -21.43 -4.46
N LEU B 510 -30.27 -21.77 -3.31
CA LEU B 510 -28.90 -21.35 -3.02
C LEU B 510 -27.90 -22.07 -3.89
N ASN B 511 -28.26 -23.25 -4.41
CA ASN B 511 -27.36 -24.00 -5.28
C ASN B 511 -27.23 -23.36 -6.65
N LEU B 512 -28.04 -22.34 -6.95
CA LEU B 512 -28.00 -21.68 -8.24
C LEU B 512 -26.73 -20.87 -8.47
N LEU B 513 -25.92 -20.64 -7.43
CA LEU B 513 -24.66 -19.95 -7.64
C LEU B 513 -23.67 -20.79 -8.44
N TYR B 514 -23.88 -22.11 -8.47
CA TYR B 514 -22.99 -23.01 -9.19
C TYR B 514 -22.94 -22.68 -10.67
N TYR B 515 -24.04 -22.18 -11.21
CA TYR B 515 -24.12 -21.87 -12.63
C TYR B 515 -23.71 -20.44 -12.96
N THR B 516 -23.27 -19.67 -11.96
CA THR B 516 -22.73 -18.34 -12.24
C THR B 516 -21.36 -18.41 -12.89
N ARG B 517 -20.65 -19.53 -12.72
CA ARG B 517 -19.33 -19.70 -13.31
C ARG B 517 -19.37 -19.82 -14.83
N GLY B 518 -20.55 -20.06 -15.41
CA GLY B 518 -20.66 -20.17 -16.85
C GLY B 518 -20.61 -18.86 -17.61
N PHE B 519 -20.71 -17.74 -16.92
CA PHE B 519 -20.67 -16.42 -17.54
C PHE B 519 -19.52 -15.62 -16.95
N GLN B 520 -18.81 -14.89 -17.82
CA GLN B 520 -17.70 -14.07 -17.36
C GLN B 520 -18.18 -12.94 -16.45
N HIS B 521 -19.39 -12.45 -16.69
CA HIS B 521 -19.96 -11.38 -15.87
C HIS B 521 -20.11 -11.82 -14.42
N THR B 522 -20.75 -12.98 -14.21
CA THR B 522 -21.03 -13.45 -12.87
C THR B 522 -19.94 -14.36 -12.30
N GLY B 523 -19.19 -15.04 -13.17
CA GLY B 523 -18.16 -15.96 -12.70
C GLY B 523 -17.04 -15.29 -11.95
N ILE B 524 -16.51 -14.18 -12.49
CA ILE B 524 -15.42 -13.49 -11.83
C ILE B 524 -15.88 -12.83 -10.54
N TYR B 525 -17.10 -12.29 -10.52
CA TYR B 525 -17.59 -11.61 -9.33
C TYR B 525 -17.77 -12.58 -8.17
N SER B 526 -18.27 -13.78 -8.46
CA SER B 526 -18.54 -14.76 -7.41
C SER B 526 -17.32 -15.55 -6.99
N VAL B 527 -16.12 -15.16 -7.45
CA VAL B 527 -14.91 -15.87 -7.03
C VAL B 527 -14.58 -15.57 -5.58
N MET B 528 -14.67 -14.31 -5.16
CA MET B 528 -14.18 -13.89 -3.84
C MET B 528 -15.28 -14.01 -2.78
N ILE B 529 -15.86 -15.21 -2.70
CA ILE B 529 -16.78 -15.52 -1.60
C ILE B 529 -16.33 -16.80 -0.90
N GLN B 530 -16.05 -17.85 -1.68
CA GLN B 530 -15.64 -19.12 -1.09
C GLN B 530 -14.24 -19.04 -0.51
N LYS B 531 -13.36 -18.22 -1.12
CA LYS B 531 -11.98 -18.17 -0.67
C LYS B 531 -11.83 -17.50 0.69
N VAL B 532 -12.48 -16.35 0.90
CA VAL B 532 -12.28 -15.57 2.11
C VAL B 532 -13.59 -15.34 2.86
N ILE B 533 -14.66 -15.00 2.13
CA ILE B 533 -15.90 -14.55 2.77
C ILE B 533 -16.52 -15.68 3.59
N LEU B 534 -16.69 -16.85 2.98
CA LEU B 534 -17.41 -17.92 3.65
C LEU B 534 -16.61 -18.49 4.82
N ARG B 535 -15.27 -18.50 4.70
CA ARG B 535 -14.45 -19.10 5.73
C ARG B 535 -14.51 -18.32 7.03
N ASP B 536 -14.37 -16.99 6.95
CA ASP B 536 -14.27 -16.18 8.16
C ASP B 536 -15.63 -15.98 8.83
N LEU B 537 -16.72 -16.14 8.08
CA LEU B 537 -18.04 -16.11 8.69
C LEU B 537 -18.21 -17.25 9.67
N LEU B 538 -17.62 -18.40 9.37
CA LEU B 538 -17.68 -19.54 10.28
C LEU B 538 -16.86 -19.27 11.54
N ARG B 539 -15.79 -18.49 11.42
CA ARG B 539 -14.92 -18.24 12.56
C ARG B 539 -15.65 -17.44 13.64
N PHE B 540 -16.39 -16.41 13.22
CA PHE B 540 -17.13 -15.58 14.17
C PHE B 540 -18.25 -16.38 14.82
N LEU B 541 -18.92 -17.24 14.06
CA LEU B 541 -20.09 -17.95 14.56
C LEU B 541 -19.73 -18.89 15.70
N LEU B 542 -18.65 -19.67 15.53
CA LEU B 542 -18.29 -20.64 16.55
C LEU B 542 -17.89 -19.96 17.86
N VAL B 543 -17.11 -18.87 17.77
CA VAL B 543 -16.68 -18.17 18.97
C VAL B 543 -17.87 -17.47 19.63
N TYR B 544 -18.72 -16.83 18.82
CA TYR B 544 -19.83 -16.06 19.35
C TYR B 544 -20.88 -16.96 19.99
N LEU B 545 -21.16 -18.10 19.36
CA LEU B 545 -22.22 -18.99 19.86
C LEU B 545 -21.86 -19.57 21.22
N VAL B 546 -20.56 -19.80 21.46
CA VAL B 546 -20.14 -20.35 22.75
C VAL B 546 -20.46 -19.37 23.88
N PHE B 547 -20.16 -18.09 23.67
CA PHE B 547 -20.38 -17.10 24.72
C PHE B 547 -21.80 -16.54 24.69
N LEU B 548 -22.51 -16.72 23.58
CA LEU B 548 -23.95 -16.50 23.60
C LEU B 548 -24.63 -17.48 24.56
N PHE B 549 -24.17 -18.74 24.54
CA PHE B 549 -24.67 -19.72 25.51
C PHE B 549 -24.26 -19.34 26.94
N GLY B 550 -23.03 -18.85 27.11
CA GLY B 550 -22.58 -18.49 28.45
C GLY B 550 -23.38 -17.37 29.06
N PHE B 551 -23.73 -16.36 28.26
CA PHE B 551 -24.54 -15.25 28.76
C PHE B 551 -26.00 -15.67 28.93
N ALA B 552 -26.49 -16.54 28.04
CA ALA B 552 -27.88 -16.97 28.12
C ALA B 552 -28.17 -17.71 29.41
N VAL B 553 -27.27 -18.61 29.81
CA VAL B 553 -27.44 -19.31 31.08
C VAL B 553 -27.32 -18.33 32.24
N ALA B 554 -26.45 -17.32 32.10
CA ALA B 554 -26.26 -16.34 33.15
C ALA B 554 -27.53 -15.51 33.35
N LEU B 555 -28.14 -15.06 32.25
CA LEU B 555 -29.30 -14.19 32.35
C LEU B 555 -30.49 -14.93 32.96
N VAL B 556 -30.71 -16.19 32.56
CA VAL B 556 -31.87 -16.94 33.06
C VAL B 556 -31.74 -17.16 34.56
N SER B 557 -30.55 -17.57 35.02
CA SER B 557 -30.34 -17.81 36.44
C SER B 557 -30.50 -16.54 37.26
N LEU B 558 -30.02 -15.42 36.73
CA LEU B 558 -30.09 -14.16 37.46
C LEU B 558 -31.49 -13.56 37.44
N SER B 559 -32.27 -13.85 36.40
CA SER B 559 -33.61 -13.31 36.24
C SER B 559 -34.69 -14.18 36.87
N ARG B 560 -34.31 -15.28 37.53
CA ARG B 560 -35.31 -16.17 38.11
C ARG B 560 -35.98 -15.58 39.34
N GLU B 561 -35.38 -14.58 39.96
CA GLU B 561 -35.92 -13.97 41.17
C GLU B 561 -36.63 -12.67 40.82
N ALA B 562 -37.86 -12.52 41.29
CA ALA B 562 -38.65 -11.32 41.04
C ALA B 562 -38.40 -10.28 42.13
N ARG B 563 -38.78 -9.04 41.84
CA ARG B 563 -38.62 -7.94 42.78
C ARG B 563 -39.53 -8.11 43.99
N PRO B 589 -39.20 -12.47 31.81
CA PRO B 589 -38.22 -12.50 30.72
C PRO B 589 -37.11 -13.50 30.96
N TYR B 590 -36.51 -14.00 29.88
CA TYR B 590 -35.41 -14.97 29.95
C TYR B 590 -35.82 -16.21 30.75
N ARG B 591 -36.85 -16.89 30.26
CA ARG B 591 -37.35 -18.08 30.95
C ARG B 591 -36.55 -19.34 30.63
N SER B 592 -35.73 -19.32 29.59
CA SER B 592 -34.97 -20.50 29.20
C SER B 592 -33.77 -20.07 28.35
N ILE B 593 -32.90 -21.04 28.05
CA ILE B 593 -31.74 -20.76 27.22
C ILE B 593 -32.18 -20.32 25.83
N LEU B 594 -33.15 -21.02 25.25
CA LEU B 594 -33.61 -20.70 23.89
C LEU B 594 -34.16 -19.28 23.83
N ASP B 595 -34.94 -18.88 24.83
CA ASP B 595 -35.41 -17.51 24.90
C ASP B 595 -34.25 -16.54 25.10
N ALA B 596 -33.42 -16.80 26.12
CA ALA B 596 -32.32 -15.88 26.42
C ALA B 596 -31.33 -15.80 25.27
N SER B 597 -31.11 -16.91 24.56
CA SER B 597 -30.27 -16.86 23.37
C SER B 597 -30.89 -15.97 22.30
N LEU B 598 -32.22 -16.01 22.17
CA LEU B 598 -32.90 -15.24 21.15
C LEU B 598 -32.82 -13.74 21.44
N GLU B 599 -33.08 -13.34 22.68
CA GLU B 599 -32.98 -11.94 23.04
C GLU B 599 -31.55 -11.42 22.92
N LEU B 600 -30.56 -12.25 23.27
CA LEU B 600 -29.18 -11.82 23.13
C LEU B 600 -28.78 -11.69 21.67
N PHE B 601 -29.34 -12.53 20.79
CA PHE B 601 -28.99 -12.45 19.39
C PHE B 601 -29.61 -11.23 18.72
N LYS B 602 -30.72 -10.73 19.27
CA LYS B 602 -31.37 -9.56 18.71
C LYS B 602 -30.49 -8.32 18.77
N PHE B 603 -29.52 -8.28 19.69
CA PHE B 603 -28.59 -7.16 19.72
C PHE B 603 -27.70 -7.13 18.48
N THR B 604 -27.33 -8.31 17.98
CA THR B 604 -26.49 -8.37 16.79
C THR B 604 -27.23 -7.86 15.56
N ILE B 605 -28.52 -8.16 15.44
CA ILE B 605 -29.31 -7.77 14.29
C ILE B 605 -29.84 -6.35 14.48
N GLY B 606 -29.44 -5.70 15.57
CA GLY B 606 -29.85 -4.34 15.82
C GLY B 606 -31.27 -4.18 16.32
N MET B 607 -31.81 -5.20 16.97
CA MET B 607 -33.17 -5.14 17.52
C MET B 607 -33.19 -5.52 18.99
N GLY B 608 -32.03 -5.56 19.63
CA GLY B 608 -31.97 -5.94 21.03
C GLY B 608 -32.72 -4.96 21.92
N GLU B 609 -33.54 -5.51 22.81
CA GLU B 609 -34.34 -4.72 23.75
C GLU B 609 -33.55 -4.57 25.04
N LEU B 610 -32.78 -3.49 25.13
CA LEU B 610 -31.97 -3.19 26.31
C LEU B 610 -32.75 -2.19 27.17
N ALA B 611 -33.45 -2.72 28.17
CA ALA B 611 -34.30 -1.90 29.02
C ALA B 611 -34.07 -2.26 30.49
N PHE B 612 -34.35 -1.31 31.37
CA PHE B 612 -34.21 -1.50 32.81
C PHE B 612 -35.47 -2.18 33.32
N GLN B 613 -35.44 -3.51 33.39
CA GLN B 613 -36.62 -4.30 33.71
C GLN B 613 -36.85 -4.25 35.22
N GLU B 614 -37.95 -3.61 35.63
CA GLU B 614 -38.24 -3.45 37.05
C GLU B 614 -38.79 -4.73 37.68
N GLN B 615 -39.15 -5.73 36.88
CA GLN B 615 -39.73 -6.95 37.42
C GLN B 615 -38.71 -7.84 38.12
N LEU B 616 -37.42 -7.58 37.91
CA LEU B 616 -36.37 -8.43 38.47
C LEU B 616 -35.80 -7.81 39.73
N ARG B 617 -35.50 -8.67 40.72
CA ARG B 617 -34.89 -8.21 41.96
C ARG B 617 -33.49 -7.65 41.69
N PHE B 618 -32.74 -8.31 40.82
CA PHE B 618 -31.38 -7.90 40.47
C PHE B 618 -31.34 -7.11 39.17
N ARG B 619 -32.35 -6.26 38.97
CA ARG B 619 -32.53 -5.43 37.78
C ARG B 619 -31.26 -4.68 37.39
N GLY B 620 -30.51 -4.18 38.38
CA GLY B 620 -29.27 -3.49 38.07
C GLY B 620 -28.20 -4.39 37.50
N VAL B 621 -28.04 -5.59 38.07
CA VAL B 621 -27.00 -6.50 37.61
C VAL B 621 -27.32 -7.05 36.23
N VAL B 622 -28.59 -7.35 35.96
CA VAL B 622 -28.99 -7.89 34.66
C VAL B 622 -28.63 -6.91 33.55
N LEU B 623 -28.83 -5.61 33.79
CA LEU B 623 -28.45 -4.62 32.81
C LEU B 623 -26.96 -4.60 32.56
N LEU B 624 -26.16 -4.78 33.63
CA LEU B 624 -24.71 -4.80 33.48
C LEU B 624 -24.27 -5.97 32.61
N LEU B 625 -24.89 -7.14 32.80
CA LEU B 625 -24.57 -8.29 31.96
C LEU B 625 -24.95 -8.04 30.51
N LEU B 626 -26.11 -7.43 30.28
CA LEU B 626 -26.52 -7.11 28.92
C LEU B 626 -25.58 -6.09 28.28
N LEU B 627 -25.16 -5.09 29.05
CA LEU B 627 -24.20 -4.12 28.53
C LEU B 627 -22.86 -4.79 28.24
N ALA B 628 -22.37 -5.61 29.17
CA ALA B 628 -21.09 -6.28 28.97
C ALA B 628 -21.12 -7.16 27.74
N TYR B 629 -22.28 -7.75 27.45
CA TYR B 629 -22.42 -8.57 26.25
C TYR B 629 -22.32 -7.72 24.99
N VAL B 630 -22.74 -6.45 25.06
CA VAL B 630 -22.80 -5.61 23.87
C VAL B 630 -21.40 -5.28 23.37
N LEU B 631 -20.57 -4.69 24.24
CA LEU B 631 -19.20 -4.35 23.83
C LEU B 631 -18.38 -5.59 23.55
N LEU B 632 -18.58 -6.66 24.33
CA LEU B 632 -17.87 -7.90 24.08
C LEU B 632 -18.24 -8.50 22.72
N THR B 633 -19.51 -8.39 22.32
CA THR B 633 -19.88 -8.80 20.97
C THR B 633 -19.28 -7.87 19.93
N TYR B 634 -19.28 -6.57 20.20
CA TYR B 634 -18.67 -5.60 19.27
C TYR B 634 -17.20 -5.91 19.05
N VAL B 635 -16.53 -6.45 20.06
CA VAL B 635 -15.15 -6.90 19.89
C VAL B 635 -15.09 -8.00 18.83
N LEU B 636 -16.09 -8.89 18.84
CA LEU B 636 -16.09 -10.00 17.88
C LEU B 636 -16.37 -9.50 16.47
N LEU B 637 -17.34 -8.58 16.30
CA LEU B 637 -17.61 -8.04 14.97
C LEU B 637 -16.40 -7.29 14.43
N LEU B 638 -15.77 -6.45 15.26
CA LEU B 638 -14.61 -5.68 14.79
C LEU B 638 -13.45 -6.61 14.45
N ASN B 639 -13.25 -7.67 15.23
CA ASN B 639 -12.21 -8.64 14.93
C ASN B 639 -12.47 -9.34 13.60
N MET B 640 -13.74 -9.70 13.35
CA MET B 640 -14.08 -10.33 12.08
C MET B 640 -13.93 -9.33 10.94
N LEU B 641 -14.37 -8.09 11.14
CA LEU B 641 -14.23 -7.07 10.11
C LEU B 641 -12.76 -6.81 9.81
N ILE B 642 -11.91 -6.79 10.85
CA ILE B 642 -10.49 -6.62 10.65
C ILE B 642 -9.90 -7.81 9.90
N ALA B 643 -10.37 -9.02 10.24
CA ALA B 643 -9.89 -10.22 9.55
C ALA B 643 -10.29 -10.20 8.08
N LEU B 644 -11.53 -9.78 7.80
CA LEU B 644 -11.97 -9.61 6.41
C LEU B 644 -11.12 -8.56 5.71
N MET B 645 -10.73 -7.52 6.45
CA MET B 645 -10.09 -6.34 5.88
C MET B 645 -8.65 -6.63 5.48
N SER B 646 -7.97 -7.51 6.23
CA SER B 646 -6.54 -7.72 6.05
C SER B 646 -6.20 -8.50 4.78
N GLU B 647 -7.13 -9.30 4.25
CA GLU B 647 -6.81 -10.03 3.04
C GLU B 647 -7.17 -9.26 1.78
N THR B 648 -8.05 -8.26 1.90
CA THR B 648 -8.39 -7.41 0.76
C THR B 648 -7.19 -6.57 0.33
N VAL B 649 -6.46 -6.02 1.29
CA VAL B 649 -5.28 -5.21 0.95
C VAL B 649 -4.21 -6.07 0.32
N ASN B 650 -3.99 -7.26 0.86
CA ASN B 650 -3.02 -8.22 0.31
C ASN B 650 -3.78 -9.20 -0.59
N HIS B 651 -4.28 -8.69 -1.71
CA HIS B 651 -5.01 -9.50 -2.67
C HIS B 651 -4.64 -9.06 -4.07
N VAL B 652 -4.71 -10.00 -5.01
CA VAL B 652 -4.42 -9.76 -6.42
C VAL B 652 -5.70 -9.97 -7.20
N ALA B 653 -6.07 -8.98 -8.02
CA ALA B 653 -7.29 -9.09 -8.81
C ALA B 653 -7.13 -10.10 -9.94
N ASP B 654 -5.89 -10.33 -10.38
CA ASP B 654 -5.66 -11.29 -11.46
C ASP B 654 -5.98 -12.71 -11.04
N ASN B 655 -5.91 -13.00 -9.74
CA ASN B 655 -6.23 -14.35 -9.27
C ASN B 655 -7.70 -14.69 -9.52
N SER B 656 -8.57 -13.67 -9.50
CA SER B 656 -9.99 -13.93 -9.72
C SER B 656 -10.23 -14.50 -11.12
N TRP B 657 -9.51 -14.01 -12.12
CA TRP B 657 -9.68 -14.53 -13.47
C TRP B 657 -9.14 -15.94 -13.60
N SER B 658 -8.02 -16.24 -12.92
CA SER B 658 -7.45 -17.57 -13.01
C SER B 658 -8.24 -18.59 -12.20
N ILE B 659 -8.75 -18.17 -11.04
CA ILE B 659 -9.58 -19.07 -10.24
C ILE B 659 -10.87 -19.42 -10.98
N TRP B 660 -11.47 -18.43 -11.65
CA TRP B 660 -12.67 -18.70 -12.43
C TRP B 660 -12.40 -19.69 -13.54
N LYS B 661 -11.25 -19.56 -14.21
CA LYS B 661 -10.90 -20.50 -15.26
C LYS B 661 -10.70 -21.91 -14.71
N LEU B 662 -10.19 -22.02 -13.47
CA LEU B 662 -10.09 -23.33 -12.83
C LEU B 662 -11.48 -23.91 -12.57
N GLN B 663 -12.44 -23.06 -12.18
CA GLN B 663 -13.81 -23.53 -11.98
C GLN B 663 -14.41 -24.02 -13.28
N LYS B 664 -14.16 -23.32 -14.38
CA LYS B 664 -14.60 -23.81 -15.69
C LYS B 664 -13.82 -25.04 -16.13
N ALA B 665 -12.53 -25.11 -15.75
CA ALA B 665 -11.73 -26.29 -16.10
C ALA B 665 -12.27 -27.54 -15.42
N ILE B 666 -12.66 -27.42 -14.14
CA ILE B 666 -13.24 -28.55 -13.44
C ILE B 666 -14.58 -28.92 -14.04
N SER B 667 -15.36 -27.92 -14.45
CA SER B 667 -16.69 -28.18 -14.99
C SER B 667 -16.62 -28.95 -16.30
N VAL B 668 -15.76 -28.51 -17.23
CA VAL B 668 -15.70 -29.16 -18.54
C VAL B 668 -15.21 -30.60 -18.42
N LEU B 669 -14.34 -30.88 -17.44
CA LEU B 669 -13.88 -32.25 -17.26
C LEU B 669 -14.99 -33.14 -16.71
N GLU B 670 -15.93 -32.58 -15.96
CA GLU B 670 -17.04 -33.37 -15.44
C GLU B 670 -18.08 -33.64 -16.53
N MET B 671 -18.32 -32.65 -17.39
CA MET B 671 -19.29 -32.85 -18.47
C MET B 671 -18.73 -33.75 -19.56
N GLU B 672 -17.40 -33.85 -19.67
CA GLU B 672 -16.82 -34.76 -20.66
C GLU B 672 -17.16 -36.21 -20.34
N ASN B 673 -17.33 -36.55 -19.07
CA ASN B 673 -17.75 -37.89 -18.70
C ASN B 673 -19.21 -38.16 -19.03
N GLY B 674 -19.98 -37.13 -19.31
CA GLY B 674 -21.39 -37.31 -19.59
C GLY B 674 -22.19 -37.48 -18.31
N TYR B 675 -23.42 -37.95 -18.49
CA TYR B 675 -24.33 -38.18 -17.37
C TYR B 675 -24.11 -39.58 -16.79
N TRP B 676 -24.59 -39.76 -15.55
CA TRP B 676 -24.46 -41.06 -14.90
C TRP B 676 -25.26 -42.13 -15.62
N TRP B 677 -26.39 -41.77 -16.21
CA TRP B 677 -27.22 -42.71 -16.94
C TRP B 677 -26.78 -42.89 -18.39
N CYS B 678 -25.88 -42.06 -18.89
CA CYS B 678 -25.39 -42.18 -20.26
C CYS B 678 -23.95 -41.71 -20.37
N ARG B 679 -23.00 -42.64 -20.33
CA ARG B 679 -21.59 -42.31 -20.45
C ARG B 679 -21.26 -42.08 -21.93
N ARG B 680 -20.93 -40.85 -22.28
CA ARG B 680 -20.64 -40.51 -23.66
C ARG B 680 -19.19 -40.84 -24.01
N LYS B 681 -18.96 -41.11 -25.28
CA LYS B 681 -17.61 -41.40 -25.76
C LYS B 681 -16.78 -40.13 -25.79
N LYS B 682 -15.59 -40.19 -25.19
CA LYS B 682 -14.72 -39.01 -25.15
C LYS B 682 -14.11 -38.75 -26.52
N HIS B 683 -14.06 -37.47 -26.88
CA HIS B 683 -13.54 -37.03 -28.17
C HIS B 683 -12.14 -36.49 -27.98
N ARG B 684 -11.17 -37.02 -28.74
CA ARG B 684 -9.79 -36.58 -28.60
C ARG B 684 -9.59 -35.27 -29.34
N GLU B 685 -8.97 -34.30 -28.67
CA GLU B 685 -8.70 -33.01 -29.27
C GLU B 685 -7.43 -33.07 -30.12
N GLY B 686 -7.29 -32.08 -30.99
CA GLY B 686 -6.12 -32.04 -31.85
C GLY B 686 -6.24 -33.02 -33.01
N ARG B 687 -5.15 -33.14 -33.75
CA ARG B 687 -5.10 -34.04 -34.90
C ARG B 687 -3.71 -34.66 -34.99
N LEU B 688 -3.66 -35.83 -35.61
CA LEU B 688 -2.40 -36.55 -35.79
C LEU B 688 -1.60 -35.88 -36.91
N LEU B 689 -0.53 -35.18 -36.54
CA LEU B 689 0.29 -34.44 -37.48
C LEU B 689 1.74 -34.86 -37.33
N LYS B 690 2.43 -35.00 -38.47
CA LYS B 690 3.85 -35.34 -38.46
C LYS B 690 4.66 -34.13 -38.00
N VAL B 691 5.59 -34.37 -37.09
CA VAL B 691 6.45 -33.30 -36.57
C VAL B 691 7.89 -33.78 -36.47
N ASP B 700 7.93 -39.40 -37.07
CA ASP B 700 7.57 -38.79 -35.80
C ASP B 700 6.27 -38.00 -35.94
N GLU B 701 5.15 -38.66 -35.64
CA GLU B 701 3.83 -38.04 -35.73
C GLU B 701 3.16 -38.09 -34.37
N ARG B 702 2.59 -36.95 -33.96
CA ARG B 702 1.98 -36.81 -32.65
C ARG B 702 0.65 -36.11 -32.79
N TRP B 703 -0.21 -36.30 -31.79
CA TRP B 703 -1.49 -35.60 -31.76
C TRP B 703 -1.28 -34.17 -31.26
N CYS B 704 -0.87 -33.29 -32.16
CA CYS B 704 -0.57 -31.90 -31.80
C CYS B 704 -1.83 -31.06 -31.78
N PHE B 705 -1.73 -29.89 -31.16
CA PHE B 705 -2.84 -28.96 -31.03
C PHE B 705 -2.36 -27.58 -31.44
N ARG B 706 -2.91 -27.05 -32.53
CA ARG B 706 -2.48 -25.77 -33.07
C ARG B 706 -2.99 -24.63 -32.20
N VAL B 707 -2.08 -23.77 -31.77
CA VAL B 707 -2.42 -22.60 -30.94
C VAL B 707 -1.93 -21.36 -31.65
N GLU B 708 -2.82 -20.41 -31.87
CA GLU B 708 -2.49 -19.12 -32.48
C GLU B 708 -2.36 -18.07 -31.39
N GLU B 709 -1.18 -17.46 -31.29
CA GLU B 709 -0.89 -16.51 -30.23
C GLU B 709 -0.37 -15.22 -30.84
N VAL B 710 -0.91 -14.09 -30.41
CA VAL B 710 -0.49 -12.76 -30.85
C VAL B 710 0.04 -12.02 -29.64
N ASN B 711 1.25 -11.46 -29.77
CA ASN B 711 1.90 -10.76 -28.65
C ASN B 711 2.68 -9.59 -29.25
N TRP B 712 2.06 -8.40 -29.23
CA TRP B 712 2.73 -7.21 -29.74
C TRP B 712 3.88 -6.79 -28.84
N ALA B 713 3.71 -6.91 -27.53
CA ALA B 713 4.74 -6.46 -26.59
C ALA B 713 6.02 -7.26 -26.75
N ALA B 714 5.90 -8.59 -26.87
CA ALA B 714 7.09 -9.42 -27.03
C ALA B 714 7.72 -9.23 -28.41
N TRP B 715 6.89 -9.06 -29.43
CA TRP B 715 7.41 -8.88 -30.79
C TRP B 715 8.19 -7.57 -30.91
N GLU B 716 7.66 -6.49 -30.31
CA GLU B 716 8.34 -5.20 -30.39
C GLU B 716 9.67 -5.23 -29.65
N LYS B 717 9.73 -5.93 -28.52
CA LYS B 717 11.00 -6.10 -27.82
C LYS B 717 12.01 -6.90 -28.64
N THR B 718 11.51 -7.77 -29.54
CA THR B 718 12.40 -8.53 -30.41
C THR B 718 13.00 -7.66 -31.51
N LEU B 719 12.25 -6.67 -31.98
CA LEU B 719 12.71 -5.83 -33.08
C LEU B 719 13.99 -5.09 -32.69
N PHE C 75 8.78 -31.49 -64.30
CA PHE C 75 9.04 -30.49 -63.28
C PHE C 75 7.73 -30.07 -62.61
N ASP C 76 7.31 -30.83 -61.61
CA ASP C 76 6.04 -30.59 -60.95
C ASP C 76 6.16 -29.57 -59.83
N ARG C 77 5.05 -29.35 -59.13
CA ARG C 77 5.03 -28.38 -58.03
C ARG C 77 5.93 -28.81 -56.88
N ASP C 78 5.91 -30.11 -56.55
CA ASP C 78 6.66 -30.58 -55.39
C ASP C 78 8.16 -30.37 -55.57
N ARG C 79 8.69 -30.71 -56.75
CA ARG C 79 10.11 -30.47 -57.01
C ARG C 79 10.42 -28.99 -57.03
N LEU C 80 9.56 -28.20 -57.66
CA LEU C 80 9.79 -26.76 -57.75
C LEU C 80 9.75 -26.11 -56.37
N PHE C 81 8.82 -26.54 -55.52
CA PHE C 81 8.72 -25.97 -54.18
C PHE C 81 9.90 -26.39 -53.32
N SER C 82 10.48 -27.55 -53.60
CA SER C 82 11.61 -28.02 -52.81
C SER C 82 12.89 -27.26 -53.14
N VAL C 83 13.14 -27.01 -54.43
CA VAL C 83 14.40 -26.38 -54.84
C VAL C 83 14.44 -24.92 -54.40
N VAL C 84 13.30 -24.22 -54.53
CA VAL C 84 13.27 -22.82 -54.11
C VAL C 84 13.43 -22.70 -52.60
N SER C 85 13.01 -23.72 -51.85
CA SER C 85 13.21 -23.73 -50.41
C SER C 85 14.67 -23.98 -50.05
N ARG C 86 15.36 -24.84 -50.81
CA ARG C 86 16.76 -25.12 -50.54
C ARG C 86 17.69 -24.05 -51.12
N GLY C 87 17.18 -23.19 -52.00
CA GLY C 87 17.99 -22.12 -52.55
C GLY C 87 19.14 -22.58 -53.44
N VAL C 88 18.89 -23.53 -54.33
CA VAL C 88 19.92 -24.01 -55.24
C VAL C 88 19.53 -23.65 -56.67
N PRO C 89 20.07 -22.56 -57.23
CA PRO C 89 19.69 -22.18 -58.61
C PRO C 89 20.16 -23.16 -59.67
N GLU C 90 21.15 -24.00 -59.37
CA GLU C 90 21.65 -24.96 -60.37
C GLU C 90 20.62 -26.01 -60.73
N GLU C 91 19.72 -26.35 -59.82
CA GLU C 91 18.67 -27.34 -60.09
C GLU C 91 17.49 -26.75 -60.85
N LEU C 92 17.40 -25.41 -60.92
CA LEU C 92 16.28 -24.75 -61.57
C LEU C 92 16.42 -24.66 -63.08
N THR C 93 17.45 -25.28 -63.66
CA THR C 93 17.68 -25.17 -65.10
C THR C 93 16.55 -25.78 -65.92
N GLY C 94 15.99 -26.90 -65.48
CA GLY C 94 14.96 -27.57 -66.26
C GLY C 94 13.57 -26.97 -66.13
N LEU C 95 13.42 -25.93 -65.31
CA LEU C 95 12.10 -25.34 -65.10
C LEU C 95 11.62 -24.62 -66.35
N LEU C 96 12.50 -23.83 -66.98
CA LEU C 96 12.10 -23.05 -68.14
C LEU C 96 11.72 -23.95 -69.31
N GLU C 97 12.47 -25.03 -69.53
CA GLU C 97 12.16 -25.94 -70.63
C GLU C 97 10.81 -26.61 -70.43
N TYR C 98 10.50 -27.01 -69.19
CA TYR C 98 9.21 -27.66 -68.94
C TYR C 98 8.06 -26.70 -69.16
N LEU C 99 8.20 -25.44 -68.74
CA LEU C 99 7.13 -24.47 -68.93
C LEU C 99 6.88 -24.20 -70.40
N ARG C 100 7.94 -24.06 -71.19
CA ARG C 100 7.78 -23.85 -72.63
C ARG C 100 7.17 -25.08 -73.29
N TRP C 101 7.58 -26.27 -72.87
CA TRP C 101 7.07 -27.50 -73.46
C TRP C 101 5.57 -27.66 -73.19
N ASN C 102 5.13 -27.35 -71.97
CA ASN C 102 3.75 -27.53 -71.58
C ASN C 102 2.91 -26.27 -71.75
N SER C 103 3.52 -25.15 -72.17
CA SER C 103 2.83 -23.88 -72.34
C SER C 103 2.11 -23.46 -71.05
N LYS C 104 2.88 -23.37 -69.98
CA LYS C 104 2.36 -23.03 -68.67
C LYS C 104 3.14 -21.86 -68.09
N TYR C 105 2.58 -21.25 -67.05
CA TYR C 105 3.20 -20.14 -66.36
C TYR C 105 3.27 -20.43 -64.86
N LEU C 106 4.19 -19.76 -64.19
CA LEU C 106 4.37 -19.95 -62.75
C LEU C 106 3.17 -19.48 -61.95
N THR C 107 2.35 -18.60 -62.52
CA THR C 107 1.17 -18.09 -61.84
C THR C 107 -0.04 -19.03 -61.98
N ASP C 108 0.11 -20.11 -62.76
CA ASP C 108 -1.00 -21.04 -62.96
C ASP C 108 -1.36 -21.74 -61.65
N SER C 109 -2.61 -22.20 -61.58
CA SER C 109 -3.10 -22.83 -60.35
C SER C 109 -2.35 -24.12 -60.03
N ALA C 110 -1.72 -24.71 -61.04
CA ALA C 110 -0.98 -25.97 -60.83
C ALA C 110 0.21 -25.77 -59.89
N TYR C 111 0.84 -24.59 -59.94
CA TYR C 111 2.02 -24.31 -59.13
C TYR C 111 1.70 -23.45 -57.91
N THR C 112 0.44 -23.43 -57.48
CA THR C 112 0.02 -22.65 -56.32
C THR C 112 -0.67 -23.59 -55.34
N GLU C 113 -0.34 -23.44 -54.06
CA GLU C 113 -0.98 -24.23 -53.00
C GLU C 113 -2.45 -23.84 -52.89
N GLY C 114 -3.34 -24.82 -53.05
CA GLY C 114 -4.77 -24.56 -53.02
C GLY C 114 -5.28 -24.11 -51.67
N SER C 115 -4.49 -24.35 -50.61
CA SER C 115 -4.92 -23.97 -49.27
C SER C 115 -5.02 -22.45 -49.13
N THR C 116 -4.02 -21.72 -49.62
CA THR C 116 -4.01 -20.27 -49.48
C THR C 116 -3.86 -19.58 -50.83
N GLY C 117 -3.03 -20.15 -51.70
CA GLY C 117 -2.74 -19.52 -52.98
C GLY C 117 -1.30 -19.09 -53.09
N LYS C 118 -0.46 -19.64 -52.22
CA LYS C 118 0.96 -19.31 -52.21
C LYS C 118 1.62 -19.71 -53.52
N THR C 119 2.41 -18.79 -54.09
CA THR C 119 3.13 -19.04 -55.32
C THR C 119 4.55 -19.49 -55.02
N CYS C 120 5.27 -19.82 -56.10
CA CYS C 120 6.65 -20.29 -55.95
C CYS C 120 7.57 -19.20 -55.43
N LEU C 121 7.32 -17.94 -55.80
CA LEU C 121 8.15 -16.85 -55.32
C LEU C 121 7.96 -16.61 -53.82
N MET C 122 6.75 -16.81 -53.32
CA MET C 122 6.49 -16.61 -51.90
C MET C 122 7.28 -17.60 -51.05
N LYS C 123 7.49 -18.80 -51.57
CA LYS C 123 8.29 -19.79 -50.85
C LYS C 123 9.73 -19.33 -50.70
N ALA C 124 10.28 -18.72 -51.76
CA ALA C 124 11.68 -18.32 -51.77
C ALA C 124 11.98 -17.24 -50.74
N VAL C 125 11.09 -16.24 -50.63
CA VAL C 125 11.37 -15.09 -49.77
C VAL C 125 11.35 -15.50 -48.31
N LEU C 126 10.43 -16.39 -47.92
CA LEU C 126 10.42 -16.79 -46.51
C LEU C 126 11.46 -17.84 -46.18
N ASN C 127 12.21 -18.33 -47.17
CA ASN C 127 13.31 -19.26 -46.95
C ASN C 127 14.61 -18.56 -47.36
N LEU C 128 15.20 -17.86 -46.40
CA LEU C 128 16.33 -16.99 -46.66
C LEU C 128 17.62 -17.56 -46.06
N GLN C 129 18.74 -17.27 -46.72
CA GLN C 129 20.06 -17.65 -46.25
C GLN C 129 21.03 -16.49 -46.50
N ASP C 130 21.67 -16.03 -45.42
CA ASP C 130 22.62 -14.92 -45.50
C ASP C 130 21.96 -13.64 -46.01
N GLY C 131 20.64 -13.55 -45.89
CA GLY C 131 19.89 -12.37 -46.26
C GLY C 131 19.40 -12.35 -47.69
N VAL C 132 19.98 -13.13 -48.59
CA VAL C 132 19.58 -13.16 -49.99
C VAL C 132 19.41 -14.61 -50.42
N ASN C 133 18.25 -14.93 -50.99
CA ASN C 133 18.03 -16.25 -51.56
C ASN C 133 18.45 -16.20 -53.03
N ALA C 134 19.49 -16.97 -53.38
CA ALA C 134 20.05 -16.89 -54.72
C ALA C 134 19.10 -17.44 -55.78
N CYS C 135 18.03 -18.13 -55.38
CA CYS C 135 17.12 -18.70 -56.37
C CYS C 135 16.13 -17.69 -56.90
N ILE C 136 15.94 -16.57 -56.18
CA ILE C 136 14.89 -15.62 -56.54
C ILE C 136 15.14 -15.03 -57.93
N MET C 137 16.36 -14.56 -58.17
CA MET C 137 16.66 -13.90 -59.44
C MET C 137 16.49 -14.84 -60.63
N PRO C 138 17.05 -16.05 -60.65
CA PRO C 138 16.75 -16.96 -61.77
C PRO C 138 15.27 -17.30 -61.88
N LEU C 139 14.57 -17.39 -60.76
CA LEU C 139 13.14 -17.70 -60.80
C LEU C 139 12.36 -16.60 -61.48
N LEU C 140 12.70 -15.33 -61.20
CA LEU C 140 11.96 -14.22 -61.78
C LEU C 140 12.20 -14.10 -63.28
N GLN C 141 13.46 -14.29 -63.71
CA GLN C 141 13.77 -14.14 -65.13
C GLN C 141 13.18 -15.28 -65.95
N ILE C 142 12.93 -16.44 -65.34
CA ILE C 142 12.28 -17.53 -66.05
C ILE C 142 10.85 -17.15 -66.43
N ASP C 143 10.14 -16.51 -65.51
CA ASP C 143 8.76 -16.10 -65.79
C ASP C 143 8.71 -15.08 -66.91
N LYS C 144 9.67 -14.16 -66.93
CA LYS C 144 9.74 -13.19 -68.03
C LYS C 144 9.97 -13.88 -69.36
N ASP C 145 10.82 -14.91 -69.37
CA ASP C 145 11.02 -15.69 -70.59
C ASP C 145 9.79 -16.51 -70.93
N SER C 146 9.00 -16.90 -69.94
CA SER C 146 7.82 -17.73 -70.18
C SER C 146 6.67 -16.96 -70.82
N GLY C 147 6.76 -15.63 -70.90
CA GLY C 147 5.68 -14.85 -71.49
C GLY C 147 4.41 -14.85 -70.68
N ASN C 148 4.50 -14.78 -69.36
CA ASN C 148 3.33 -14.76 -68.51
C ASN C 148 2.58 -13.45 -68.68
N PRO C 149 1.29 -13.48 -69.03
CA PRO C 149 0.51 -12.23 -69.05
C PRO C 149 0.43 -11.56 -67.69
N LYS C 150 0.44 -12.31 -66.60
CA LYS C 150 0.53 -11.74 -65.27
C LYS C 150 2.00 -11.66 -64.85
N LEU C 151 2.24 -11.35 -63.59
CA LEU C 151 3.58 -11.29 -63.04
C LEU C 151 3.64 -12.07 -61.74
N LEU C 152 4.66 -12.93 -61.61
CA LEU C 152 4.83 -13.69 -60.38
C LEU C 152 5.12 -12.77 -59.20
N VAL C 153 5.77 -11.64 -59.44
CA VAL C 153 6.08 -10.70 -58.37
C VAL C 153 4.81 -10.05 -57.83
N ASN C 154 3.86 -9.75 -58.71
CA ASN C 154 2.61 -9.12 -58.31
C ASN C 154 1.51 -10.12 -57.97
N ALA C 155 1.81 -11.42 -58.01
CA ALA C 155 0.82 -12.42 -57.65
C ALA C 155 0.47 -12.32 -56.17
N GLN C 156 -0.81 -12.56 -55.86
CA GLN C 156 -1.31 -12.45 -54.50
C GLN C 156 -2.05 -13.72 -54.12
N CYS C 157 -2.13 -13.97 -52.83
CA CYS C 157 -2.86 -15.12 -52.32
C CYS C 157 -4.37 -14.91 -52.52
N THR C 158 -5.11 -16.01 -52.51
CA THR C 158 -6.55 -15.96 -52.72
C THR C 158 -7.37 -16.49 -51.56
N ASP C 159 -6.76 -16.90 -50.45
CA ASP C 159 -7.53 -17.38 -49.31
C ASP C 159 -8.28 -16.23 -48.66
N GLU C 160 -9.38 -16.58 -47.97
CA GLU C 160 -10.18 -15.55 -47.30
C GLU C 160 -9.37 -14.85 -46.21
N PHE C 161 -8.59 -15.61 -45.45
CA PHE C 161 -7.82 -15.03 -44.36
C PHE C 161 -6.62 -14.24 -44.86
N TYR C 162 -5.93 -14.75 -45.88
CA TYR C 162 -4.70 -14.14 -46.37
C TYR C 162 -4.86 -13.52 -47.75
N GLN C 163 -6.03 -12.98 -48.08
CA GLN C 163 -6.25 -12.37 -49.38
C GLN C 163 -5.35 -11.16 -49.56
N GLY C 164 -4.71 -11.08 -50.72
CA GLY C 164 -3.85 -9.97 -51.05
C GLY C 164 -2.41 -10.09 -50.59
N HIS C 165 -2.08 -11.12 -49.82
CA HIS C 165 -0.71 -11.30 -49.36
C HIS C 165 0.21 -11.58 -50.55
N SER C 166 1.37 -10.95 -50.54
CA SER C 166 2.28 -11.03 -51.68
C SER C 166 3.70 -11.27 -51.20
N ALA C 167 4.58 -11.60 -52.14
CA ALA C 167 5.98 -11.83 -51.81
C ALA C 167 6.65 -10.55 -51.32
N LEU C 168 6.17 -9.39 -51.76
CA LEU C 168 6.75 -8.13 -51.29
C LEU C 168 6.48 -7.93 -49.80
N HIS C 169 5.28 -8.31 -49.34
CA HIS C 169 4.98 -8.20 -47.91
C HIS C 169 5.91 -9.10 -47.09
N ILE C 170 6.19 -10.30 -47.58
CA ILE C 170 7.06 -11.23 -46.87
C ILE C 170 8.47 -10.67 -46.78
N ALA C 171 8.93 -9.99 -47.84
CA ALA C 171 10.29 -9.48 -47.86
C ALA C 171 10.51 -8.43 -46.76
N ILE C 172 9.55 -7.52 -46.59
CA ILE C 172 9.67 -6.52 -45.54
C ILE C 172 9.54 -7.16 -44.16
N GLU C 173 8.65 -8.15 -44.02
CA GLU C 173 8.46 -8.80 -42.74
C GLU C 173 9.74 -9.50 -42.29
N LYS C 174 10.45 -10.15 -43.21
CA LYS C 174 11.69 -10.84 -42.91
C LYS C 174 12.84 -9.89 -42.62
N ARG C 175 12.62 -8.57 -42.72
CA ARG C 175 13.63 -7.55 -42.43
C ARG C 175 14.88 -7.75 -43.28
N SER C 176 14.65 -7.92 -44.59
CA SER C 176 15.71 -8.14 -45.56
C SER C 176 15.56 -7.12 -46.68
N LEU C 177 16.28 -6.01 -46.57
CA LEU C 177 16.17 -4.94 -47.56
C LEU C 177 16.63 -5.43 -48.94
N GLN C 178 17.60 -6.36 -48.95
CA GLN C 178 18.18 -6.81 -50.21
C GLN C 178 17.13 -7.46 -51.11
N CYS C 179 16.25 -8.28 -50.53
CA CYS C 179 15.18 -8.87 -51.32
C CYS C 179 14.19 -7.80 -51.80
N VAL C 180 13.83 -6.87 -50.92
CA VAL C 180 12.92 -5.79 -51.30
C VAL C 180 13.52 -4.99 -52.46
N LYS C 181 14.85 -4.78 -52.41
CA LYS C 181 15.53 -4.17 -53.54
C LYS C 181 15.39 -5.02 -54.79
N LEU C 182 15.43 -6.35 -54.63
CA LEU C 182 15.44 -7.24 -55.77
C LEU C 182 14.08 -7.27 -56.47
N LEU C 183 12.99 -7.33 -55.71
CA LEU C 183 11.68 -7.50 -56.32
C LEU C 183 11.27 -6.26 -57.12
N VAL C 184 11.47 -5.07 -56.55
CA VAL C 184 11.01 -3.85 -57.22
C VAL C 184 11.85 -3.57 -58.45
N GLU C 185 13.10 -4.04 -58.48
CA GLU C 185 13.91 -3.90 -59.68
C GLU C 185 13.35 -4.73 -60.83
N ASN C 186 12.68 -5.83 -60.51
CA ASN C 186 12.04 -6.69 -61.51
C ASN C 186 10.58 -6.35 -61.73
N GLY C 187 10.06 -5.31 -61.09
CA GLY C 187 8.71 -4.86 -61.32
C GLY C 187 7.71 -5.16 -60.22
N ALA C 188 8.12 -5.10 -58.96
CA ALA C 188 7.18 -5.34 -57.87
C ALA C 188 6.27 -4.14 -57.70
N ASP C 189 4.97 -4.40 -57.60
CA ASP C 189 4.00 -3.35 -57.36
C ASP C 189 4.04 -2.96 -55.89
N VAL C 190 4.48 -1.73 -55.59
CA VAL C 190 4.58 -1.29 -54.21
C VAL C 190 3.22 -0.98 -53.60
N HIS C 191 2.16 -0.94 -54.41
CA HIS C 191 0.81 -0.65 -53.93
C HIS C 191 -0.05 -1.89 -53.81
N LEU C 192 0.55 -3.07 -53.64
CA LEU C 192 -0.23 -4.27 -53.41
C LEU C 192 -0.96 -4.17 -52.07
N ARG C 193 -2.22 -4.60 -52.06
CA ARG C 193 -3.10 -4.41 -50.91
C ARG C 193 -3.48 -5.77 -50.34
N ALA C 194 -2.87 -6.12 -49.20
CA ALA C 194 -3.18 -7.35 -48.49
C ALA C 194 -4.40 -7.12 -47.61
N CYS C 195 -5.58 -7.46 -48.11
CA CYS C 195 -6.82 -7.19 -47.42
C CYS C 195 -7.54 -8.42 -46.90
N GLY C 196 -6.82 -9.48 -46.58
CA GLY C 196 -7.44 -10.68 -46.04
C GLY C 196 -7.92 -10.48 -44.61
N ARG C 197 -8.71 -11.44 -44.15
CA ARG C 197 -9.25 -11.38 -42.79
C ARG C 197 -8.17 -11.41 -41.73
N PHE C 198 -7.01 -12.01 -42.05
CA PHE C 198 -5.90 -12.00 -41.10
C PHE C 198 -5.33 -10.60 -40.93
N PHE C 199 -5.32 -9.80 -41.99
CA PHE C 199 -4.75 -8.45 -41.92
C PHE C 199 -5.76 -7.41 -41.45
N GLN C 200 -7.05 -7.69 -41.56
CA GLN C 200 -8.06 -6.77 -41.06
C GLN C 200 -8.05 -6.76 -39.54
N LYS C 201 -8.30 -5.58 -38.96
CA LYS C 201 -8.29 -5.44 -37.51
C LYS C 201 -9.61 -5.94 -36.92
N HIS C 202 -9.51 -6.94 -36.05
CA HIS C 202 -10.68 -7.50 -35.38
C HIS C 202 -10.22 -8.24 -34.13
N GLN C 203 -11.19 -8.54 -33.27
CA GLN C 203 -10.90 -9.26 -32.02
C GLN C 203 -10.61 -10.72 -32.36
N GLY C 204 -9.34 -11.07 -32.45
CA GLY C 204 -8.95 -12.42 -32.78
C GLY C 204 -7.51 -12.46 -33.24
N THR C 205 -7.16 -13.55 -33.91
CA THR C 205 -5.83 -13.72 -34.47
C THR C 205 -5.71 -12.85 -35.71
N CYS C 206 -5.01 -11.72 -35.59
CA CYS C 206 -4.88 -10.79 -36.69
C CYS C 206 -3.61 -9.97 -36.50
N PHE C 207 -3.17 -9.35 -37.60
CA PHE C 207 -2.00 -8.48 -37.60
C PHE C 207 -2.33 -7.30 -38.51
N TYR C 208 -2.86 -6.23 -37.92
CA TYR C 208 -3.20 -5.03 -38.68
C TYR C 208 -2.00 -4.11 -38.75
N PHE C 209 -1.59 -3.79 -39.98
CA PHE C 209 -0.48 -2.88 -40.23
C PHE C 209 -0.82 -1.92 -41.36
N GLY C 210 -2.11 -1.62 -41.53
CA GLY C 210 -2.54 -1.12 -42.81
C GLY C 210 -2.68 -2.29 -43.77
N GLU C 211 -2.56 -2.00 -45.07
CA GLU C 211 -2.60 -3.05 -46.07
C GLU C 211 -1.59 -2.90 -47.17
N LEU C 212 -0.69 -1.94 -47.11
CA LEU C 212 0.31 -1.70 -48.15
C LEU C 212 1.70 -2.04 -47.64
N PRO C 213 2.61 -2.40 -48.56
CA PRO C 213 4.00 -2.64 -48.14
C PRO C 213 4.64 -1.42 -47.47
N LEU C 214 4.28 -0.23 -47.91
CA LEU C 214 4.77 0.98 -47.26
C LEU C 214 4.27 1.08 -45.82
N SER C 215 2.99 0.75 -45.61
CA SER C 215 2.46 0.76 -44.24
C SER C 215 3.05 -0.37 -43.41
N LEU C 216 3.32 -1.52 -44.03
CA LEU C 216 3.99 -2.61 -43.33
C LEU C 216 5.41 -2.21 -42.94
N ALA C 217 6.12 -1.53 -43.84
CA ALA C 217 7.47 -1.09 -43.55
C ALA C 217 7.50 0.03 -42.52
N ALA C 218 6.35 0.65 -42.23
CA ALA C 218 6.28 1.70 -41.22
C ALA C 218 5.91 1.17 -39.85
N CYS C 219 4.96 0.23 -39.76
CA CYS C 219 4.63 -0.38 -38.49
C CYS C 219 5.81 -1.14 -37.89
N THR C 220 6.51 -1.91 -38.71
CA THR C 220 7.81 -2.43 -38.31
C THR C 220 8.85 -1.32 -38.39
N LYS C 221 9.66 -1.18 -37.34
CA LYS C 221 10.64 -0.11 -37.28
C LYS C 221 11.76 -0.43 -38.25
N GLN C 222 11.52 -0.16 -39.55
CA GLN C 222 12.47 -0.42 -40.62
C GLN C 222 12.63 0.88 -41.42
N TRP C 223 13.58 1.70 -41.00
CA TRP C 223 13.84 2.96 -41.71
C TRP C 223 14.40 2.70 -43.10
N ASP C 224 15.39 1.82 -43.20
CA ASP C 224 16.07 1.62 -44.48
C ASP C 224 15.12 1.15 -45.56
N VAL C 225 14.14 0.31 -45.20
CA VAL C 225 13.14 -0.13 -46.17
C VAL C 225 12.20 1.01 -46.54
N VAL C 226 11.75 1.78 -45.54
CA VAL C 226 10.63 2.70 -45.77
C VAL C 226 11.08 3.88 -46.63
N THR C 227 12.34 4.30 -46.50
CA THR C 227 12.84 5.37 -47.37
C THR C 227 13.01 4.89 -48.79
N TYR C 228 13.57 3.70 -48.97
CA TYR C 228 13.85 3.21 -50.32
C TYR C 228 12.55 2.97 -51.08
N LEU C 229 11.52 2.48 -50.38
CA LEU C 229 10.22 2.28 -51.03
C LEU C 229 9.63 3.61 -51.50
N LEU C 230 9.97 4.69 -50.81
CA LEU C 230 9.35 5.98 -51.12
C LEU C 230 10.10 6.72 -52.24
N GLU C 231 11.43 6.58 -52.30
CA GLU C 231 12.23 7.37 -53.22
C GLU C 231 13.03 6.52 -54.21
N ASN C 232 12.60 5.28 -54.45
CA ASN C 232 13.27 4.47 -55.45
C ASN C 232 12.92 4.96 -56.85
N PRO C 233 13.86 4.85 -57.80
CA PRO C 233 13.56 5.29 -59.17
C PRO C 233 12.71 4.32 -59.96
N HIS C 234 12.61 3.06 -59.54
CA HIS C 234 11.83 2.08 -60.29
C HIS C 234 10.33 2.34 -60.13
N GLN C 235 9.84 2.30 -58.91
CA GLN C 235 8.44 2.58 -58.62
C GLN C 235 8.29 3.15 -57.22
N PRO C 236 8.20 4.47 -57.08
CA PRO C 236 8.13 5.06 -55.74
C PRO C 236 6.76 4.93 -55.12
N ALA C 237 6.74 4.60 -53.83
CA ALA C 237 5.49 4.53 -53.10
C ALA C 237 5.00 5.94 -52.77
N SER C 238 3.72 6.04 -52.46
CA SER C 238 3.08 7.32 -52.13
C SER C 238 2.52 7.25 -50.72
N LEU C 239 2.82 8.28 -49.92
CA LEU C 239 2.28 8.35 -48.56
C LEU C 239 0.77 8.60 -48.55
N GLU C 240 0.21 9.06 -49.68
CA GLU C 240 -1.22 9.33 -49.77
C GLU C 240 -2.03 8.09 -50.13
N ALA C 241 -1.38 6.95 -50.33
CA ALA C 241 -2.10 5.72 -50.65
C ALA C 241 -2.93 5.28 -49.45
N THR C 242 -4.09 4.69 -49.74
CA THR C 242 -5.04 4.28 -48.72
C THR C 242 -5.36 2.80 -48.88
N ASP C 243 -5.67 2.16 -47.75
CA ASP C 243 -6.06 0.76 -47.74
C ASP C 243 -7.57 0.63 -47.92
N SER C 244 -8.10 -0.57 -47.66
CA SER C 244 -9.52 -0.83 -47.82
C SER C 244 -10.39 0.03 -46.91
N LEU C 245 -9.90 0.44 -45.75
CA LEU C 245 -10.64 1.31 -44.85
C LEU C 245 -10.32 2.78 -45.07
N GLY C 246 -9.53 3.11 -46.08
CA GLY C 246 -9.11 4.48 -46.32
C GLY C 246 -7.96 4.95 -45.48
N ASN C 247 -7.37 4.08 -44.67
CA ASN C 247 -6.26 4.47 -43.80
C ASN C 247 -4.98 4.64 -44.60
N THR C 248 -4.32 5.78 -44.43
CA THR C 248 -3.02 6.01 -45.03
C THR C 248 -1.93 5.45 -44.13
N VAL C 249 -0.68 5.81 -44.43
CA VAL C 249 0.44 5.35 -43.61
C VAL C 249 0.37 5.98 -42.23
N LEU C 250 -0.04 7.24 -42.15
CA LEU C 250 -0.16 7.91 -40.86
C LEU C 250 -1.30 7.35 -40.03
N HIS C 251 -2.42 6.99 -40.68
CA HIS C 251 -3.51 6.36 -39.95
C HIS C 251 -3.11 5.00 -39.40
N ALA C 252 -2.37 4.21 -40.19
CA ALA C 252 -1.96 2.88 -39.75
C ALA C 252 -1.05 2.96 -38.54
N LEU C 253 -0.14 3.94 -38.51
CA LEU C 253 0.74 4.09 -37.36
C LEU C 253 -0.05 4.41 -36.10
N VAL C 254 -1.12 5.18 -36.23
CA VAL C 254 -1.93 5.52 -35.06
C VAL C 254 -2.59 4.29 -34.48
N MET C 255 -3.17 3.44 -35.34
CA MET C 255 -3.90 2.28 -34.84
C MET C 255 -2.99 1.28 -34.14
N ILE C 256 -1.79 1.07 -34.66
CA ILE C 256 -0.87 0.08 -34.11
C ILE C 256 -0.11 0.68 -32.92
N ALA C 257 -0.39 1.95 -32.62
CA ALA C 257 0.31 2.62 -31.52
C ALA C 257 -0.34 2.28 -30.19
N ASP C 258 0.41 1.64 -29.32
CA ASP C 258 -0.06 1.39 -27.96
C ASP C 258 0.32 2.56 -27.05
N ASN C 259 -0.20 2.52 -25.83
CA ASN C 259 0.13 3.53 -24.84
C ASN C 259 1.39 3.20 -24.05
N SER C 260 2.01 2.06 -24.35
CA SER C 260 3.30 1.73 -23.76
C SER C 260 4.34 2.75 -24.20
N PRO C 261 5.23 3.20 -23.30
CA PRO C 261 6.16 4.25 -23.69
C PRO C 261 7.39 3.77 -24.46
N GLU C 262 7.56 2.46 -24.64
CA GLU C 262 8.53 1.98 -25.62
C GLU C 262 7.92 1.96 -27.01
N ASN C 263 6.65 1.54 -27.11
CA ASN C 263 5.97 1.52 -28.40
C ASN C 263 5.69 2.94 -28.89
N SER C 264 5.18 3.79 -28.02
CA SER C 264 4.77 5.13 -28.44
C SER C 264 5.96 5.97 -28.90
N ALA C 265 7.15 5.74 -28.33
CA ALA C 265 8.32 6.48 -28.76
C ALA C 265 8.69 6.18 -30.20
N LEU C 266 8.60 4.90 -30.60
CA LEU C 266 8.95 4.54 -31.98
C LEU C 266 7.88 4.98 -32.96
N VAL C 267 6.60 4.90 -32.56
CA VAL C 267 5.52 5.34 -33.44
C VAL C 267 5.60 6.84 -33.69
N ILE C 268 5.86 7.62 -32.64
CA ILE C 268 5.99 9.06 -32.80
C ILE C 268 7.19 9.39 -33.69
N HIS C 269 8.32 8.73 -33.45
CA HIS C 269 9.51 8.99 -34.25
C HIS C 269 9.29 8.58 -35.70
N MET C 270 8.58 7.46 -35.91
CA MET C 270 8.19 7.09 -37.27
C MET C 270 7.19 8.09 -37.85
N TYR C 271 6.29 8.60 -37.01
CA TYR C 271 5.29 9.55 -37.48
C TYR C 271 5.95 10.83 -37.98
N ASP C 272 6.89 11.37 -37.20
CA ASP C 272 7.55 12.61 -37.60
C ASP C 272 8.41 12.41 -38.85
N GLY C 273 9.13 11.29 -38.90
CA GLY C 273 10.01 11.06 -40.03
C GLY C 273 9.27 10.92 -41.35
N LEU C 274 8.17 10.16 -41.35
CA LEU C 274 7.37 10.04 -42.56
C LEU C 274 6.72 11.37 -42.92
N LEU C 275 6.26 12.12 -41.92
CA LEU C 275 5.66 13.42 -42.18
C LEU C 275 6.68 14.41 -42.73
N GLN C 276 7.89 14.41 -42.17
CA GLN C 276 8.94 15.31 -42.67
C GLN C 276 9.35 14.94 -44.09
N MET C 277 9.55 13.64 -44.35
CA MET C 277 9.94 13.22 -45.69
C MET C 277 8.82 13.44 -46.69
N GLY C 278 7.57 13.49 -46.21
CA GLY C 278 6.46 13.80 -47.10
C GLY C 278 6.52 15.21 -47.63
N ALA C 279 7.17 16.11 -46.89
CA ALA C 279 7.35 17.49 -47.36
C ALA C 279 8.32 17.56 -48.52
N ARG C 280 9.10 16.52 -48.77
CA ARG C 280 10.03 16.52 -49.89
C ARG C 280 9.41 15.87 -51.12
N LEU C 281 8.81 14.69 -50.96
CA LEU C 281 8.25 13.96 -52.09
C LEU C 281 6.94 14.58 -52.58
N CYS C 282 6.08 15.02 -51.68
CA CYS C 282 4.80 15.60 -52.07
C CYS C 282 4.53 16.88 -51.26
N PRO C 283 5.24 17.97 -51.55
CA PRO C 283 5.01 19.22 -50.80
C PRO C 283 3.60 19.76 -50.95
N THR C 284 2.97 19.55 -52.10
CA THR C 284 1.63 20.11 -52.34
C THR C 284 0.52 19.31 -51.67
N VAL C 285 0.82 18.15 -51.10
CA VAL C 285 -0.18 17.30 -50.47
C VAL C 285 0.00 17.36 -48.97
N GLN C 286 -1.09 17.68 -48.26
CA GLN C 286 -1.08 17.74 -46.79
C GLN C 286 -1.49 16.38 -46.27
N LEU C 287 -0.51 15.62 -45.78
CA LEU C 287 -0.77 14.26 -45.32
C LEU C 287 -1.61 14.25 -44.05
N GLU C 288 -1.56 15.33 -43.27
CA GLU C 288 -2.28 15.36 -42.00
C GLU C 288 -3.78 15.56 -42.18
N GLU C 289 -4.23 15.97 -43.35
CA GLU C 289 -5.64 16.27 -43.59
C GLU C 289 -6.33 15.24 -44.46
N ILE C 290 -5.72 14.08 -44.67
CA ILE C 290 -6.36 13.02 -45.44
C ILE C 290 -7.33 12.28 -44.54
N SER C 291 -8.57 12.15 -44.99
CA SER C 291 -9.62 11.50 -44.20
C SER C 291 -9.92 10.12 -44.75
N ASN C 292 -10.05 9.15 -43.85
CA ASN C 292 -10.39 7.79 -44.24
C ASN C 292 -11.88 7.67 -44.52
N HIS C 293 -12.35 6.43 -44.70
CA HIS C 293 -13.77 6.20 -44.98
C HIS C 293 -14.66 6.61 -43.81
N GLN C 294 -14.12 6.70 -42.60
CA GLN C 294 -14.89 7.19 -41.46
C GLN C 294 -14.86 8.72 -41.36
N GLY C 295 -14.12 9.39 -42.23
CA GLY C 295 -14.00 10.83 -42.17
C GLY C 295 -13.07 11.38 -41.11
N LEU C 296 -12.16 10.56 -40.59
CA LEU C 296 -11.27 10.95 -39.51
C LEU C 296 -9.87 11.19 -40.03
N THR C 297 -9.29 12.34 -39.66
CA THR C 297 -7.90 12.62 -39.94
C THR C 297 -7.02 11.85 -38.96
N PRO C 298 -5.71 11.76 -39.22
CA PRO C 298 -4.83 11.08 -38.25
C PRO C 298 -4.91 11.66 -36.85
N LEU C 299 -5.17 12.96 -36.73
CA LEU C 299 -5.36 13.55 -35.40
C LEU C 299 -6.70 13.13 -34.80
N LYS C 300 -7.76 13.15 -35.62
CA LYS C 300 -9.07 12.74 -35.13
C LYS C 300 -9.11 11.26 -34.81
N LEU C 301 -8.40 10.44 -35.59
CA LEU C 301 -8.38 9.00 -35.33
C LEU C 301 -7.76 8.68 -33.98
N ALA C 302 -6.69 9.40 -33.61
CA ALA C 302 -6.08 9.18 -32.30
C ALA C 302 -7.03 9.52 -31.17
N ALA C 303 -7.84 10.58 -31.34
CA ALA C 303 -8.82 10.92 -30.31
C ALA C 303 -9.90 9.85 -30.20
N LYS C 304 -10.37 9.33 -31.33
CA LYS C 304 -11.40 8.30 -31.29
C LYS C 304 -10.86 6.99 -30.73
N GLU C 305 -9.65 6.60 -31.13
CA GLU C 305 -9.06 5.36 -30.64
C GLU C 305 -8.61 5.47 -29.20
N GLY C 306 -8.57 6.66 -28.63
CA GLY C 306 -8.17 6.83 -27.24
C GLY C 306 -6.70 6.62 -26.99
N LYS C 307 -5.86 6.91 -27.98
CA LYS C 307 -4.41 6.74 -27.86
C LYS C 307 -3.77 8.09 -27.58
N ILE C 308 -3.70 8.40 -26.28
CA ILE C 308 -3.31 9.74 -25.84
C ILE C 308 -1.86 10.03 -26.16
N GLU C 309 -1.00 9.01 -26.10
CA GLU C 309 0.43 9.23 -26.26
C GLU C 309 0.77 9.82 -27.61
N ILE C 310 0.16 9.29 -28.69
CA ILE C 310 0.36 9.89 -30.00
C ILE C 310 -0.56 11.09 -30.19
N PHE C 311 -1.70 11.11 -29.51
CA PHE C 311 -2.61 12.24 -29.59
C PHE C 311 -1.97 13.50 -29.01
N ARG C 312 -1.26 13.35 -27.89
CA ARG C 312 -0.61 14.50 -27.27
C ARG C 312 0.46 15.08 -28.17
N HIS C 313 1.24 14.21 -28.83
CA HIS C 313 2.36 14.70 -29.65
C HIS C 313 1.87 15.50 -30.84
N ILE C 314 0.80 15.06 -31.49
CA ILE C 314 0.31 15.77 -32.68
C ILE C 314 -0.19 17.15 -32.31
N LEU C 315 -0.92 17.26 -31.19
CA LEU C 315 -1.41 18.56 -30.75
C LEU C 315 -0.27 19.52 -30.44
N GLN C 316 0.77 19.03 -29.78
CA GLN C 316 1.90 19.85 -29.35
C GLN C 316 3.11 19.67 -30.25
N ARG C 317 2.91 19.31 -31.52
CA ARG C 317 4.03 19.09 -32.43
C ARG C 317 4.69 20.42 -32.76
N GLU C 318 6.02 20.45 -32.64
CA GLU C 318 6.80 21.64 -32.95
C GLU C 318 8.10 21.24 -33.63
N PHE C 319 8.40 21.90 -34.76
CA PHE C 319 9.62 21.66 -35.51
C PHE C 319 10.29 22.99 -35.81
N SER C 320 11.58 22.91 -36.12
CA SER C 320 12.38 24.08 -36.46
C SER C 320 13.13 23.82 -37.75
N GLY C 321 13.44 24.91 -38.47
CA GLY C 321 14.14 24.83 -39.72
C GLY C 321 13.20 24.75 -40.90
N PRO C 322 13.59 23.99 -41.93
CA PRO C 322 12.71 23.86 -43.11
C PRO C 322 11.40 23.16 -42.82
N TYR C 323 11.33 22.34 -41.76
CA TYR C 323 10.12 21.60 -41.42
C TYR C 323 9.26 22.34 -40.40
N GLN C 324 9.52 23.62 -40.17
CA GLN C 324 8.74 24.45 -39.27
C GLN C 324 7.25 24.51 -39.65
N PRO C 325 6.88 24.63 -40.93
CA PRO C 325 5.45 24.67 -41.27
C PRO C 325 4.69 23.42 -40.87
N LEU C 326 5.37 22.30 -40.65
CA LEU C 326 4.70 21.08 -40.19
C LEU C 326 4.30 21.14 -38.73
N SER C 327 4.72 22.16 -37.99
CA SER C 327 4.42 22.25 -36.57
C SER C 327 2.96 22.66 -36.35
N ARG C 328 2.44 22.26 -35.19
CA ARG C 328 1.13 22.72 -34.74
C ARG C 328 1.22 23.60 -33.50
N LYS C 329 2.36 23.63 -32.83
CA LYS C 329 2.61 24.51 -31.69
C LYS C 329 3.75 25.45 -32.03
N PHE C 330 3.47 26.75 -32.00
CA PHE C 330 4.46 27.78 -32.35
C PHE C 330 4.74 28.61 -31.12
N THR C 331 5.97 28.51 -30.60
CA THR C 331 6.36 29.31 -29.43
C THR C 331 6.47 30.77 -29.83
N GLU C 332 5.71 31.63 -29.15
CA GLU C 332 5.74 33.05 -29.45
C GLU C 332 6.90 33.76 -28.75
N TRP C 333 6.98 33.67 -27.43
CA TRP C 333 8.14 34.15 -26.70
C TRP C 333 8.25 33.38 -25.39
N CYS C 334 9.50 33.14 -24.99
CA CYS C 334 9.79 32.43 -23.75
C CYS C 334 10.61 33.34 -22.84
N TYR C 335 10.16 33.50 -21.60
CA TYR C 335 10.83 34.38 -20.65
C TYR C 335 10.86 33.67 -19.30
N GLY C 336 11.99 33.05 -18.98
CA GLY C 336 12.11 32.28 -17.77
C GLY C 336 11.18 31.09 -17.77
N PRO C 337 10.42 30.92 -16.69
CA PRO C 337 9.47 29.79 -16.61
C PRO C 337 8.20 30.01 -17.40
N VAL C 338 7.97 31.20 -17.95
CA VAL C 338 6.75 31.54 -18.65
C VAL C 338 6.96 31.35 -20.15
N ARG C 339 6.16 30.48 -20.76
CA ARG C 339 6.19 30.24 -22.19
C ARG C 339 4.85 30.59 -22.81
N VAL C 340 4.89 31.24 -23.97
CA VAL C 340 3.70 31.58 -24.72
C VAL C 340 3.77 30.88 -26.07
N SER C 341 2.79 30.03 -26.35
CA SER C 341 2.80 29.20 -27.54
C SER C 341 1.47 29.35 -28.28
N LEU C 342 1.55 29.38 -29.61
CA LEU C 342 0.37 29.44 -30.45
C LEU C 342 0.02 28.03 -30.91
N TYR C 343 -1.10 27.51 -30.43
CA TYR C 343 -1.56 26.17 -30.77
C TYR C 343 -2.56 26.23 -31.90
N ASP C 344 -2.36 25.39 -32.91
CA ASP C 344 -3.28 25.36 -34.06
C ASP C 344 -4.58 24.69 -33.65
N LEU C 345 -5.71 25.33 -33.99
CA LEU C 345 -7.03 24.81 -33.68
C LEU C 345 -7.70 24.13 -34.86
N SER C 346 -6.98 23.91 -35.96
CA SER C 346 -7.58 23.25 -37.11
C SER C 346 -8.02 21.84 -36.73
N SER C 347 -9.27 21.52 -37.05
CA SER C 347 -9.88 20.22 -36.75
C SER C 347 -9.91 19.95 -35.25
N VAL C 348 -9.66 20.97 -34.43
CA VAL C 348 -9.67 20.82 -32.98
C VAL C 348 -10.80 21.63 -32.35
N ASP C 349 -10.98 22.87 -32.82
CA ASP C 349 -12.05 23.71 -32.29
C ASP C 349 -13.41 23.09 -32.60
N SER C 350 -14.34 23.23 -31.65
CA SER C 350 -15.66 22.64 -31.79
C SER C 350 -16.56 23.40 -32.76
N TRP C 351 -16.07 24.49 -33.36
CA TRP C 351 -16.89 25.22 -34.33
C TRP C 351 -17.20 24.36 -35.54
N GLU C 352 -16.28 23.53 -35.98
CA GLU C 352 -16.47 22.64 -37.12
C GLU C 352 -17.02 21.31 -36.64
N LYS C 353 -17.91 20.73 -37.45
CA LYS C 353 -18.52 19.45 -37.11
C LYS C 353 -17.49 18.33 -37.13
N ASN C 354 -17.74 17.31 -36.31
CA ASN C 354 -16.86 16.15 -36.19
C ASN C 354 -15.44 16.56 -35.81
N SER C 355 -15.33 17.51 -34.89
CA SER C 355 -14.02 17.98 -34.45
C SER C 355 -13.45 17.03 -33.41
N VAL C 356 -12.21 17.31 -33.01
CA VAL C 356 -11.54 16.47 -32.01
C VAL C 356 -12.24 16.57 -30.67
N LEU C 357 -12.69 17.77 -30.29
CA LEU C 357 -13.37 17.94 -29.01
C LEU C 357 -14.67 17.15 -28.96
N GLU C 358 -15.44 17.15 -30.05
CA GLU C 358 -16.68 16.39 -30.07
C GLU C 358 -16.42 14.89 -30.06
N ILE C 359 -15.35 14.45 -30.73
CA ILE C 359 -15.05 13.02 -30.81
C ILE C 359 -14.71 12.47 -29.42
N ILE C 360 -13.91 13.20 -28.66
CA ILE C 360 -13.50 12.73 -27.34
C ILE C 360 -14.70 12.60 -26.43
N ALA C 361 -15.58 13.60 -26.44
CA ALA C 361 -16.70 13.61 -25.50
C ALA C 361 -17.75 12.57 -25.86
N PHE C 362 -18.04 12.40 -27.14
CA PHE C 362 -19.15 11.55 -27.57
C PHE C 362 -18.71 10.31 -28.31
N HIS C 363 -17.92 10.44 -29.38
CA HIS C 363 -17.56 9.31 -30.22
C HIS C 363 -16.49 8.41 -29.60
N CYS C 364 -15.65 8.94 -28.73
CA CYS C 364 -14.64 8.12 -28.07
C CYS C 364 -15.28 7.26 -26.99
N LYS C 365 -14.75 6.05 -26.82
CA LYS C 365 -15.27 5.11 -25.82
C LYS C 365 -14.17 4.49 -24.98
N SER C 366 -12.91 4.90 -25.16
CA SER C 366 -11.81 4.36 -24.40
C SER C 366 -11.83 4.93 -22.98
N PRO C 367 -11.23 4.22 -22.01
CA PRO C 367 -11.15 4.77 -20.66
C PRO C 367 -10.22 5.95 -20.52
N ASN C 368 -9.44 6.28 -21.55
CA ASN C 368 -8.47 7.37 -21.47
C ASN C 368 -9.04 8.71 -21.88
N ARG C 369 -10.33 8.79 -22.25
CA ARG C 369 -10.87 10.03 -22.78
C ARG C 369 -10.90 11.14 -21.74
N HIS C 370 -10.93 10.81 -20.45
CA HIS C 370 -10.86 11.86 -19.43
C HIS C 370 -9.45 12.41 -19.29
N ARG C 371 -8.44 11.63 -19.66
CA ARG C 371 -7.06 12.12 -19.60
C ARG C 371 -6.70 12.96 -20.82
N MET C 372 -7.50 12.90 -21.89
CA MET C 372 -7.14 13.61 -23.10
C MET C 372 -7.74 15.01 -23.13
N VAL C 373 -8.76 15.27 -22.30
CA VAL C 373 -9.35 16.60 -22.25
C VAL C 373 -8.59 17.55 -21.35
N VAL C 374 -7.56 17.08 -20.65
CA VAL C 374 -6.74 17.92 -19.79
C VAL C 374 -5.44 18.34 -20.45
N LEU C 375 -5.17 17.87 -21.66
CA LEU C 375 -3.96 18.25 -22.37
C LEU C 375 -4.11 19.64 -22.97
N GLU C 376 -2.98 20.23 -23.35
CA GLU C 376 -3.01 21.51 -24.04
C GLU C 376 -3.08 21.29 -25.55
N PRO C 377 -3.79 22.15 -26.29
CA PRO C 377 -4.52 23.33 -25.82
C PRO C 377 -5.93 23.02 -25.35
N LEU C 378 -6.30 21.73 -25.29
CA LEU C 378 -7.66 21.36 -24.92
C LEU C 378 -8.01 21.83 -23.51
N ASN C 379 -7.03 21.83 -22.60
CA ASN C 379 -7.29 22.27 -21.23
C ASN C 379 -7.67 23.73 -21.19
N LYS C 380 -6.96 24.58 -21.94
CA LYS C 380 -7.27 26.00 -21.95
C LYS C 380 -8.41 26.32 -22.92
N LEU C 381 -8.54 25.56 -24.01
CA LEU C 381 -9.62 25.80 -24.95
C LEU C 381 -10.98 25.53 -24.32
N LEU C 382 -11.07 24.46 -23.53
CA LEU C 382 -12.32 24.15 -22.85
C LEU C 382 -12.55 25.07 -21.65
N GLN C 383 -11.47 25.50 -20.99
CA GLN C 383 -11.62 26.40 -19.85
C GLN C 383 -12.18 27.75 -20.29
N GLU C 384 -11.71 28.27 -21.43
CA GLU C 384 -12.23 29.53 -21.93
C GLU C 384 -13.67 29.39 -22.42
N LYS C 385 -14.03 28.22 -22.95
CA LYS C 385 -15.42 27.99 -23.32
C LYS C 385 -16.31 27.90 -22.09
N TRP C 386 -15.82 27.28 -21.02
CA TRP C 386 -16.58 27.19 -19.78
C TRP C 386 -16.82 28.56 -19.17
N ASP C 387 -15.78 29.42 -19.18
CA ASP C 387 -15.92 30.75 -18.61
C ASP C 387 -16.94 31.58 -19.37
N ARG C 388 -17.03 31.38 -20.69
CA ARG C 388 -18.04 32.08 -21.48
C ARG C 388 -19.44 31.54 -21.20
N LEU C 389 -19.55 30.23 -20.99
CA LEU C 389 -20.84 29.58 -20.81
C LEU C 389 -21.17 29.28 -19.35
N VAL C 390 -20.38 29.78 -18.40
CA VAL C 390 -20.67 29.54 -16.99
C VAL C 390 -21.94 30.27 -16.57
N SER C 391 -22.23 31.42 -17.21
CA SER C 391 -23.48 32.12 -16.91
C SER C 391 -24.68 31.37 -17.46
N ARG C 392 -24.52 30.73 -18.61
CA ARG C 392 -25.61 29.93 -19.18
C ARG C 392 -25.88 28.70 -18.34
N PHE C 393 -24.83 28.10 -17.76
CA PHE C 393 -25.01 26.92 -16.92
C PHE C 393 -25.82 27.25 -15.68
N PHE C 394 -25.53 28.39 -15.04
CA PHE C 394 -26.26 28.75 -13.83
C PHE C 394 -27.66 29.26 -14.14
N PHE C 395 -27.85 29.91 -15.29
CA PHE C 395 -29.20 30.26 -15.71
C PHE C 395 -30.04 29.02 -15.95
N ASN C 396 -29.45 27.99 -16.56
CA ASN C 396 -30.13 26.71 -16.69
C ASN C 396 -30.41 26.10 -15.32
N PHE C 397 -29.44 26.21 -14.40
CA PHE C 397 -29.65 25.72 -13.05
C PHE C 397 -30.75 26.50 -12.34
N ALA C 398 -30.75 27.82 -12.51
CA ALA C 398 -31.76 28.65 -11.86
C ALA C 398 -33.16 28.34 -12.39
N CYS C 399 -33.27 28.11 -13.70
CA CYS C 399 -34.58 27.78 -14.28
C CYS C 399 -35.07 26.43 -13.79
N TYR C 400 -34.15 25.50 -13.51
CA TYR C 400 -34.55 24.20 -13.00
C TYR C 400 -34.99 24.29 -11.54
N LEU C 401 -34.30 25.11 -10.73
CA LEU C 401 -34.72 25.31 -9.36
C LEU C 401 -36.09 25.95 -9.28
N VAL C 402 -36.36 26.94 -10.13
CA VAL C 402 -37.68 27.56 -10.17
C VAL C 402 -38.73 26.55 -10.59
N TYR C 403 -38.41 25.74 -11.59
CA TYR C 403 -39.36 24.71 -12.05
C TYR C 403 -39.63 23.69 -10.96
N MET C 404 -38.59 23.29 -10.23
CA MET C 404 -38.79 22.33 -9.14
C MET C 404 -39.42 22.96 -7.92
N PHE C 405 -39.18 24.25 -7.70
CA PHE C 405 -39.87 24.95 -6.60
C PHE C 405 -41.36 24.99 -6.86
N ILE C 406 -41.75 25.24 -8.11
CA ILE C 406 -43.17 25.18 -8.48
C ILE C 406 -43.69 23.75 -8.34
N PHE C 407 -42.87 22.77 -8.74
CA PHE C 407 -43.28 21.38 -8.65
C PHE C 407 -43.53 20.96 -7.20
N THR C 408 -42.64 21.35 -6.29
CA THR C 408 -42.78 20.96 -4.90
C THR C 408 -44.00 21.62 -4.27
N VAL C 409 -44.25 22.89 -4.57
CA VAL C 409 -45.39 23.60 -3.98
C VAL C 409 -46.70 22.99 -4.48
N VAL C 410 -46.78 22.69 -5.77
CA VAL C 410 -48.01 22.12 -6.33
C VAL C 410 -48.24 20.72 -5.78
N ALA C 411 -47.16 19.93 -5.63
CA ALA C 411 -47.30 18.58 -5.11
C ALA C 411 -47.82 18.59 -3.68
N TYR C 412 -47.29 19.50 -2.85
CA TYR C 412 -47.73 19.57 -1.45
C TYR C 412 -49.16 20.06 -1.34
N HIS C 413 -49.51 21.15 -2.02
CA HIS C 413 -50.82 21.76 -1.91
C HIS C 413 -51.85 21.10 -2.82
N GLN C 414 -51.60 19.87 -3.25
CA GLN C 414 -52.59 19.14 -4.03
C GLN C 414 -53.79 18.79 -3.15
N PRO C 415 -55.02 18.96 -3.66
CA PRO C 415 -56.25 18.65 -2.92
C PRO C 415 -56.31 17.19 -2.46
N GLY C 430 -57.16 30.12 -4.55
CA GLY C 430 -56.24 29.04 -4.25
C GLY C 430 -56.15 28.02 -5.38
N GLU C 431 -57.29 27.69 -5.97
CA GLU C 431 -57.29 26.75 -7.10
C GLU C 431 -56.69 27.39 -8.35
N SER C 432 -56.83 28.70 -8.51
CA SER C 432 -56.28 29.37 -9.68
C SER C 432 -54.77 29.26 -9.72
N MET C 433 -54.10 29.49 -8.58
CA MET C 433 -52.66 29.35 -8.53
C MET C 433 -52.24 27.89 -8.72
N LEU C 434 -53.02 26.96 -8.15
CA LEU C 434 -52.75 25.54 -8.39
C LEU C 434 -52.91 25.19 -9.85
N LEU C 435 -53.96 25.72 -10.50
CA LEU C 435 -54.13 25.50 -11.94
C LEU C 435 -52.98 26.12 -12.73
N LEU C 436 -52.57 27.32 -12.35
CA LEU C 436 -51.40 27.94 -12.98
C LEU C 436 -50.14 27.13 -12.71
N GLY C 437 -50.00 26.63 -11.48
CA GLY C 437 -48.87 25.78 -11.16
C GLY C 437 -48.89 24.48 -11.94
N HIS C 438 -50.08 23.91 -12.13
CA HIS C 438 -50.20 22.69 -12.94
C HIS C 438 -49.83 22.95 -14.39
N ILE C 439 -50.19 24.12 -14.92
CA ILE C 439 -49.86 24.46 -16.29
C ILE C 439 -48.34 24.60 -16.46
N LEU C 440 -47.70 25.27 -15.51
CA LEU C 440 -46.26 25.49 -15.62
C LEU C 440 -45.48 24.18 -15.60
N ILE C 441 -45.86 23.26 -14.71
CA ILE C 441 -45.18 21.97 -14.70
C ILE C 441 -45.58 21.13 -15.91
N LEU C 442 -46.75 21.41 -16.51
CA LEU C 442 -47.09 20.76 -17.77
C LEU C 442 -46.26 21.31 -18.92
N LEU C 443 -46.13 22.64 -18.99
CA LEU C 443 -45.29 23.25 -20.02
C LEU C 443 -43.82 22.91 -19.78
N GLY C 444 -43.39 22.94 -18.52
CA GLY C 444 -42.01 22.58 -18.21
C GLY C 444 -41.72 21.12 -18.54
N GLY C 445 -42.66 20.23 -18.26
CA GLY C 445 -42.45 18.83 -18.59
C GLY C 445 -42.29 18.58 -20.07
N ILE C 446 -43.08 19.31 -20.88
CA ILE C 446 -42.94 19.20 -22.33
C ILE C 446 -41.60 19.76 -22.77
N TYR C 447 -41.17 20.87 -22.16
CA TYR C 447 -39.90 21.49 -22.53
C TYR C 447 -38.73 20.53 -22.28
N LEU C 448 -38.71 19.87 -21.13
CA LEU C 448 -37.67 18.90 -20.86
C LEU C 448 -37.83 17.67 -21.74
N LEU C 449 -39.07 17.30 -22.06
CA LEU C 449 -39.30 16.16 -22.93
C LEU C 449 -38.77 16.42 -24.34
N LEU C 450 -39.08 17.59 -24.90
CA LEU C 450 -38.59 17.92 -26.23
C LEU C 450 -37.09 18.14 -26.23
N GLY C 451 -36.55 18.72 -25.15
CA GLY C 451 -35.12 18.94 -25.07
C GLY C 451 -34.34 17.63 -25.02
N GLN C 452 -34.81 16.66 -24.25
CA GLN C 452 -34.12 15.38 -24.16
C GLN C 452 -34.32 14.52 -25.40
N LEU C 453 -35.49 14.60 -26.04
CA LEU C 453 -35.70 13.88 -27.28
C LEU C 453 -34.79 14.41 -28.38
N TRP C 454 -34.60 15.73 -28.43
CA TRP C 454 -33.67 16.32 -29.38
C TRP C 454 -32.23 15.89 -29.09
N TYR C 455 -31.89 15.77 -27.80
CA TYR C 455 -30.55 15.37 -27.42
C TYR C 455 -30.28 13.91 -27.83
N PHE C 456 -31.21 13.01 -27.53
CA PHE C 456 -31.00 11.61 -27.86
C PHE C 456 -31.05 11.37 -29.37
N TRP C 457 -31.80 12.20 -30.11
CA TRP C 457 -31.79 12.10 -31.56
C TRP C 457 -30.42 12.44 -32.12
N ARG C 458 -29.76 13.43 -31.54
CA ARG C 458 -28.41 13.78 -31.98
C ARG C 458 -27.37 12.79 -31.44
N ARG C 459 -27.67 12.16 -30.31
CA ARG C 459 -26.76 11.18 -29.72
C ARG C 459 -27.05 9.76 -30.17
N ARG C 460 -27.97 9.56 -31.12
CA ARG C 460 -28.37 8.21 -31.51
C ARG C 460 -27.23 7.41 -32.11
N LEU C 461 -26.22 8.10 -32.66
CA LEU C 461 -25.13 7.40 -33.34
C LEU C 461 -24.15 6.74 -32.38
N PHE C 462 -23.95 7.30 -31.18
CA PHE C 462 -23.02 6.73 -30.20
C PHE C 462 -23.63 6.86 -28.81
N ILE C 463 -24.25 5.78 -28.34
CA ILE C 463 -24.81 5.72 -27.00
C ILE C 463 -24.64 4.32 -26.40
N MET C 468 -22.76 5.21 -19.39
CA MET C 468 -22.93 5.84 -18.09
C MET C 468 -22.71 7.35 -18.12
N ASP C 469 -22.11 7.88 -19.19
CA ASP C 469 -21.96 9.32 -19.31
C ASP C 469 -23.30 10.01 -19.56
N SER C 470 -24.27 9.31 -20.15
CA SER C 470 -25.61 9.82 -20.34
C SER C 470 -26.55 9.41 -19.21
N TYR C 471 -26.03 9.20 -18.01
CA TYR C 471 -26.85 8.75 -16.88
C TYR C 471 -27.94 9.75 -16.55
N PHE C 472 -27.56 11.03 -16.43
CA PHE C 472 -28.55 12.06 -16.10
C PHE C 472 -29.41 12.42 -17.30
N GLU C 473 -28.91 12.19 -18.51
CA GLU C 473 -29.73 12.45 -19.69
C GLU C 473 -30.92 11.51 -19.76
N ILE C 474 -30.75 10.27 -19.29
CA ILE C 474 -31.88 9.35 -19.22
C ILE C 474 -32.85 9.76 -18.13
N LEU C 475 -32.33 10.14 -16.96
CA LEU C 475 -33.20 10.55 -15.85
C LEU C 475 -33.97 11.82 -16.18
N PHE C 476 -33.32 12.79 -16.83
CA PHE C 476 -34.03 14.01 -17.21
C PHE C 476 -35.14 13.72 -18.20
N LEU C 477 -35.01 12.65 -18.98
CA LEU C 477 -36.08 12.24 -19.89
C LEU C 477 -37.22 11.58 -19.12
N LEU C 478 -36.88 10.72 -18.16
CA LEU C 478 -37.91 10.02 -17.39
C LEU C 478 -38.75 11.01 -16.57
N GLN C 479 -38.08 11.99 -15.94
CA GLN C 479 -38.81 12.98 -15.16
C GLN C 479 -39.76 13.77 -16.06
N ALA C 480 -39.36 14.05 -17.30
CA ALA C 480 -40.23 14.76 -18.22
C ALA C 480 -41.39 13.89 -18.68
N LEU C 481 -41.12 12.61 -18.97
CA LEU C 481 -42.17 11.71 -19.42
C LEU C 481 -43.23 11.50 -18.35
N LEU C 482 -42.79 11.25 -17.11
CA LEU C 482 -43.73 11.04 -16.02
C LEU C 482 -44.53 12.31 -15.72
N THR C 483 -43.89 13.48 -15.77
CA THR C 483 -44.61 14.72 -15.54
C THR C 483 -45.67 14.97 -16.61
N VAL C 484 -45.33 14.69 -17.88
CA VAL C 484 -46.31 14.83 -18.96
C VAL C 484 -47.43 13.81 -18.78
N LEU C 485 -47.07 12.57 -18.44
CA LEU C 485 -48.08 11.54 -18.22
C LEU C 485 -48.97 11.88 -17.04
N SER C 486 -48.38 12.38 -15.95
CA SER C 486 -49.16 12.72 -14.76
C SER C 486 -50.16 13.83 -15.07
N GLN C 487 -49.73 14.86 -15.80
CA GLN C 487 -50.65 15.92 -16.16
C GLN C 487 -51.70 15.44 -17.16
N VAL C 488 -51.34 14.50 -18.04
CA VAL C 488 -52.32 13.90 -18.93
C VAL C 488 -53.34 13.10 -18.13
N LEU C 489 -52.87 12.34 -17.15
CA LEU C 489 -53.79 11.58 -16.29
C LEU C 489 -54.69 12.50 -15.50
N ARG C 490 -54.18 13.62 -15.01
CA ARG C 490 -55.00 14.55 -14.24
C ARG C 490 -56.15 15.09 -15.07
N PHE C 491 -55.94 15.25 -16.38
CA PHE C 491 -57.02 15.70 -17.26
C PHE C 491 -58.13 14.66 -17.34
N MET C 492 -57.77 13.38 -17.31
CA MET C 492 -58.74 12.30 -17.33
C MET C 492 -59.30 11.98 -15.96
N GLU C 493 -58.87 12.69 -14.92
CA GLU C 493 -59.38 12.59 -13.55
C GLU C 493 -59.13 11.23 -12.92
N THR C 494 -58.21 10.44 -13.45
CA THR C 494 -57.86 9.17 -12.84
C THR C 494 -57.02 9.40 -11.60
N GLU C 495 -57.22 8.58 -10.57
CA GLU C 495 -56.53 8.79 -9.30
C GLU C 495 -55.04 8.52 -9.40
N TRP C 496 -54.61 7.78 -10.43
CA TRP C 496 -53.20 7.41 -10.55
C TRP C 496 -52.33 8.58 -11.01
N TYR C 497 -52.90 9.77 -11.21
CA TYR C 497 -52.09 10.93 -11.56
C TYR C 497 -51.19 11.34 -10.40
N LEU C 498 -51.69 11.19 -9.16
CA LEU C 498 -50.90 11.61 -8.01
C LEU C 498 -49.63 10.78 -7.84
N PRO C 499 -49.66 9.44 -7.91
CA PRO C 499 -48.39 8.69 -7.81
C PRO C 499 -47.36 9.08 -8.86
N LEU C 500 -47.79 9.33 -10.09
CA LEU C 500 -46.85 9.74 -11.13
C LEU C 500 -46.31 11.15 -10.85
N LEU C 501 -47.16 12.03 -10.34
CA LEU C 501 -46.70 13.37 -9.97
C LEU C 501 -45.67 13.31 -8.86
N VAL C 502 -45.90 12.44 -7.87
CA VAL C 502 -44.97 12.31 -6.75
C VAL C 502 -43.66 11.64 -7.19
N LEU C 503 -43.74 10.63 -8.06
CA LEU C 503 -42.51 10.02 -8.58
C LEU C 503 -41.70 11.02 -9.39
N SER C 504 -42.37 11.88 -10.15
CA SER C 504 -41.67 12.94 -10.87
C SER C 504 -40.98 13.89 -9.92
N LEU C 505 -41.64 14.23 -8.81
CA LEU C 505 -41.03 15.12 -7.82
C LEU C 505 -39.80 14.50 -7.20
N VAL C 506 -39.83 13.19 -6.94
CA VAL C 506 -38.67 12.51 -6.38
C VAL C 506 -37.54 12.49 -7.40
N LEU C 507 -37.83 12.12 -8.64
CA LEU C 507 -36.80 12.07 -9.66
C LEU C 507 -36.24 13.46 -9.96
N GLY C 508 -37.11 14.47 -10.01
CA GLY C 508 -36.65 15.82 -10.30
C GLY C 508 -35.67 16.35 -9.27
N TRP C 509 -35.92 16.10 -7.99
CA TRP C 509 -34.98 16.52 -6.95
C TRP C 509 -33.65 15.78 -7.08
N LEU C 510 -33.72 14.49 -7.42
CA LEU C 510 -32.50 13.70 -7.57
C LEU C 510 -31.69 14.13 -8.79
N ASN C 511 -32.35 14.74 -9.78
CA ASN C 511 -31.65 15.20 -10.97
C ASN C 511 -30.79 16.43 -10.69
N LEU C 512 -30.90 17.01 -9.50
CA LEU C 512 -30.14 18.19 -9.14
C LEU C 512 -28.65 17.93 -8.98
N LEU C 513 -28.22 16.66 -8.94
CA LEU C 513 -26.79 16.37 -8.88
C LEU C 513 -26.09 16.74 -10.18
N TYR C 514 -26.84 16.85 -11.27
CA TYR C 514 -26.27 17.17 -12.58
C TYR C 514 -25.57 18.52 -12.55
N TYR C 515 -26.08 19.44 -11.73
CA TYR C 515 -25.53 20.78 -11.66
C TYR C 515 -24.44 20.93 -10.61
N THR C 516 -24.07 19.85 -9.93
CA THR C 516 -22.93 19.90 -9.03
C THR C 516 -21.60 19.98 -9.78
N ARG C 517 -21.59 19.56 -11.04
CA ARG C 517 -20.37 19.61 -11.84
C ARG C 517 -19.94 21.02 -12.20
N GLY C 518 -20.82 22.01 -12.01
CA GLY C 518 -20.48 23.39 -12.32
C GLY C 518 -19.60 24.08 -11.29
N PHE C 519 -19.41 23.47 -10.13
CA PHE C 519 -18.57 24.03 -9.07
C PHE C 519 -17.46 23.05 -8.74
N GLN C 520 -16.25 23.58 -8.53
CA GLN C 520 -15.11 22.74 -8.19
C GLN C 520 -15.31 22.09 -6.82
N HIS C 521 -16.02 22.77 -5.92
CA HIS C 521 -16.27 22.22 -4.60
C HIS C 521 -17.10 20.94 -4.67
N THR C 522 -18.20 20.99 -5.40
CA THR C 522 -19.11 19.85 -5.47
C THR C 522 -18.81 18.91 -6.64
N GLY C 523 -18.20 19.42 -7.71
CA GLY C 523 -17.92 18.61 -8.87
C GLY C 523 -16.94 17.48 -8.62
N ILE C 524 -15.84 17.79 -7.95
CA ILE C 524 -14.83 16.77 -7.66
C ILE C 524 -15.36 15.74 -6.66
N TYR C 525 -16.13 16.19 -5.67
CA TYR C 525 -16.64 15.27 -4.66
C TYR C 525 -17.61 14.27 -5.24
N SER C 526 -18.47 14.71 -6.17
CA SER C 526 -19.48 13.85 -6.74
C SER C 526 -18.96 12.99 -7.89
N VAL C 527 -17.65 12.97 -8.12
CA VAL C 527 -17.11 12.13 -9.18
C VAL C 527 -17.20 10.65 -8.81
N MET C 528 -16.83 10.30 -7.58
CA MET C 528 -16.69 8.90 -7.18
C MET C 528 -18.01 8.34 -6.65
N ILE C 529 -19.06 8.47 -7.46
CA ILE C 529 -20.33 7.81 -7.16
C ILE C 529 -20.76 6.98 -8.37
N GLN C 530 -20.75 7.60 -9.56
CA GLN C 530 -21.18 6.90 -10.76
C GLN C 530 -20.17 5.83 -11.17
N LYS C 531 -18.88 6.06 -10.92
CA LYS C 531 -17.86 5.12 -11.37
C LYS C 531 -17.90 3.81 -10.60
N VAL C 532 -17.99 3.87 -9.26
CA VAL C 532 -17.88 2.67 -8.44
C VAL C 532 -19.11 2.48 -7.55
N ILE C 533 -19.60 3.55 -6.93
CA ILE C 533 -20.64 3.43 -5.91
C ILE C 533 -21.93 2.90 -6.53
N LEU C 534 -22.40 3.53 -7.60
CA LEU C 534 -23.70 3.18 -8.15
C LEU C 534 -23.68 1.80 -8.79
N ARG C 535 -22.55 1.40 -9.37
CA ARG C 535 -22.48 0.12 -10.08
C ARG C 535 -22.61 -1.06 -9.13
N ASP C 536 -21.89 -1.03 -8.02
CA ASP C 536 -21.84 -2.18 -7.13
C ASP C 536 -23.09 -2.28 -6.27
N LEU C 537 -23.81 -1.18 -6.09
CA LEU C 537 -25.10 -1.24 -5.40
C LEU C 537 -26.10 -2.09 -6.18
N LEU C 538 -26.01 -2.03 -7.51
CA LEU C 538 -26.88 -2.86 -8.35
C LEU C 538 -26.52 -4.33 -8.23
N ARG C 539 -25.23 -4.62 -8.00
CA ARG C 539 -24.79 -6.02 -7.95
C ARG C 539 -25.40 -6.73 -6.75
N PHE C 540 -25.40 -6.06 -5.59
CA PHE C 540 -25.97 -6.66 -4.38
C PHE C 540 -27.47 -6.85 -4.51
N LEU C 541 -28.16 -5.88 -5.13
CA LEU C 541 -29.61 -5.90 -5.18
C LEU C 541 -30.12 -7.10 -5.98
N LEU C 542 -29.52 -7.35 -7.15
CA LEU C 542 -30.00 -8.44 -8.00
C LEU C 542 -29.80 -9.80 -7.33
N VAL C 543 -28.65 -10.01 -6.71
CA VAL C 543 -28.39 -11.28 -6.05
C VAL C 543 -29.27 -11.44 -4.82
N TYR C 544 -29.41 -10.36 -4.04
CA TYR C 544 -30.16 -10.44 -2.79
C TYR C 544 -31.66 -10.62 -3.05
N LEU C 545 -32.19 -9.94 -4.06
CA LEU C 545 -33.62 -10.00 -4.33
C LEU C 545 -34.05 -11.40 -4.76
N VAL C 546 -33.16 -12.12 -5.46
CA VAL C 546 -33.49 -13.47 -5.90
C VAL C 546 -33.70 -14.39 -4.71
N PHE C 547 -32.81 -14.30 -3.73
CA PHE C 547 -32.90 -15.19 -2.57
C PHE C 547 -33.81 -14.62 -1.49
N LEU C 548 -34.11 -13.33 -1.55
CA LEU C 548 -35.21 -12.80 -0.75
C LEU C 548 -36.52 -13.43 -1.18
N PHE C 549 -36.71 -13.61 -2.48
CA PHE C 549 -37.88 -14.32 -2.99
C PHE C 549 -37.86 -15.78 -2.58
N GLY C 550 -36.69 -16.41 -2.62
CA GLY C 550 -36.60 -17.82 -2.26
C GLY C 550 -36.97 -18.08 -0.81
N PHE C 551 -36.53 -17.21 0.10
CA PHE C 551 -36.87 -17.37 1.50
C PHE C 551 -38.32 -16.96 1.77
N ALA C 552 -38.82 -15.96 1.04
CA ALA C 552 -40.19 -15.50 1.25
C ALA C 552 -41.20 -16.60 0.93
N VAL C 553 -40.99 -17.30 -0.18
CA VAL C 553 -41.88 -18.42 -0.52
C VAL C 553 -41.73 -19.54 0.51
N ALA C 554 -40.50 -19.74 1.01
CA ALA C 554 -40.27 -20.78 2.00
C ALA C 554 -41.00 -20.48 3.31
N LEU C 555 -40.94 -19.23 3.77
CA LEU C 555 -41.55 -18.88 5.04
C LEU C 555 -43.07 -18.99 4.98
N VAL C 556 -43.68 -18.55 3.88
CA VAL C 556 -45.13 -18.58 3.77
C VAL C 556 -45.64 -20.01 3.78
N SER C 557 -45.00 -20.88 3.00
CA SER C 557 -45.42 -22.28 2.94
C SER C 557 -45.25 -22.98 4.29
N LEU C 558 -44.17 -22.67 4.99
CA LEU C 558 -43.91 -23.32 6.28
C LEU C 558 -44.79 -22.76 7.39
N SER C 559 -45.20 -21.50 7.27
CA SER C 559 -46.02 -20.86 8.29
C SER C 559 -47.52 -21.03 8.06
N ARG C 560 -47.93 -21.78 7.04
CA ARG C 560 -49.35 -21.94 6.75
C ARG C 560 -50.05 -22.83 7.77
N GLU C 561 -49.31 -23.62 8.53
CA GLU C 561 -49.89 -24.55 9.51
C GLU C 561 -49.78 -23.94 10.90
N ALA C 562 -50.89 -23.92 11.63
CA ALA C 562 -50.90 -23.39 12.98
C ALA C 562 -50.61 -24.49 13.99
N ARG C 563 -50.27 -24.06 15.20
CA ARG C 563 -49.96 -25.00 16.28
C ARG C 563 -51.20 -25.77 16.72
N PRO C 589 -48.78 -14.64 10.60
CA PRO C 589 -47.61 -13.99 9.98
C PRO C 589 -47.22 -14.64 8.66
N TYR C 590 -46.59 -13.86 7.78
CA TYR C 590 -46.14 -14.34 6.47
C TYR C 590 -47.30 -14.94 5.68
N ARG C 591 -48.30 -14.10 5.40
CA ARG C 591 -49.48 -14.53 4.67
C ARG C 591 -49.28 -14.54 3.16
N SER C 592 -48.23 -13.90 2.65
CA SER C 592 -48.00 -13.82 1.22
C SER C 592 -46.54 -13.49 0.97
N ILE C 593 -46.15 -13.54 -0.31
CA ILE C 593 -44.78 -13.21 -0.69
C ILE C 593 -44.48 -11.76 -0.36
N LEU C 594 -45.40 -10.85 -0.68
CA LEU C 594 -45.17 -9.43 -0.43
C LEU C 594 -44.97 -9.16 1.06
N ASP C 595 -45.79 -9.79 1.91
CA ASP C 595 -45.58 -9.67 3.35
C ASP C 595 -44.25 -10.30 3.76
N ALA C 596 -44.01 -11.56 3.36
CA ALA C 596 -42.80 -12.25 3.77
C ALA C 596 -41.56 -11.56 3.23
N SER C 597 -41.62 -10.99 2.03
CA SER C 597 -40.51 -10.20 1.53
C SER C 597 -40.27 -8.98 2.39
N LEU C 598 -41.34 -8.36 2.89
CA LEU C 598 -41.20 -7.15 3.69
C LEU C 598 -40.57 -7.44 5.04
N GLU C 599 -41.03 -8.49 5.72
CA GLU C 599 -40.43 -8.87 7.00
C GLU C 599 -38.98 -9.29 6.84
N LEU C 600 -38.64 -10.00 5.74
CA LEU C 600 -37.26 -10.39 5.52
C LEU C 600 -36.37 -9.18 5.23
N PHE C 601 -36.93 -8.17 4.57
CA PHE C 601 -36.14 -6.99 4.24
C PHE C 601 -35.87 -6.15 5.48
N LYS C 602 -36.75 -6.24 6.48
CA LYS C 602 -36.57 -5.46 7.71
C LYS C 602 -35.30 -5.86 8.46
N PHE C 603 -34.79 -7.07 8.25
CA PHE C 603 -33.53 -7.46 8.87
C PHE C 603 -32.36 -6.65 8.31
N THR C 604 -32.42 -6.32 7.01
CA THR C 604 -31.34 -5.54 6.41
C THR C 604 -31.32 -4.12 6.96
N ILE C 605 -32.47 -3.52 7.21
CA ILE C 605 -32.55 -2.14 7.69
C ILE C 605 -32.44 -2.13 9.21
N GLY C 606 -32.18 -3.28 9.81
CA GLY C 606 -31.98 -3.36 11.24
C GLY C 606 -33.25 -3.29 12.06
N MET C 607 -34.39 -3.69 11.48
CA MET C 607 -35.66 -3.67 12.19
C MET C 607 -36.35 -5.04 12.12
N GLY C 608 -35.62 -6.07 11.71
CA GLY C 608 -36.22 -7.39 11.58
C GLY C 608 -36.69 -7.93 12.92
N GLU C 609 -37.92 -8.43 12.93
CA GLU C 609 -38.55 -9.00 14.12
C GLU C 609 -38.25 -10.49 14.14
N LEU C 610 -37.17 -10.87 14.82
CA LEU C 610 -36.76 -12.27 14.95
C LEU C 610 -37.26 -12.77 16.30
N ALA C 611 -38.40 -13.43 16.30
CA ALA C 611 -39.02 -13.89 17.54
C ALA C 611 -39.49 -15.33 17.36
N PHE C 612 -39.60 -16.04 18.49
CA PHE C 612 -40.05 -17.42 18.50
C PHE C 612 -41.57 -17.43 18.51
N GLN C 613 -42.17 -17.50 17.31
CA GLN C 613 -43.61 -17.36 17.15
C GLN C 613 -44.29 -18.66 17.55
N GLU C 614 -45.04 -18.62 18.65
CA GLU C 614 -45.69 -19.83 19.16
C GLU C 614 -46.93 -20.22 18.35
N GLN C 615 -47.42 -19.34 17.47
CA GLN C 615 -48.63 -19.62 16.71
C GLN C 615 -48.41 -20.64 15.62
N LEU C 616 -47.16 -20.95 15.27
CA LEU C 616 -46.86 -21.85 14.17
C LEU C 616 -46.54 -23.25 14.70
N ARG C 617 -47.01 -24.27 13.98
CA ARG C 617 -46.72 -25.65 14.35
C ARG C 617 -45.22 -25.94 14.23
N PHE C 618 -44.59 -25.42 13.17
CA PHE C 618 -43.17 -25.61 12.92
C PHE C 618 -42.35 -24.41 13.38
N ARG C 619 -42.73 -23.85 14.53
CA ARG C 619 -42.11 -22.68 15.14
C ARG C 619 -40.59 -22.79 15.21
N GLY C 620 -40.08 -23.99 15.52
CA GLY C 620 -38.64 -24.17 15.57
C GLY C 620 -37.96 -24.06 14.22
N VAL C 621 -38.56 -24.63 13.18
CA VAL C 621 -37.96 -24.61 11.86
C VAL C 621 -38.00 -23.21 11.26
N VAL C 622 -39.10 -22.48 11.48
CA VAL C 622 -39.23 -21.13 10.94
C VAL C 622 -38.12 -20.24 11.47
N LEU C 623 -37.79 -20.39 12.75
CA LEU C 623 -36.69 -19.61 13.33
C LEU C 623 -35.37 -19.96 12.67
N LEU C 624 -35.15 -21.24 12.36
CA LEU C 624 -33.91 -21.65 11.71
C LEU C 624 -33.78 -21.01 10.34
N LEU C 625 -34.87 -20.96 9.58
CA LEU C 625 -34.85 -20.31 8.28
C LEU C 625 -34.55 -18.82 8.42
N LEU C 626 -35.16 -18.16 9.40
CA LEU C 626 -34.90 -16.74 9.62
C LEU C 626 -33.45 -16.51 10.03
N LEU C 627 -32.92 -17.38 10.89
CA LEU C 627 -31.51 -17.26 11.26
C LEU C 627 -30.60 -17.50 10.07
N ALA C 628 -30.88 -18.55 9.29
CA ALA C 628 -30.04 -18.86 8.12
C ALA C 628 -30.06 -17.70 7.13
N TYR C 629 -31.18 -16.99 7.04
CA TYR C 629 -31.26 -15.83 6.17
C TYR C 629 -30.37 -14.69 6.66
N VAL C 630 -30.18 -14.60 7.98
CA VAL C 630 -29.44 -13.47 8.55
C VAL C 630 -27.97 -13.55 8.17
N LEU C 631 -27.31 -14.66 8.50
CA LEU C 631 -25.89 -14.80 8.18
C LEU C 631 -25.67 -14.86 6.67
N LEU C 632 -26.58 -15.50 5.94
CA LEU C 632 -26.46 -15.54 4.48
C LEU C 632 -26.58 -14.15 3.88
N THR C 633 -27.44 -13.30 4.43
CA THR C 633 -27.49 -11.91 3.99
C THR C 633 -26.22 -11.17 4.39
N TYR C 634 -25.72 -11.42 5.61
CA TYR C 634 -24.48 -10.79 6.05
C TYR C 634 -23.33 -11.13 5.13
N VAL C 635 -23.35 -12.33 4.54
CA VAL C 635 -22.35 -12.70 3.54
C VAL C 635 -22.44 -11.74 2.34
N LEU C 636 -23.67 -11.36 1.97
CA LEU C 636 -23.85 -10.48 0.83
C LEU C 636 -23.39 -9.06 1.13
N LEU C 637 -23.70 -8.55 2.33
CA LEU C 637 -23.23 -7.21 2.69
C LEU C 637 -21.72 -7.16 2.78
N LEU C 638 -21.11 -8.16 3.40
CA LEU C 638 -19.64 -8.18 3.53
C LEU C 638 -18.98 -8.30 2.16
N ASN C 639 -19.56 -9.11 1.27
CA ASN C 639 -19.03 -9.22 -0.08
C ASN C 639 -19.12 -7.89 -0.83
N MET C 640 -20.24 -7.18 -0.67
CA MET C 640 -20.38 -5.86 -1.30
C MET C 640 -19.41 -4.86 -0.68
N LEU C 641 -19.30 -4.89 0.66
CA LEU C 641 -18.36 -3.99 1.33
C LEU C 641 -16.93 -4.27 0.90
N ILE C 642 -16.58 -5.54 0.75
CA ILE C 642 -15.25 -5.90 0.27
C ILE C 642 -15.06 -5.44 -1.17
N ALA C 643 -16.10 -5.57 -1.99
CA ALA C 643 -16.01 -5.12 -3.39
C ALA C 643 -15.84 -3.61 -3.46
N LEU C 644 -16.57 -2.88 -2.61
CA LEU C 644 -16.39 -1.43 -2.52
C LEU C 644 -14.98 -1.09 -2.04
N MET C 645 -14.44 -1.92 -1.16
CA MET C 645 -13.20 -1.65 -0.47
C MET C 645 -12.00 -1.82 -1.40
N SER C 646 -12.08 -2.77 -2.33
CA SER C 646 -10.93 -3.13 -3.14
C SER C 646 -10.58 -2.10 -4.20
N GLU C 647 -11.53 -1.26 -4.62
CA GLU C 647 -11.18 -0.25 -5.61
C GLU C 647 -10.70 1.05 -4.99
N THR C 648 -11.03 1.27 -3.70
CA THR C 648 -10.54 2.46 -3.01
C THR C 648 -9.02 2.40 -2.83
N VAL C 649 -8.49 1.24 -2.46
CA VAL C 649 -7.05 1.10 -2.30
C VAL C 649 -6.33 1.29 -3.62
N ASN C 650 -6.87 0.69 -4.69
CA ASN C 650 -6.32 0.84 -6.04
C ASN C 650 -7.08 1.95 -6.75
N HIS C 651 -6.88 3.17 -6.28
CA HIS C 651 -7.53 4.34 -6.86
C HIS C 651 -6.54 5.50 -6.86
N VAL C 652 -6.72 6.40 -7.84
CA VAL C 652 -5.89 7.59 -7.98
C VAL C 652 -6.77 8.81 -7.78
N ALA C 653 -6.37 9.70 -6.88
CA ALA C 653 -7.16 10.90 -6.60
C ALA C 653 -7.10 11.88 -7.76
N ASP C 654 -6.03 11.82 -8.56
CA ASP C 654 -5.90 12.73 -9.69
C ASP C 654 -6.95 12.46 -10.76
N ASN C 655 -7.45 11.22 -10.83
CA ASN C 655 -8.49 10.91 -11.81
C ASN C 655 -9.77 11.69 -11.55
N SER C 656 -10.04 12.01 -10.28
CA SER C 656 -11.25 12.76 -9.95
C SER C 656 -11.25 14.13 -10.61
N TRP C 657 -10.08 14.79 -10.64
CA TRP C 657 -10.00 16.11 -11.25
C TRP C 657 -10.14 16.02 -12.78
N SER C 658 -9.59 14.96 -13.38
CA SER C 658 -9.67 14.84 -14.84
C SER C 658 -11.07 14.38 -15.26
N ILE C 659 -11.70 13.50 -14.48
CA ILE C 659 -13.06 13.07 -14.81
C ILE C 659 -14.02 14.24 -14.70
N TRP C 660 -13.86 15.10 -13.69
CA TRP C 660 -14.71 16.27 -13.56
C TRP C 660 -14.55 17.20 -14.75
N LYS C 661 -13.32 17.38 -15.23
CA LYS C 661 -13.09 18.22 -16.40
C LYS C 661 -13.75 17.63 -17.65
N LEU C 662 -13.79 16.30 -17.74
CA LEU C 662 -14.52 15.66 -18.83
C LEU C 662 -16.01 15.95 -18.73
N GLN C 663 -16.56 15.94 -17.51
CA GLN C 663 -17.96 16.28 -17.33
C GLN C 663 -18.25 17.71 -17.75
N LYS C 664 -17.36 18.64 -17.41
CA LYS C 664 -17.50 20.01 -17.89
C LYS C 664 -17.26 20.12 -19.38
N ALA C 665 -16.36 19.29 -19.92
CA ALA C 665 -16.11 19.30 -21.36
C ALA C 665 -17.34 18.87 -22.14
N ILE C 666 -18.03 17.84 -21.65
CA ILE C 666 -19.27 17.40 -22.30
C ILE C 666 -20.34 18.47 -22.18
N SER C 667 -20.39 19.15 -21.02
CA SER C 667 -21.42 20.15 -20.79
C SER C 667 -21.27 21.34 -21.74
N VAL C 668 -20.05 21.87 -21.87
CA VAL C 668 -19.84 23.06 -22.69
C VAL C 668 -20.13 22.75 -24.16
N LEU C 669 -19.88 21.52 -24.60
CA LEU C 669 -20.17 21.18 -25.99
C LEU C 669 -21.67 21.10 -26.24
N GLU C 670 -22.45 20.75 -25.21
CA GLU C 670 -23.90 20.69 -25.38
C GLU C 670 -24.50 22.09 -25.37
N MET C 671 -23.98 22.99 -24.52
CA MET C 671 -24.50 24.35 -24.49
C MET C 671 -24.08 25.14 -25.71
N GLU C 672 -22.99 24.75 -26.38
CA GLU C 672 -22.57 25.43 -27.59
C GLU C 672 -23.62 25.28 -28.70
N ASN C 673 -24.34 24.15 -28.71
CA ASN C 673 -25.41 23.96 -29.68
C ASN C 673 -26.63 24.82 -29.37
N GLY C 674 -26.71 25.40 -28.17
CA GLY C 674 -27.87 26.17 -27.79
C GLY C 674 -29.04 25.29 -27.39
N TYR C 675 -30.21 25.92 -27.32
CA TYR C 675 -31.44 25.23 -26.97
C TYR C 675 -32.08 24.60 -28.20
N TRP C 676 -32.97 23.65 -27.95
CA TRP C 676 -33.67 22.99 -29.06
C TRP C 676 -34.57 23.96 -29.81
N TRP C 677 -35.15 24.93 -29.12
CA TRP C 677 -36.01 25.93 -29.73
C TRP C 677 -35.25 27.10 -30.33
N CYS C 678 -33.95 27.21 -30.04
CA CYS C 678 -33.14 28.30 -30.58
C CYS C 678 -31.69 27.86 -30.79
N ARG C 679 -31.35 27.46 -32.02
CA ARG C 679 -29.98 27.05 -32.32
C ARG C 679 -29.11 28.28 -32.51
N ARG C 680 -28.17 28.49 -31.59
CA ARG C 680 -27.31 29.66 -31.65
C ARG C 680 -26.15 29.42 -32.61
N LYS C 681 -25.64 30.52 -33.16
CA LYS C 681 -24.50 30.44 -34.08
C LYS C 681 -23.22 30.16 -33.28
N LYS C 682 -22.47 29.16 -33.73
CA LYS C 682 -21.25 28.79 -33.04
C LYS C 682 -20.16 29.83 -33.28
N HIS C 683 -19.42 30.15 -32.22
CA HIS C 683 -18.36 31.15 -32.28
C HIS C 683 -17.01 30.43 -32.34
N ARG C 684 -16.21 30.77 -33.35
CA ARG C 684 -14.91 30.13 -33.50
C ARG C 684 -13.90 30.73 -32.54
N GLU C 685 -13.18 29.87 -31.82
CA GLU C 685 -12.17 30.34 -30.88
C GLU C 685 -10.87 30.64 -31.60
N GLY C 686 -10.00 31.39 -30.94
CA GLY C 686 -8.74 31.75 -31.53
C GLY C 686 -8.88 32.86 -32.56
N ARG C 687 -7.77 33.14 -33.25
CA ARG C 687 -7.75 34.18 -34.25
C ARG C 687 -6.86 33.74 -35.40
N LEU C 688 -7.12 34.30 -36.58
CA LEU C 688 -6.36 33.98 -37.78
C LEU C 688 -5.01 34.71 -37.71
N LEU C 689 -3.95 33.97 -37.47
CA LEU C 689 -2.61 34.53 -37.31
C LEU C 689 -1.64 33.85 -38.26
N LYS C 690 -0.76 34.63 -38.86
CA LYS C 690 0.26 34.09 -39.75
C LYS C 690 1.33 33.36 -38.93
N VAL C 691 1.68 32.16 -39.38
CA VAL C 691 2.69 31.36 -38.69
C VAL C 691 3.65 30.73 -39.69
N ASP C 700 1.34 31.26 -44.84
CA ASP C 700 0.89 30.22 -43.93
C ASP C 700 0.21 30.85 -42.71
N GLU C 701 -1.10 30.99 -42.78
CA GLU C 701 -1.89 31.56 -41.70
C GLU C 701 -2.93 30.56 -41.22
N ARG C 702 -3.02 30.40 -39.90
CA ARG C 702 -3.90 29.41 -39.30
C ARG C 702 -4.65 30.05 -38.14
N TRP C 703 -5.79 29.45 -37.78
CA TRP C 703 -6.53 29.91 -36.62
C TRP C 703 -5.89 29.37 -35.34
N CYS C 704 -4.85 30.04 -34.88
CA CYS C 704 -4.10 29.61 -33.72
C CYS C 704 -4.77 30.06 -32.42
N PHE C 705 -4.36 29.45 -31.32
CA PHE C 705 -4.91 29.75 -30.00
C PHE C 705 -3.75 29.95 -29.04
N ARG C 706 -3.60 31.17 -28.52
CA ARG C 706 -2.49 31.51 -27.66
C ARG C 706 -2.70 30.90 -26.27
N VAL C 707 -1.70 30.16 -25.80
CA VAL C 707 -1.73 29.52 -24.49
C VAL C 707 -0.52 29.99 -23.70
N GLU C 708 -0.76 30.53 -22.51
CA GLU C 708 0.29 30.98 -21.61
C GLU C 708 0.51 29.92 -20.54
N GLU C 709 1.73 29.39 -20.47
CA GLU C 709 2.03 28.29 -19.56
C GLU C 709 3.25 28.66 -18.72
N VAL C 710 3.16 28.47 -17.41
CA VAL C 710 4.25 28.72 -16.48
C VAL C 710 4.62 27.39 -15.82
N ASN C 711 5.91 27.05 -15.86
CA ASN C 711 6.39 25.78 -15.30
C ASN C 711 7.77 26.04 -14.69
N TRP C 712 7.79 26.26 -13.37
CA TRP C 712 9.04 26.49 -12.67
C TRP C 712 9.88 25.21 -12.62
N ALA C 713 9.23 24.06 -12.43
CA ALA C 713 9.98 22.81 -12.29
C ALA C 713 10.73 22.47 -13.57
N ALA C 714 10.07 22.61 -14.73
CA ALA C 714 10.74 22.32 -16.00
C ALA C 714 11.80 23.35 -16.32
N TRP C 715 11.54 24.63 -16.00
CA TRP C 715 12.51 25.68 -16.28
C TRP C 715 13.79 25.50 -15.46
N GLU C 716 13.64 25.15 -14.18
CA GLU C 716 14.80 24.97 -13.32
C GLU C 716 15.64 23.77 -13.77
N LYS C 717 14.99 22.70 -14.23
CA LYS C 717 15.73 21.57 -14.79
C LYS C 717 16.48 21.95 -16.07
N THR C 718 15.99 22.96 -16.79
CA THR C 718 16.67 23.44 -17.99
C THR C 718 17.93 24.23 -17.64
N LEU C 719 17.92 24.95 -16.52
CA LEU C 719 19.04 25.80 -16.16
C LEU C 719 20.30 24.95 -15.97
N PHE D 75 14.81 56.13 -42.81
CA PHE D 75 15.12 55.09 -41.83
C PHE D 75 14.00 54.97 -40.80
N ASP D 76 12.99 54.19 -41.13
CA ASP D 76 11.81 54.07 -40.28
C ASP D 76 12.01 52.99 -39.22
N ARG D 77 10.94 52.76 -38.45
CA ARG D 77 10.99 51.76 -37.39
C ARG D 77 11.15 50.35 -37.95
N ASP D 78 10.44 50.05 -39.04
CA ASP D 78 10.46 48.69 -39.57
C ASP D 78 11.86 48.28 -40.05
N ARG D 79 12.54 49.17 -40.76
CA ARG D 79 13.90 48.88 -41.20
C ARG D 79 14.84 48.79 -40.00
N LEU D 80 14.69 49.70 -39.04
CA LEU D 80 15.57 49.69 -37.87
C LEU D 80 15.36 48.43 -37.03
N PHE D 81 14.10 48.00 -36.88
CA PHE D 81 13.82 46.80 -36.11
C PHE D 81 14.33 45.55 -36.82
N SER D 82 14.38 45.60 -38.16
CA SER D 82 14.84 44.42 -38.91
C SER D 82 16.35 44.26 -38.81
N VAL D 83 17.09 45.36 -38.92
CA VAL D 83 18.56 45.26 -38.94
C VAL D 83 19.10 44.85 -37.58
N VAL D 84 18.52 45.38 -36.50
CA VAL D 84 18.98 45.02 -35.17
C VAL D 84 18.65 43.56 -34.87
N SER D 85 17.59 43.03 -35.48
CA SER D 85 17.28 41.60 -35.32
C SER D 85 18.25 40.72 -36.09
N ARG D 86 18.69 41.17 -37.28
CA ARG D 86 19.63 40.39 -38.07
C ARG D 86 21.07 40.57 -37.59
N GLY D 87 21.33 41.58 -36.77
CA GLY D 87 22.67 41.79 -36.25
C GLY D 87 23.72 42.17 -37.27
N VAL D 88 23.39 43.09 -38.17
CA VAL D 88 24.33 43.55 -39.20
C VAL D 88 24.65 45.02 -38.95
N PRO D 89 25.77 45.34 -38.30
CA PRO D 89 26.10 46.74 -38.04
C PRO D 89 26.39 47.55 -39.30
N GLU D 90 26.74 46.90 -40.40
CA GLU D 90 27.06 47.63 -41.63
C GLU D 90 25.86 48.36 -42.20
N GLU D 91 24.65 47.86 -41.99
CA GLU D 91 23.44 48.50 -42.47
C GLU D 91 22.98 49.64 -41.58
N LEU D 92 23.53 49.76 -40.37
CA LEU D 92 23.12 50.78 -39.42
C LEU D 92 23.79 52.13 -39.65
N THR D 93 24.56 52.27 -40.75
CA THR D 93 25.29 53.51 -40.99
C THR D 93 24.36 54.70 -41.20
N GLY D 94 23.24 54.51 -41.90
CA GLY D 94 22.35 55.62 -42.19
C GLY D 94 21.42 56.02 -41.06
N LEU D 95 21.48 55.31 -39.94
CA LEU D 95 20.59 55.63 -38.82
C LEU D 95 20.94 56.97 -38.18
N LEU D 96 22.23 57.22 -37.96
CA LEU D 96 22.64 58.45 -37.30
C LEU D 96 22.32 59.67 -38.13
N GLU D 97 22.53 59.59 -39.45
CA GLU D 97 22.24 60.71 -40.33
C GLU D 97 20.75 61.05 -40.33
N TYR D 98 19.90 60.02 -40.35
CA TYR D 98 18.46 60.27 -40.35
C TYR D 98 18.00 60.92 -39.05
N LEU D 99 18.55 60.48 -37.91
CA LEU D 99 18.16 61.06 -36.63
C LEU D 99 18.58 62.52 -36.54
N ARG D 100 19.79 62.85 -36.99
CA ARG D 100 20.23 64.23 -36.98
C ARG D 100 19.40 65.08 -37.94
N TRP D 101 19.06 64.52 -39.11
CA TRP D 101 18.29 65.27 -40.09
C TRP D 101 16.88 65.58 -39.57
N ASN D 102 16.25 64.61 -38.90
CA ASN D 102 14.89 64.78 -38.41
C ASN D 102 14.82 65.27 -36.96
N SER D 103 15.96 65.42 -36.29
CA SER D 103 16.02 65.84 -34.89
C SER D 103 15.17 64.93 -34.01
N LYS D 104 15.50 63.64 -34.06
CA LYS D 104 14.78 62.61 -33.32
C LYS D 104 15.76 61.78 -32.51
N TYR D 105 15.21 61.03 -31.54
CA TYR D 105 15.99 60.17 -30.68
C TYR D 105 15.42 58.76 -30.72
N LEU D 106 16.26 57.78 -30.40
CA LEU D 106 15.83 56.39 -30.40
C LEU D 106 14.78 56.10 -29.33
N THR D 107 14.69 56.94 -28.30
CA THR D 107 13.70 56.76 -27.25
C THR D 107 12.34 57.34 -27.62
N ASP D 108 12.23 58.01 -28.76
CA ASP D 108 10.96 58.61 -29.17
C ASP D 108 9.92 57.53 -29.41
N SER D 109 8.65 57.93 -29.30
CA SER D 109 7.54 56.98 -29.45
C SER D 109 7.47 56.41 -30.86
N ALA D 110 8.08 57.10 -31.83
CA ALA D 110 8.05 56.61 -33.20
C ALA D 110 8.81 55.31 -33.37
N TYR D 111 9.87 55.11 -32.59
CA TYR D 111 10.71 53.92 -32.68
C TYR D 111 10.41 52.91 -31.58
N THR D 112 9.23 52.99 -30.96
CA THR D 112 8.85 52.07 -29.90
C THR D 112 7.52 51.43 -30.27
N GLU D 113 7.43 50.11 -30.06
CA GLU D 113 6.19 49.38 -30.32
C GLU D 113 5.11 49.83 -29.34
N GLY D 114 3.99 50.32 -29.87
CA GLY D 114 2.91 50.83 -29.04
C GLY D 114 2.23 49.77 -28.20
N SER D 115 2.42 48.50 -28.56
CA SER D 115 1.79 47.42 -27.81
C SER D 115 2.34 47.33 -26.39
N THR D 116 3.66 47.41 -26.23
CA THR D 116 4.27 47.27 -24.92
C THR D 116 5.17 48.47 -24.60
N GLY D 117 5.89 48.96 -25.60
CA GLY D 117 6.84 50.04 -25.37
C GLY D 117 8.26 49.59 -25.62
N LYS D 118 8.42 48.46 -26.30
CA LYS D 118 9.74 47.92 -26.59
C LYS D 118 10.55 48.89 -27.45
N THR D 119 11.80 49.11 -27.05
CA THR D 119 12.70 49.98 -27.79
C THR D 119 13.58 49.16 -28.73
N CYS D 120 14.39 49.89 -29.51
CA CYS D 120 15.26 49.23 -30.48
C CYS D 120 16.34 48.39 -29.80
N LEU D 121 16.82 48.83 -28.63
CA LEU D 121 17.85 48.08 -27.91
C LEU D 121 17.29 46.77 -27.37
N MET D 122 16.02 46.77 -26.96
CA MET D 122 15.42 45.55 -26.43
C MET D 122 15.34 44.46 -27.49
N LYS D 123 15.16 44.85 -28.75
CA LYS D 123 15.12 43.88 -29.84
C LYS D 123 16.47 43.21 -30.00
N ALA D 124 17.55 43.98 -29.87
CA ALA D 124 18.89 43.46 -30.09
C ALA D 124 19.29 42.39 -29.06
N VAL D 125 18.96 42.62 -27.80
CA VAL D 125 19.42 41.73 -26.74
C VAL D 125 18.73 40.37 -26.84
N LEU D 126 17.43 40.37 -27.19
CA LEU D 126 16.77 39.07 -27.30
C LEU D 126 17.05 38.37 -28.62
N ASN D 127 17.78 39.00 -29.53
CA ASN D 127 18.19 38.38 -30.79
C ASN D 127 19.72 38.26 -30.77
N LEU D 128 20.20 37.15 -30.23
CA LEU D 128 21.62 36.96 -29.96
C LEU D 128 22.22 35.92 -30.91
N GLN D 129 23.51 36.11 -31.21
CA GLN D 129 24.27 35.17 -32.02
C GLN D 129 25.66 35.04 -31.44
N ASP D 130 26.05 33.81 -31.11
CA ASP D 130 27.36 33.52 -30.52
C ASP D 130 27.56 34.25 -29.19
N GLY D 131 26.46 34.64 -28.55
CA GLY D 131 26.50 35.26 -27.25
C GLY D 131 26.59 36.77 -27.26
N VAL D 132 27.03 37.38 -28.35
CA VAL D 132 27.15 38.83 -28.46
C VAL D 132 26.50 39.29 -29.76
N ASN D 133 25.59 40.25 -29.67
CA ASN D 133 25.01 40.87 -30.85
C ASN D 133 25.87 42.07 -31.22
N ALA D 134 26.51 42.00 -32.40
CA ALA D 134 27.45 43.02 -32.80
C ALA D 134 26.80 44.37 -33.08
N CYS D 135 25.46 44.40 -33.18
CA CYS D 135 24.77 45.65 -33.49
C CYS D 135 24.60 46.52 -32.25
N ILE D 136 24.69 45.94 -31.06
CA ILE D 136 24.37 46.67 -29.83
C ILE D 136 25.32 47.84 -29.65
N MET D 137 26.62 47.61 -29.77
CA MET D 137 27.59 48.68 -29.53
C MET D 137 27.43 49.85 -30.49
N PRO D 138 27.36 49.64 -31.82
CA PRO D 138 27.08 50.80 -32.70
C PRO D 138 25.75 51.46 -32.40
N LEU D 139 24.74 50.69 -31.99
CA LEU D 139 23.44 51.26 -31.69
C LEU D 139 23.51 52.20 -30.49
N LEU D 140 24.26 51.81 -29.46
CA LEU D 140 24.35 52.62 -28.25
C LEU D 140 25.11 53.91 -28.51
N GLN D 141 26.21 53.85 -29.27
CA GLN D 141 27.01 55.04 -29.52
C GLN D 141 26.29 56.03 -30.43
N ILE D 142 25.36 55.55 -31.25
CA ILE D 142 24.57 56.46 -32.09
C ILE D 142 23.69 57.34 -31.21
N ASP D 143 23.07 56.76 -30.18
CA ASP D 143 22.21 57.54 -29.30
C ASP D 143 23.01 58.61 -28.56
N LYS D 144 24.23 58.26 -28.14
CA LYS D 144 25.09 59.24 -27.48
C LYS D 144 25.41 60.39 -28.43
N ASP D 145 25.66 60.08 -29.70
CA ASP D 145 25.89 61.13 -30.69
C ASP D 145 24.62 61.92 -30.98
N SER D 146 23.45 61.29 -30.83
CA SER D 146 22.19 61.96 -31.11
C SER D 146 21.80 62.98 -30.05
N GLY D 147 22.50 63.03 -28.92
CA GLY D 147 22.16 63.97 -27.88
C GLY D 147 20.83 63.72 -27.21
N ASN D 148 20.50 62.46 -26.96
CA ASN D 148 19.24 62.12 -26.32
C ASN D 148 19.27 62.56 -24.85
N PRO D 149 18.30 63.38 -24.41
CA PRO D 149 18.23 63.69 -22.97
C PRO D 149 18.01 62.47 -22.09
N LYS D 150 17.31 61.45 -22.60
CA LYS D 150 17.19 60.18 -21.90
C LYS D 150 18.30 59.25 -22.36
N LEU D 151 18.21 57.98 -21.96
CA LEU D 151 19.16 56.96 -22.38
C LEU D 151 18.42 55.73 -22.87
N LEU D 152 18.83 55.23 -24.04
CA LEU D 152 18.22 54.02 -24.58
C LEU D 152 18.47 52.82 -23.68
N VAL D 153 19.61 52.80 -22.98
CA VAL D 153 19.92 51.69 -22.08
C VAL D 153 18.98 51.68 -20.90
N ASN D 154 18.63 52.86 -20.37
CA ASN D 154 17.74 52.95 -19.22
C ASN D 154 16.26 53.06 -19.60
N ALA D 155 15.94 52.98 -20.89
CA ALA D 155 14.55 53.02 -21.32
C ALA D 155 13.80 51.78 -20.83
N GLN D 156 12.53 51.98 -20.45
CA GLN D 156 11.72 50.92 -19.91
C GLN D 156 10.40 50.84 -20.68
N CYS D 157 9.78 49.66 -20.65
CA CYS D 157 8.49 49.48 -21.28
C CYS D 157 7.41 50.24 -20.50
N THR D 158 6.30 50.50 -21.18
CA THR D 158 5.20 51.24 -20.57
C THR D 158 3.89 50.48 -20.50
N ASP D 159 3.84 49.22 -20.93
CA ASP D 159 2.60 48.45 -20.84
C ASP D 159 2.27 48.14 -19.40
N GLU D 160 0.99 47.92 -19.13
CA GLU D 160 0.56 47.60 -17.76
C GLU D 160 1.17 46.28 -17.29
N PHE D 161 1.22 45.28 -18.16
CA PHE D 161 1.75 43.97 -17.77
C PHE D 161 3.27 43.99 -17.66
N TYR D 162 3.95 44.67 -18.57
CA TYR D 162 5.41 44.67 -18.62
C TYR D 162 6.02 46.01 -18.24
N GLN D 163 5.41 46.75 -17.33
CA GLN D 163 5.93 48.04 -16.92
C GLN D 163 7.29 47.88 -16.24
N GLY D 164 8.25 48.70 -16.63
CA GLY D 164 9.57 48.68 -16.05
C GLY D 164 10.55 47.71 -16.68
N HIS D 165 10.09 46.86 -17.61
CA HIS D 165 10.99 45.93 -18.26
C HIS D 165 12.02 46.68 -19.09
N SER D 166 13.27 46.23 -19.02
CA SER D 166 14.37 46.94 -19.66
C SER D 166 15.27 45.96 -20.38
N ALA D 167 16.17 46.51 -21.20
CA ALA D 167 17.12 45.67 -21.93
C ALA D 167 18.08 44.96 -20.99
N LEU D 168 18.35 45.54 -19.82
CA LEU D 168 19.24 44.89 -18.86
C LEU D 168 18.60 43.62 -18.31
N HIS D 169 17.29 43.64 -18.08
CA HIS D 169 16.61 42.44 -17.61
C HIS D 169 16.68 41.33 -18.65
N ILE D 170 16.54 41.68 -19.93
CA ILE D 170 16.61 40.67 -21.00
C ILE D 170 18.00 40.07 -21.07
N ALA D 171 19.04 40.88 -20.84
CA ALA D 171 20.41 40.38 -20.94
C ALA D 171 20.68 39.28 -19.92
N ILE D 172 20.24 39.48 -18.67
CA ILE D 172 20.44 38.46 -17.65
C ILE D 172 19.58 37.23 -17.92
N GLU D 173 18.35 37.45 -18.41
CA GLU D 173 17.47 36.32 -18.71
C GLU D 173 18.06 35.42 -19.79
N LYS D 174 18.67 36.01 -20.82
CA LYS D 174 19.27 35.26 -21.90
C LYS D 174 20.57 34.55 -21.47
N ARG D 175 21.00 34.74 -20.23
CA ARG D 175 22.19 34.09 -19.68
C ARG D 175 23.43 34.40 -20.53
N SER D 176 23.60 35.69 -20.81
CA SER D 176 24.72 36.19 -21.61
C SER D 176 25.42 37.30 -20.82
N LEU D 177 26.47 36.92 -20.10
CA LEU D 177 27.21 37.88 -19.29
C LEU D 177 27.82 38.97 -20.15
N GLN D 178 28.23 38.63 -21.38
CA GLN D 178 28.92 39.57 -22.24
C GLN D 178 28.06 40.80 -22.53
N CYS D 179 26.77 40.59 -22.82
CA CYS D 179 25.88 41.73 -23.03
C CYS D 179 25.71 42.54 -21.75
N VAL D 180 25.54 41.87 -20.61
CA VAL D 180 25.40 42.58 -19.33
C VAL D 180 26.64 43.41 -19.07
N LYS D 181 27.81 42.88 -19.42
CA LYS D 181 29.04 43.66 -19.36
C LYS D 181 28.96 44.88 -20.28
N LEU D 182 28.34 44.69 -21.44
CA LEU D 182 28.33 45.76 -22.45
C LEU D 182 27.44 46.92 -22.03
N LEU D 183 26.24 46.63 -21.50
CA LEU D 183 25.29 47.68 -21.20
C LEU D 183 25.79 48.58 -20.07
N VAL D 184 26.30 47.97 -18.99
CA VAL D 184 26.68 48.77 -17.82
C VAL D 184 27.92 49.61 -18.13
N GLU D 185 28.75 49.15 -19.08
CA GLU D 185 29.90 49.96 -19.49
C GLU D 185 29.44 51.23 -20.19
N ASN D 186 28.29 51.19 -20.85
CA ASN D 186 27.72 52.35 -21.51
C ASN D 186 26.73 53.12 -20.64
N GLY D 187 26.56 52.70 -19.39
CA GLY D 187 25.72 53.44 -18.46
C GLY D 187 24.38 52.81 -18.14
N ALA D 188 24.32 51.48 -18.04
CA ALA D 188 23.08 50.82 -17.67
C ALA D 188 22.80 51.02 -16.19
N ASP D 189 21.57 51.42 -15.87
CA ASP D 189 21.17 51.56 -14.47
C ASP D 189 20.87 50.18 -13.89
N VAL D 190 21.68 49.75 -12.94
CA VAL D 190 21.51 48.43 -12.34
C VAL D 190 20.31 48.38 -11.40
N HIS D 191 19.73 49.53 -11.07
CA HIS D 191 18.59 49.59 -10.16
C HIS D 191 17.27 49.81 -10.89
N LEU D 192 17.18 49.42 -12.16
CA LEU D 192 15.92 49.50 -12.87
C LEU D 192 14.91 48.55 -12.25
N ARG D 193 13.67 49.01 -12.11
CA ARG D 193 12.64 48.28 -11.38
C ARG D 193 11.52 47.88 -12.35
N ALA D 194 11.49 46.61 -12.71
CA ALA D 194 10.43 46.07 -13.56
C ALA D 194 9.24 45.70 -12.69
N CYS D 195 8.27 46.62 -12.59
CA CYS D 195 7.12 46.45 -11.70
C CYS D 195 5.80 46.23 -12.43
N GLY D 196 5.82 45.66 -13.63
CA GLY D 196 4.58 45.40 -14.33
C GLY D 196 3.80 44.26 -13.71
N ARG D 197 2.54 44.13 -14.17
CA ARG D 197 1.68 43.08 -13.65
C ARG D 197 2.20 41.68 -13.96
N PHE D 198 3.00 41.53 -15.02
CA PHE D 198 3.61 40.25 -15.31
C PHE D 198 4.65 39.86 -14.27
N PHE D 199 5.37 40.85 -13.73
CA PHE D 199 6.41 40.57 -12.76
C PHE D 199 5.90 40.52 -11.33
N GLN D 200 4.74 41.12 -11.06
CA GLN D 200 4.15 41.03 -9.73
C GLN D 200 3.64 39.62 -9.46
N LYS D 201 3.77 39.17 -8.21
CA LYS D 201 3.35 37.84 -7.84
C LYS D 201 1.84 37.80 -7.65
N HIS D 202 1.18 36.94 -8.43
CA HIS D 202 -0.27 36.77 -8.33
C HIS D 202 -0.63 35.44 -8.96
N GLN D 203 -1.86 34.99 -8.69
CA GLN D 203 -2.37 33.74 -9.24
C GLN D 203 -2.68 33.94 -10.71
N GLY D 204 -1.75 33.54 -11.57
CA GLY D 204 -1.92 33.70 -13.00
C GLY D 204 -0.59 33.57 -13.70
N THR D 205 -0.57 34.06 -14.94
CA THR D 205 0.65 34.07 -15.74
C THR D 205 1.55 35.19 -15.23
N CYS D 206 2.59 34.80 -14.49
CA CYS D 206 3.49 35.78 -13.90
C CYS D 206 4.85 35.13 -13.66
N PHE D 207 5.87 35.96 -13.48
CA PHE D 207 7.23 35.52 -13.19
C PHE D 207 7.79 36.50 -12.15
N TYR D 208 7.64 36.16 -10.87
CA TYR D 208 8.14 36.98 -9.80
C TYR D 208 9.58 36.61 -9.49
N PHE D 209 10.48 37.58 -9.57
CA PHE D 209 11.89 37.40 -9.27
C PHE D 209 12.42 38.57 -8.46
N GLY D 210 11.55 39.22 -7.70
CA GLY D 210 11.85 40.58 -7.28
C GLY D 210 11.53 41.51 -8.43
N GLU D 211 12.19 42.66 -8.44
CA GLU D 211 12.01 43.60 -9.54
C GLU D 211 13.31 44.25 -10.02
N LEU D 212 14.47 43.84 -9.52
CA LEU D 212 15.73 44.43 -9.90
C LEU D 212 16.57 43.44 -10.69
N PRO D 213 17.46 43.94 -11.55
CA PRO D 213 18.37 43.03 -12.27
C PRO D 213 19.21 42.17 -11.33
N LEU D 214 19.61 42.72 -10.18
CA LEU D 214 20.34 41.92 -9.21
C LEU D 214 19.49 40.78 -8.66
N SER D 215 18.20 41.06 -8.39
CA SER D 215 17.30 40.01 -7.92
C SER D 215 17.01 39.02 -9.04
N LEU D 216 16.92 39.49 -10.28
CA LEU D 216 16.76 38.58 -11.41
C LEU D 216 17.97 37.68 -11.58
N ALA D 217 19.17 38.25 -11.43
CA ALA D 217 20.39 37.46 -11.54
C ALA D 217 20.56 36.50 -10.37
N ALA D 218 19.79 36.66 -9.30
CA ALA D 218 19.87 35.76 -8.15
C ALA D 218 18.86 34.63 -8.23
N CYS D 219 17.63 34.92 -8.67
CA CYS D 219 16.64 33.85 -8.86
C CYS D 219 17.07 32.87 -9.93
N THR D 220 17.60 33.35 -11.05
CA THR D 220 18.29 32.48 -11.98
C THR D 220 19.68 32.17 -11.43
N LYS D 221 20.05 30.90 -11.47
CA LYS D 221 21.34 30.47 -10.91
C LYS D 221 22.45 30.94 -11.83
N GLN D 222 22.81 32.22 -11.72
CA GLN D 222 23.83 32.86 -12.52
C GLN D 222 24.82 33.54 -11.57
N TRP D 223 25.83 32.79 -11.15
CA TRP D 223 26.84 33.35 -10.26
C TRP D 223 27.67 34.43 -10.95
N ASP D 224 28.13 34.15 -12.18
CA ASP D 224 29.04 35.07 -12.85
C ASP D 224 28.40 36.45 -13.07
N VAL D 225 27.10 36.47 -13.35
CA VAL D 225 26.40 37.74 -13.50
C VAL D 225 26.25 38.44 -12.15
N VAL D 226 25.88 37.70 -11.10
CA VAL D 226 25.46 38.33 -9.85
C VAL D 226 26.64 38.95 -9.13
N THR D 227 27.84 38.37 -9.26
CA THR D 227 29.02 38.97 -8.64
C THR D 227 29.42 40.24 -9.40
N TYR D 228 29.42 40.19 -10.73
CA TYR D 228 29.88 41.32 -11.51
C TYR D 228 28.95 42.52 -11.31
N LEU D 229 27.64 42.27 -11.21
CA LEU D 229 26.71 43.36 -10.96
C LEU D 229 26.96 44.01 -9.61
N LEU D 230 27.51 43.26 -8.65
CA LEU D 230 27.68 43.78 -7.31
C LEU D 230 29.00 44.52 -7.14
N GLU D 231 30.06 44.08 -7.83
CA GLU D 231 31.39 44.63 -7.62
C GLU D 231 31.99 45.24 -8.88
N ASN D 232 31.17 45.62 -9.85
CA ASN D 232 31.70 46.29 -11.03
C ASN D 232 32.10 47.72 -10.69
N PRO D 233 33.14 48.25 -11.33
CA PRO D 233 33.57 49.62 -11.04
C PRO D 233 32.70 50.68 -11.70
N HIS D 234 31.90 50.33 -12.71
CA HIS D 234 31.07 51.31 -13.39
C HIS D 234 29.90 51.74 -12.51
N GLN D 235 29.04 50.79 -12.13
CA GLN D 235 27.93 51.07 -11.25
C GLN D 235 27.59 49.82 -10.44
N PRO D 236 28.05 49.72 -9.20
CA PRO D 236 27.82 48.51 -8.42
C PRO D 236 26.41 48.45 -7.85
N ALA D 237 25.81 47.27 -7.92
CA ALA D 237 24.49 47.06 -7.33
C ALA D 237 24.62 46.94 -5.81
N SER D 238 23.49 47.14 -5.13
CA SER D 238 23.43 47.08 -3.68
C SER D 238 22.46 45.99 -3.26
N LEU D 239 22.90 45.14 -2.33
CA LEU D 239 22.02 44.09 -1.81
C LEU D 239 20.89 44.65 -0.96
N GLU D 240 21.01 45.90 -0.50
CA GLU D 240 19.98 46.53 0.31
C GLU D 240 18.87 47.16 -0.52
N ALA D 241 18.97 47.11 -1.85
CA ALA D 241 17.93 47.67 -2.70
C ALA D 241 16.63 46.87 -2.54
N THR D 242 15.51 47.59 -2.64
CA THR D 242 14.20 46.99 -2.43
C THR D 242 13.32 47.25 -3.65
N ASP D 243 12.39 46.33 -3.89
CA ASP D 243 11.44 46.46 -4.98
C ASP D 243 10.19 47.21 -4.49
N SER D 244 9.13 47.16 -5.30
CA SER D 244 7.89 47.86 -4.98
C SER D 244 7.25 47.35 -3.69
N LEU D 245 7.45 46.08 -3.34
CA LEU D 245 6.93 45.52 -2.10
C LEU D 245 7.92 45.61 -0.95
N GLY D 246 9.08 46.25 -1.16
CA GLY D 246 10.11 46.32 -0.14
C GLY D 246 11.00 45.09 -0.06
N ASN D 247 10.82 44.13 -0.96
CA ASN D 247 11.61 42.90 -0.91
C ASN D 247 13.02 43.17 -1.43
N THR D 248 14.02 42.76 -0.65
CA THR D 248 15.40 42.83 -1.09
C THR D 248 15.75 41.57 -1.89
N VAL D 249 17.05 41.38 -2.15
CA VAL D 249 17.49 40.19 -2.88
C VAL D 249 17.24 38.94 -2.05
N LEU D 250 17.44 39.03 -0.73
CA LEU D 250 17.22 37.88 0.13
C LEU D 250 15.73 37.54 0.24
N HIS D 251 14.87 38.56 0.28
CA HIS D 251 13.43 38.31 0.29
C HIS D 251 12.97 37.64 -1.00
N ALA D 252 13.50 38.09 -2.14
CA ALA D 252 13.09 37.53 -3.42
C ALA D 252 13.47 36.06 -3.53
N LEU D 253 14.65 35.70 -3.03
CA LEU D 253 15.06 34.29 -3.05
C LEU D 253 14.13 33.42 -2.24
N VAL D 254 13.63 33.94 -1.11
CA VAL D 254 12.72 33.18 -0.27
C VAL D 254 11.42 32.89 -1.00
N MET D 255 10.85 33.89 -1.66
CA MET D 255 9.55 33.72 -2.31
C MET D 255 9.62 32.73 -3.47
N ILE D 256 10.70 32.76 -4.25
CA ILE D 256 10.84 31.89 -5.41
C ILE D 256 11.32 30.51 -4.99
N ALA D 257 11.57 30.32 -3.70
CA ALA D 257 12.08 29.05 -3.19
C ALA D 257 10.94 28.07 -3.00
N ASP D 258 10.97 26.96 -3.74
CA ASP D 258 10.01 25.89 -3.53
C ASP D 258 10.54 24.90 -2.49
N ASN D 259 9.68 23.98 -2.08
CA ASN D 259 10.07 22.93 -1.15
C ASN D 259 10.70 21.73 -1.85
N SER D 260 10.81 21.76 -3.18
CA SER D 260 11.52 20.73 -3.90
C SER D 260 13.00 20.74 -3.49
N PRO D 261 13.62 19.58 -3.32
CA PRO D 261 15.00 19.58 -2.82
C PRO D 261 16.06 19.83 -3.89
N GLU D 262 15.68 19.93 -5.16
CA GLU D 262 16.59 20.47 -6.17
C GLU D 262 16.55 21.99 -6.18
N ASN D 263 15.35 22.57 -6.04
CA ASN D 263 15.21 24.02 -5.99
C ASN D 263 15.78 24.59 -4.70
N SER D 264 15.44 23.96 -3.56
CA SER D 264 15.85 24.50 -2.27
C SER D 264 17.36 24.48 -2.10
N ALA D 265 18.05 23.51 -2.71
CA ALA D 265 19.51 23.46 -2.60
C ALA D 265 20.15 24.66 -3.28
N LEU D 266 19.65 25.06 -4.44
CA LEU D 266 20.23 26.20 -5.15
C LEU D 266 19.88 27.52 -4.47
N VAL D 267 18.65 27.63 -3.95
CA VAL D 267 18.26 28.86 -3.26
C VAL D 267 19.08 29.06 -2.00
N ILE D 268 19.29 28.00 -1.23
CA ILE D 268 20.10 28.09 -0.02
C ILE D 268 21.54 28.46 -0.38
N HIS D 269 22.09 27.80 -1.39
CA HIS D 269 23.47 28.10 -1.80
C HIS D 269 23.59 29.53 -2.32
N MET D 270 22.57 29.99 -3.06
CA MET D 270 22.54 31.40 -3.46
C MET D 270 22.35 32.31 -2.25
N TYR D 271 21.55 31.87 -1.28
CA TYR D 271 21.32 32.69 -0.09
C TYR D 271 22.60 32.91 0.70
N ASP D 272 23.37 31.84 0.92
CA ASP D 272 24.60 31.94 1.68
C ASP D 272 25.64 32.77 0.93
N GLY D 273 25.76 32.56 -0.38
CA GLY D 273 26.76 33.27 -1.15
C GLY D 273 26.53 34.77 -1.18
N LEU D 274 25.28 35.19 -1.40
CA LEU D 274 24.97 36.60 -1.39
C LEU D 274 25.15 37.19 0.01
N LEU D 275 24.78 36.44 1.04
CA LEU D 275 24.95 36.90 2.41
C LEU D 275 26.43 37.03 2.77
N GLN D 276 27.24 36.06 2.37
CA GLN D 276 28.67 36.12 2.65
C GLN D 276 29.33 37.27 1.90
N MET D 277 29.00 37.44 0.62
CA MET D 277 29.58 38.53 -0.15
C MET D 277 29.09 39.89 0.34
N GLY D 278 27.92 39.91 0.98
CA GLY D 278 27.44 41.15 1.57
C GLY D 278 28.31 41.63 2.72
N ALA D 279 29.00 40.69 3.38
CA ALA D 279 29.92 41.06 4.45
C ALA D 279 31.16 41.77 3.92
N ARG D 280 31.41 41.70 2.61
CA ARG D 280 32.56 42.39 2.04
C ARG D 280 32.17 43.77 1.50
N LEU D 281 31.09 43.83 0.73
CA LEU D 281 30.68 45.10 0.12
C LEU D 281 30.05 46.06 1.12
N CYS D 282 29.22 45.54 2.03
CA CYS D 282 28.56 46.38 3.02
C CYS D 282 28.63 45.75 4.41
N PRO D 283 29.81 45.74 5.04
CA PRO D 283 29.93 45.14 6.38
C PRO D 283 29.06 45.80 7.42
N THR D 284 28.82 47.11 7.30
CA THR D 284 28.06 47.84 8.31
C THR D 284 26.55 47.64 8.18
N VAL D 285 26.08 47.00 7.11
CA VAL D 285 24.66 46.79 6.88
C VAL D 285 24.34 45.33 7.13
N GLN D 286 23.34 45.09 7.98
CA GLN D 286 22.87 43.74 8.28
C GLN D 286 21.74 43.41 7.31
N LEU D 287 22.05 42.57 6.32
CA LEU D 287 21.07 42.24 5.29
C LEU D 287 19.94 41.38 5.85
N GLU D 288 20.20 40.64 6.93
CA GLU D 288 19.19 39.75 7.47
C GLU D 288 18.10 40.48 8.24
N GLU D 289 18.31 41.74 8.60
CA GLU D 289 17.36 42.49 9.41
C GLU D 289 16.62 43.56 8.63
N ILE D 290 16.67 43.53 7.30
CA ILE D 290 15.93 44.47 6.48
C ILE D 290 14.48 44.00 6.37
N SER D 291 13.55 44.89 6.70
CA SER D 291 12.13 44.56 6.70
C SER D 291 11.45 45.18 5.49
N ASN D 292 10.60 44.40 4.84
CA ASN D 292 9.83 44.87 3.69
C ASN D 292 8.65 45.71 4.16
N HIS D 293 7.76 46.05 3.21
CA HIS D 293 6.58 46.83 3.55
C HIS D 293 5.63 46.10 4.49
N GLN D 294 5.70 44.77 4.55
CA GLN D 294 4.92 44.01 5.51
C GLN D 294 5.59 43.90 6.87
N GLY D 295 6.80 44.42 7.02
CA GLY D 295 7.53 44.34 8.27
C GLY D 295 8.17 43.00 8.55
N LEU D 296 8.39 42.18 7.52
CA LEU D 296 8.93 40.83 7.69
C LEU D 296 10.38 40.79 7.24
N THR D 297 11.24 40.24 8.08
CA THR D 297 12.62 39.97 7.72
C THR D 297 12.67 38.73 6.83
N PRO D 298 13.80 38.47 6.16
CA PRO D 298 13.89 37.24 5.35
C PRO D 298 13.62 35.97 6.14
N LEU D 299 13.95 35.95 7.43
CA LEU D 299 13.60 34.80 8.26
C LEU D 299 12.11 34.76 8.55
N LYS D 300 11.51 35.90 8.86
CA LYS D 300 10.08 35.96 9.14
C LYS D 300 9.27 35.67 7.88
N LEU D 301 9.76 36.11 6.72
CA LEU D 301 9.03 35.87 5.46
C LEU D 301 8.95 34.38 5.16
N ALA D 302 10.03 33.65 5.42
CA ALA D 302 10.00 32.20 5.20
C ALA D 302 8.99 31.52 6.09
N ALA D 303 8.84 31.97 7.33
CA ALA D 303 7.84 31.40 8.22
C ALA D 303 6.43 31.69 7.73
N LYS D 304 6.19 32.93 7.28
CA LYS D 304 4.86 33.28 6.78
C LYS D 304 4.53 32.54 5.49
N GLU D 305 5.50 32.46 4.58
CA GLU D 305 5.25 31.79 3.30
C GLU D 305 5.19 30.27 3.45
N GLY D 306 5.57 29.74 4.61
CA GLY D 306 5.50 28.31 4.83
C GLY D 306 6.55 27.52 4.07
N LYS D 307 7.71 28.12 3.81
CA LYS D 307 8.78 27.45 3.07
C LYS D 307 9.82 26.95 4.06
N ILE D 308 9.58 25.72 4.53
CA ILE D 308 10.36 25.17 5.65
C ILE D 308 11.80 24.91 5.24
N GLU D 309 12.02 24.53 3.98
CA GLU D 309 13.36 24.14 3.56
C GLU D 309 14.36 25.28 3.71
N ILE D 310 13.99 26.49 3.31
CA ILE D 310 14.86 27.63 3.54
C ILE D 310 14.71 28.15 4.96
N PHE D 311 13.54 27.97 5.57
CA PHE D 311 13.33 28.39 6.95
C PHE D 311 14.22 27.61 7.90
N ARG D 312 14.37 26.30 7.67
CA ARG D 312 15.22 25.47 8.52
C ARG D 312 16.67 25.90 8.45
N HIS D 313 17.15 26.22 7.24
CA HIS D 313 18.56 26.56 7.07
C HIS D 313 18.92 27.84 7.79
N ILE D 314 18.06 28.86 7.73
CA ILE D 314 18.37 30.14 8.35
C ILE D 314 18.45 29.99 9.87
N LEU D 315 17.53 29.22 10.45
CA LEU D 315 17.56 29.01 11.90
C LEU D 315 18.83 28.29 12.33
N GLN D 316 19.24 27.28 11.57
CA GLN D 316 20.39 26.46 11.90
C GLN D 316 21.63 26.83 11.09
N ARG D 317 21.73 28.08 10.63
CA ARG D 317 22.86 28.50 9.82
C ARG D 317 24.12 28.56 10.67
N GLU D 318 25.19 27.95 10.16
CA GLU D 318 26.48 27.95 10.86
C GLU D 318 27.60 28.09 9.85
N PHE D 319 28.51 29.01 10.12
CA PHE D 319 29.66 29.24 9.27
C PHE D 319 30.93 29.27 10.12
N SER D 320 32.07 29.07 9.46
CA SER D 320 33.36 29.08 10.12
C SER D 320 34.31 29.99 9.35
N GLY D 321 35.29 30.54 10.08
CA GLY D 321 36.26 31.43 9.49
C GLY D 321 35.85 32.88 9.61
N PRO D 322 36.17 33.69 8.60
CA PRO D 322 35.79 35.11 8.64
C PRO D 322 34.29 35.33 8.60
N TYR D 323 33.51 34.38 8.08
CA TYR D 323 32.07 34.52 7.99
C TYR D 323 31.34 33.90 9.18
N GLN D 324 32.05 33.60 10.26
CA GLN D 324 31.48 33.06 11.49
C GLN D 324 30.41 33.97 12.09
N PRO D 325 30.58 35.30 12.13
CA PRO D 325 29.52 36.16 12.70
C PRO D 325 28.19 36.07 11.97
N LEU D 326 28.18 35.61 10.72
CA LEU D 326 26.93 35.44 9.99
C LEU D 326 26.13 34.23 10.45
N SER D 327 26.69 33.39 11.32
CA SER D 327 26.01 32.19 11.77
C SER D 327 24.91 32.54 12.78
N ARG D 328 23.90 31.67 12.84
CA ARG D 328 22.88 31.74 13.87
C ARG D 328 22.92 30.57 14.84
N LYS D 329 23.66 29.51 14.50
CA LYS D 329 23.86 28.37 15.38
C LYS D 329 25.35 28.24 15.68
N PHE D 330 25.70 28.32 16.96
CA PHE D 330 27.08 28.28 17.41
C PHE D 330 27.29 27.03 18.26
N THR D 331 28.08 26.10 17.75
CA THR D 331 28.37 24.86 18.49
C THR D 331 29.26 25.19 19.68
N GLU D 332 28.78 24.85 20.88
CA GLU D 332 29.54 25.12 22.10
C GLU D 332 30.59 24.04 22.35
N TRP D 333 30.16 22.78 22.47
CA TRP D 333 31.09 21.67 22.55
C TRP D 333 30.40 20.41 22.04
N CYS D 334 31.18 19.56 21.37
CA CYS D 334 30.69 18.31 20.83
C CYS D 334 31.47 17.16 21.45
N TYR D 335 30.75 16.18 22.00
CA TYR D 335 31.38 15.05 22.67
C TYR D 335 30.63 13.78 22.26
N GLY D 336 31.18 13.06 21.29
CA GLY D 336 30.52 11.89 20.76
C GLY D 336 29.21 12.24 20.07
N PRO D 337 28.14 11.53 20.42
CA PRO D 337 26.84 11.82 19.83
C PRO D 337 26.14 13.03 20.42
N VAL D 338 26.68 13.62 21.48
CA VAL D 338 26.05 14.74 22.16
C VAL D 338 26.65 16.05 21.65
N ARG D 339 25.81 16.91 21.11
CA ARG D 339 26.21 18.22 20.64
C ARG D 339 25.46 19.30 21.40
N VAL D 340 26.17 20.36 21.77
CA VAL D 340 25.60 21.52 22.45
C VAL D 340 25.81 22.73 21.55
N SER D 341 24.71 23.36 21.14
CA SER D 341 24.73 24.46 20.20
C SER D 341 23.96 25.64 20.76
N LEU D 342 24.47 26.84 20.53
CA LEU D 342 23.81 28.07 20.93
C LEU D 342 23.04 28.63 19.73
N TYR D 343 21.72 28.61 19.81
CA TYR D 343 20.86 29.09 18.74
C TYR D 343 20.44 30.52 19.03
N ASP D 344 20.56 31.38 18.02
CA ASP D 344 20.18 32.78 18.17
C ASP D 344 18.66 32.90 18.19
N LEU D 345 18.14 33.64 19.16
CA LEU D 345 16.70 33.85 19.30
C LEU D 345 16.25 35.20 18.78
N SER D 346 17.10 35.94 18.10
CA SER D 346 16.70 37.23 17.56
C SER D 346 15.59 37.06 16.54
N SER D 347 14.51 37.82 16.72
CA SER D 347 13.32 37.76 15.86
C SER D 347 12.67 36.39 15.89
N VAL D 348 13.06 35.54 16.85
CA VAL D 348 12.49 34.21 16.97
C VAL D 348 11.72 34.05 18.27
N ASP D 349 12.28 34.55 19.37
CA ASP D 349 11.59 34.47 20.65
C ASP D 349 10.29 35.26 20.61
N SER D 350 9.27 34.74 21.29
CA SER D 350 7.95 35.38 21.28
C SER D 350 7.88 36.61 22.17
N TRP D 351 8.97 36.98 22.84
CA TRP D 351 8.96 38.18 23.67
C TRP D 351 8.71 39.43 22.83
N GLU D 352 9.26 39.48 21.61
CA GLU D 352 9.09 40.60 20.72
C GLU D 352 7.86 40.39 19.82
N LYS D 353 7.15 41.47 19.54
CA LYS D 353 5.95 41.38 18.72
C LYS D 353 6.30 41.01 17.28
N ASN D 354 5.36 40.33 16.62
CA ASN D 354 5.53 39.89 15.23
C ASN D 354 6.76 39.01 15.08
N SER D 355 6.97 38.12 16.03
CA SER D 355 8.10 37.20 15.98
C SER D 355 7.80 36.02 15.08
N VAL D 356 8.83 35.18 14.88
CA VAL D 356 8.66 34.00 14.02
C VAL D 356 7.66 33.02 14.63
N LEU D 357 7.71 32.85 15.95
CA LEU D 357 6.80 31.92 16.61
C LEU D 357 5.35 32.36 16.45
N GLU D 358 5.08 33.66 16.58
CA GLU D 358 3.72 34.16 16.42
C GLU D 358 3.26 34.05 14.97
N ILE D 359 4.17 34.26 14.02
CA ILE D 359 3.81 34.22 12.60
C ILE D 359 3.37 32.81 12.20
N ILE D 360 4.10 31.80 12.66
CA ILE D 360 3.79 30.41 12.29
C ILE D 360 2.43 30.02 12.84
N ALA D 361 2.15 30.37 14.10
CA ALA D 361 0.90 29.92 14.73
C ALA D 361 -0.30 30.65 14.17
N PHE D 362 -0.19 31.96 13.92
CA PHE D 362 -1.34 32.77 13.55
C PHE D 362 -1.28 33.29 12.13
N HIS D 363 -0.21 33.98 11.74
CA HIS D 363 -0.15 34.61 10.43
C HIS D 363 0.13 33.64 9.29
N CYS D 364 0.78 32.52 9.56
CA CYS D 364 1.02 31.52 8.52
C CYS D 364 -0.26 30.76 8.21
N LYS D 365 -0.43 30.40 6.93
CA LYS D 365 -1.62 29.68 6.49
C LYS D 365 -1.26 28.47 5.61
N SER D 366 0.02 28.18 5.43
CA SER D 366 0.43 27.04 4.62
C SER D 366 0.18 25.74 5.38
N PRO D 367 0.04 24.62 4.66
CA PRO D 367 -0.11 23.33 5.35
C PRO D 367 1.15 22.85 6.04
N ASN D 368 2.29 23.51 5.84
CA ASN D 368 3.55 23.07 6.42
C ASN D 368 3.82 23.67 7.79
N ARG D 369 2.92 24.50 8.33
CA ARG D 369 3.21 25.20 9.57
C ARG D 369 3.33 24.26 10.75
N HIS D 370 2.72 23.06 10.69
CA HIS D 370 2.90 22.11 11.77
C HIS D 370 4.27 21.43 11.71
N ARG D 371 4.89 21.39 10.52
CA ARG D 371 6.22 20.82 10.40
C ARG D 371 7.31 21.81 10.79
N MET D 372 6.98 23.10 10.88
CA MET D 372 8.01 24.09 11.16
C MET D 372 8.16 24.35 12.66
N VAL D 373 7.15 23.97 13.46
CA VAL D 373 7.23 24.14 14.90
C VAL D 373 7.99 23.02 15.59
N VAL D 374 8.40 21.98 14.85
CA VAL D 374 9.15 20.87 15.42
C VAL D 374 10.65 20.99 15.14
N LEU D 375 11.07 22.01 14.39
CA LEU D 375 12.48 22.22 14.11
C LEU D 375 13.18 22.84 15.31
N GLU D 376 14.51 22.75 15.31
CA GLU D 376 15.29 23.41 16.34
C GLU D 376 15.65 24.83 15.91
N PRO D 377 15.70 25.78 16.86
CA PRO D 377 15.47 25.63 18.30
C PRO D 377 14.00 25.72 18.68
N LEU D 378 13.10 25.80 17.70
CA LEU D 378 11.68 25.98 18.00
C LEU D 378 11.13 24.81 18.81
N ASN D 379 11.63 23.60 18.55
CA ASN D 379 11.15 22.43 19.28
C ASN D 379 11.47 22.54 20.77
N LYS D 380 12.70 22.96 21.08
CA LYS D 380 13.08 23.09 22.48
C LYS D 380 12.61 24.42 23.08
N LEU D 381 12.53 25.47 22.26
CA LEU D 381 12.07 26.76 22.77
C LEU D 381 10.60 26.68 23.19
N LEU D 382 9.77 25.99 22.41
CA LEU D 382 8.37 25.83 22.77
C LEU D 382 8.20 24.81 23.89
N GLN D 383 9.06 23.79 23.94
CA GLN D 383 8.96 22.79 25.01
C GLN D 383 9.26 23.41 26.37
N GLU D 384 10.26 24.29 26.44
CA GLU D 384 10.57 24.97 27.70
C GLU D 384 9.48 25.96 28.09
N LYS D 385 8.83 26.58 27.10
CA LYS D 385 7.70 27.45 27.41
C LYS D 385 6.50 26.64 27.92
N TRP D 386 6.28 25.46 27.34
CA TRP D 386 5.18 24.61 27.79
C TRP D 386 5.41 24.14 29.21
N ASP D 387 6.64 23.75 29.55
CA ASP D 387 6.94 23.28 30.89
C ASP D 387 6.73 24.37 31.93
N ARG D 388 6.99 25.63 31.56
CA ARG D 388 6.74 26.73 32.47
C ARG D 388 5.25 27.00 32.61
N LEU D 389 4.51 26.86 31.53
CA LEU D 389 3.08 27.17 31.51
C LEU D 389 2.19 25.96 31.64
N VAL D 390 2.75 24.77 31.92
CA VAL D 390 1.91 23.58 32.07
C VAL D 390 1.05 23.68 33.32
N SER D 391 1.53 24.37 34.35
CA SER D 391 0.73 24.57 35.55
C SER D 391 -0.42 25.53 35.29
N ARG D 392 -0.19 26.54 34.44
CA ARG D 392 -1.25 27.47 34.09
C ARG D 392 -2.31 26.81 33.23
N PHE D 393 -1.91 25.86 32.38
CA PHE D 393 -2.87 25.15 31.54
C PHE D 393 -3.82 24.31 32.39
N PHE D 394 -3.28 23.61 33.39
CA PHE D 394 -4.13 22.76 34.23
C PHE D 394 -4.95 23.58 35.21
N PHE D 395 -4.43 24.72 35.66
CA PHE D 395 -5.25 25.61 36.48
C PHE D 395 -6.42 26.15 35.68
N ASN D 396 -6.19 26.50 34.41
CA ASN D 396 -7.28 26.87 33.52
C ASN D 396 -8.24 25.71 33.32
N PHE D 397 -7.71 24.50 33.18
CA PHE D 397 -8.55 23.32 33.06
C PHE D 397 -9.35 23.08 34.33
N ALA D 398 -8.71 23.24 35.49
CA ALA D 398 -9.39 23.02 36.76
C ALA D 398 -10.51 24.05 36.98
N CYS D 399 -10.26 25.30 36.59
CA CYS D 399 -11.29 26.32 36.74
C CYS D 399 -12.48 26.06 35.81
N TYR D 400 -12.22 25.45 34.65
CA TYR D 400 -13.31 25.12 33.75
C TYR D 400 -14.13 23.94 34.26
N LEU D 401 -13.46 22.95 34.84
CA LEU D 401 -14.18 21.82 35.43
C LEU D 401 -15.06 22.27 36.59
N VAL D 402 -14.54 23.17 37.43
CA VAL D 402 -15.33 23.69 38.54
C VAL D 402 -16.53 24.48 38.00
N TYR D 403 -16.30 25.29 36.96
CA TYR D 403 -17.37 26.07 36.37
C TYR D 403 -18.44 25.16 35.75
N MET D 404 -18.00 24.08 35.09
CA MET D 404 -18.96 23.17 34.49
C MET D 404 -19.61 22.27 35.53
N PHE D 405 -18.91 21.97 36.62
CA PHE D 405 -19.53 21.23 37.72
C PHE D 405 -20.67 22.04 38.33
N ILE D 406 -20.46 23.34 38.51
CA ILE D 406 -21.52 24.21 38.97
C ILE D 406 -22.64 24.28 37.94
N PHE D 407 -22.28 24.33 36.66
CA PHE D 407 -23.28 24.41 35.60
C PHE D 407 -24.16 23.17 35.58
N THR D 408 -23.54 21.98 35.71
CA THR D 408 -24.31 20.74 35.66
C THR D 408 -25.24 20.62 36.86
N VAL D 409 -24.77 21.00 38.05
CA VAL D 409 -25.60 20.89 39.25
C VAL D 409 -26.79 21.84 39.17
N VAL D 410 -26.55 23.07 38.72
CA VAL D 410 -27.63 24.04 38.62
C VAL D 410 -28.63 23.61 37.56
N ALA D 411 -28.15 23.08 36.44
CA ALA D 411 -29.05 22.64 35.37
C ALA D 411 -29.96 21.51 35.85
N TYR D 412 -29.38 20.55 36.58
CA TYR D 412 -30.18 19.43 37.07
C TYR D 412 -31.19 19.86 38.12
N HIS D 413 -30.75 20.62 39.11
CA HIS D 413 -31.60 21.03 40.23
C HIS D 413 -32.45 22.25 39.91
N GLN D 414 -32.65 22.56 38.63
CA GLN D 414 -33.53 23.64 38.25
C GLN D 414 -34.97 23.28 38.60
N PRO D 415 -35.74 24.23 39.17
CA PRO D 415 -37.15 24.00 39.52
C PRO D 415 -38.01 23.60 38.33
N GLY D 430 -32.21 25.87 49.87
CA GLY D 430 -32.02 25.24 48.58
C GLY D 430 -32.03 26.25 47.44
N GLU D 431 -32.92 27.25 47.51
CA GLU D 431 -32.96 28.28 46.48
C GLU D 431 -31.77 29.21 46.58
N SER D 432 -31.24 29.42 47.79
CA SER D 432 -30.09 30.30 47.96
C SER D 432 -28.87 29.75 47.23
N MET D 433 -28.61 28.44 47.35
CA MET D 433 -27.49 27.85 46.63
C MET D 433 -27.73 27.86 45.12
N LEU D 434 -28.98 27.63 44.71
CA LEU D 434 -29.32 27.76 43.29
C LEU D 434 -29.11 29.17 42.80
N LEU D 435 -29.52 30.16 43.60
CA LEU D 435 -29.27 31.56 43.22
C LEU D 435 -27.79 31.85 43.17
N LEU D 436 -27.03 31.35 44.13
CA LEU D 436 -25.58 31.50 44.10
C LEU D 436 -24.99 30.76 42.89
N GLY D 437 -25.51 29.57 42.60
CA GLY D 437 -25.06 28.84 41.42
C GLY D 437 -25.40 29.58 40.14
N HIS D 438 -26.58 30.21 40.08
CA HIS D 438 -26.95 30.99 38.91
C HIS D 438 -26.04 32.19 38.73
N ILE D 439 -25.63 32.82 39.85
CA ILE D 439 -24.74 33.98 39.77
C ILE D 439 -23.38 33.56 39.24
N LEU D 440 -22.85 32.43 39.73
CA LEU D 440 -21.53 31.98 39.32
C LEU D 440 -21.48 31.67 37.83
N ILE D 441 -22.51 31.00 37.31
CA ILE D 441 -22.53 30.73 35.88
C ILE D 441 -22.83 31.99 35.09
N LEU D 442 -23.46 32.99 35.72
CA LEU D 442 -23.62 34.29 35.06
C LEU D 442 -22.30 35.04 35.01
N LEU D 443 -21.57 35.05 36.13
CA LEU D 443 -20.25 35.68 36.15
C LEU D 443 -19.26 34.91 35.29
N GLY D 444 -19.32 33.58 35.35
CA GLY D 444 -18.45 32.77 34.50
C GLY D 444 -18.75 32.96 33.03
N GLY D 445 -20.03 33.06 32.67
CA GLY D 445 -20.38 33.28 31.28
C GLY D 445 -19.86 34.60 30.75
N ILE D 446 -19.90 35.65 31.57
CA ILE D 446 -19.35 36.93 31.18
C ILE D 446 -17.83 36.84 31.04
N TYR D 447 -17.19 36.11 31.95
CA TYR D 447 -15.74 35.97 31.91
C TYR D 447 -15.28 35.30 30.62
N LEU D 448 -15.96 34.22 30.22
CA LEU D 448 -15.62 33.58 28.95
C LEU D 448 -16.01 34.45 27.77
N LEU D 449 -17.09 35.22 27.91
CA LEU D 449 -17.51 36.12 26.83
C LEU D 449 -16.47 37.22 26.60
N LEU D 450 -16.01 37.85 27.69
CA LEU D 450 -15.01 38.90 27.55
C LEU D 450 -13.66 38.32 27.12
N GLY D 451 -13.33 37.13 27.60
CA GLY D 451 -12.07 36.51 27.20
C GLY D 451 -12.03 36.17 25.73
N GLN D 452 -13.12 35.64 25.19
CA GLN D 452 -13.15 35.28 23.78
C GLN D 452 -13.28 36.51 22.88
N LEU D 453 -14.01 37.54 23.32
CA LEU D 453 -14.08 38.77 22.56
C LEU D 453 -12.72 39.44 22.46
N TRP D 454 -11.95 39.41 23.56
CA TRP D 454 -10.60 39.95 23.53
C TRP D 454 -9.70 39.13 22.60
N TYR D 455 -9.91 37.81 22.58
CA TYR D 455 -9.11 36.95 21.71
C TYR D 455 -9.39 37.23 20.24
N PHE D 456 -10.66 37.29 19.87
CA PHE D 456 -11.02 37.53 18.48
C PHE D 456 -10.66 38.94 18.03
N TRP D 457 -10.66 39.90 18.95
CA TRP D 457 -10.21 41.25 18.61
C TRP D 457 -8.73 41.25 18.25
N ARG D 458 -7.93 40.45 18.96
CA ARG D 458 -6.51 40.35 18.64
C ARG D 458 -6.28 39.47 17.41
N ARG D 459 -7.19 38.52 17.16
CA ARG D 459 -7.08 37.63 16.01
C ARG D 459 -7.80 38.17 14.79
N ARG D 460 -8.33 39.40 14.83
CA ARG D 460 -9.14 39.90 13.73
C ARG D 460 -8.34 40.03 12.43
N LEU D 461 -7.01 40.14 12.53
CA LEU D 461 -6.20 40.36 11.35
C LEU D 461 -6.02 39.10 10.50
N PHE D 462 -6.01 37.92 11.13
CA PHE D 462 -5.81 36.65 10.40
C PHE D 462 -6.74 35.61 11.01
N ILE D 463 -7.90 35.40 10.38
CA ILE D 463 -8.84 34.38 10.79
C ILE D 463 -9.51 33.76 9.57
N MET D 468 -9.94 26.56 10.79
CA MET D 468 -10.24 25.43 11.64
C MET D 468 -9.37 25.37 12.89
N ASP D 469 -8.27 26.13 12.94
CA ASP D 469 -7.46 26.19 14.15
C ASP D 469 -8.16 26.93 15.27
N SER D 470 -9.09 27.83 14.95
CA SER D 470 -9.90 28.52 15.93
C SER D 470 -11.25 27.83 16.15
N TYR D 471 -11.31 26.52 15.95
CA TYR D 471 -12.58 25.79 16.07
C TYR D 471 -13.14 25.90 17.49
N PHE D 472 -12.30 25.63 18.49
CA PHE D 472 -12.76 25.71 19.87
C PHE D 472 -12.90 27.15 20.35
N GLU D 473 -12.18 28.08 19.73
CA GLU D 473 -12.34 29.49 20.10
C GLU D 473 -13.73 29.99 19.74
N ILE D 474 -14.30 29.50 18.65
CA ILE D 474 -15.68 29.85 18.29
C ILE D 474 -16.66 29.21 19.27
N LEU D 475 -16.46 27.93 19.59
CA LEU D 475 -17.37 27.24 20.50
C LEU D 475 -17.33 27.84 21.90
N PHE D 476 -16.14 28.20 22.39
CA PHE D 476 -16.04 28.81 23.70
C PHE D 476 -16.75 30.16 23.74
N LEU D 477 -16.86 30.83 22.60
CA LEU D 477 -17.62 32.07 22.52
C LEU D 477 -19.12 31.78 22.53
N LEU D 478 -19.56 30.77 21.78
CA LEU D 478 -20.98 30.44 21.73
C LEU D 478 -21.50 30.00 23.10
N GLN D 479 -20.73 29.17 23.80
CA GLN D 479 -21.14 28.73 25.12
C GLN D 479 -21.28 29.91 26.07
N ALA D 480 -20.40 30.91 25.94
CA ALA D 480 -20.49 32.10 26.78
C ALA D 480 -21.69 32.95 26.40
N LEU D 481 -21.93 33.12 25.10
CA LEU D 481 -23.05 33.95 24.65
C LEU D 481 -24.39 33.34 25.09
N LEU D 482 -24.56 32.03 24.89
CA LEU D 482 -25.80 31.39 25.29
C LEU D 482 -25.99 31.40 26.80
N THR D 483 -24.92 31.22 27.57
CA THR D 483 -25.03 31.28 29.03
C THR D 483 -25.43 32.67 29.50
N VAL D 484 -24.85 33.71 28.89
CA VAL D 484 -25.24 35.08 29.24
C VAL D 484 -26.68 35.34 28.83
N LEU D 485 -27.05 34.89 27.63
CA LEU D 485 -28.43 35.06 27.16
C LEU D 485 -29.41 34.31 28.04
N SER D 486 -29.06 33.07 28.43
CA SER D 486 -29.96 32.27 29.26
C SER D 486 -30.18 32.93 30.61
N GLN D 487 -29.12 33.45 31.23
CA GLN D 487 -29.28 34.14 32.50
C GLN D 487 -30.02 35.46 32.34
N VAL D 488 -29.86 36.14 31.20
CA VAL D 488 -30.63 37.34 30.91
C VAL D 488 -32.10 36.98 30.77
N LEU D 489 -32.39 35.88 30.05
CA LEU D 489 -33.78 35.44 29.90
C LEU D 489 -34.39 35.05 31.24
N ARG D 490 -33.62 34.40 32.11
CA ARG D 490 -34.14 34.00 33.42
C ARG D 490 -34.57 35.22 34.23
N PHE D 491 -33.88 36.35 34.07
CA PHE D 491 -34.28 37.57 34.76
C PHE D 491 -35.63 38.06 34.28
N MET D 492 -35.92 37.88 32.99
CA MET D 492 -37.21 38.28 32.42
C MET D 492 -38.28 37.21 32.61
N GLU D 493 -37.95 36.09 33.24
CA GLU D 493 -38.88 35.02 33.60
C GLU D 493 -39.50 34.34 32.38
N THR D 494 -38.91 34.49 31.20
CA THR D 494 -39.41 33.79 30.02
C THR D 494 -39.02 32.32 30.11
N GLU D 495 -39.91 31.44 29.62
CA GLU D 495 -39.67 30.00 29.74
C GLU D 495 -38.52 29.54 28.86
N TRP D 496 -38.16 30.31 27.84
CA TRP D 496 -37.11 29.90 26.92
C TRP D 496 -35.71 29.99 27.52
N TYR D 497 -35.58 30.40 28.79
CA TYR D 497 -34.27 30.42 29.42
C TYR D 497 -33.74 29.01 29.61
N LEU D 498 -34.63 28.05 29.90
CA LEU D 498 -34.17 26.68 30.15
C LEU D 498 -33.55 26.03 28.91
N PRO D 499 -34.16 26.12 27.71
CA PRO D 499 -33.48 25.54 26.54
C PRO D 499 -32.10 26.13 26.26
N LEU D 500 -31.92 27.42 26.46
CA LEU D 500 -30.61 28.03 26.26
C LEU D 500 -29.63 27.58 27.34
N LEU D 501 -30.11 27.42 28.57
CA LEU D 501 -29.25 26.91 29.64
C LEU D 501 -28.80 25.48 29.34
N VAL D 502 -29.71 24.66 28.83
CA VAL D 502 -29.39 23.28 28.52
C VAL D 502 -28.45 23.19 27.31
N LEU D 503 -28.68 24.02 26.29
CA LEU D 503 -27.77 24.03 25.15
C LEU D 503 -26.37 24.47 25.56
N SER D 504 -26.28 25.44 26.48
CA SER D 504 -24.98 25.84 27.00
C SER D 504 -24.30 24.69 27.73
N LEU D 505 -25.07 23.92 28.51
CA LEU D 505 -24.51 22.78 29.22
C LEU D 505 -23.97 21.73 28.26
N VAL D 506 -24.67 21.50 27.14
CA VAL D 506 -24.20 20.55 26.15
C VAL D 506 -22.93 21.05 25.49
N LEU D 507 -22.93 22.32 25.07
CA LEU D 507 -21.75 22.88 24.42
C LEU D 507 -20.56 22.95 25.37
N GLY D 508 -20.81 23.31 26.63
CA GLY D 508 -19.72 23.41 27.59
C GLY D 508 -19.02 22.09 27.83
N TRP D 509 -19.77 21.00 27.93
CA TRP D 509 -19.16 19.68 28.10
C TRP D 509 -18.36 19.30 26.86
N LEU D 510 -18.87 19.64 25.68
CA LEU D 510 -18.17 19.31 24.44
C LEU D 510 -16.89 20.14 24.29
N ASN D 511 -16.83 21.30 24.93
CA ASN D 511 -15.65 22.14 24.85
C ASN D 511 -14.48 21.56 25.63
N LEU D 512 -14.71 20.49 26.40
CA LEU D 512 -13.66 19.88 27.21
C LEU D 512 -12.61 19.16 26.37
N LEU D 513 -12.84 18.96 25.08
CA LEU D 513 -11.81 18.37 24.23
C LEU D 513 -10.62 19.31 24.04
N TYR D 514 -10.82 20.61 24.26
CA TYR D 514 -9.77 21.59 24.09
C TYR D 514 -8.60 21.30 25.02
N TYR D 515 -8.87 20.75 26.19
CA TYR D 515 -7.83 20.48 27.18
C TYR D 515 -7.22 19.09 27.03
N THR D 516 -7.63 18.33 26.02
CA THR D 516 -6.97 17.04 25.75
C THR D 516 -5.59 17.24 25.16
N ARG D 517 -5.33 18.40 24.55
CA ARG D 517 -4.03 18.68 23.95
C ARG D 517 -2.93 18.85 24.98
N GLY D 518 -3.27 19.01 26.26
CA GLY D 518 -2.27 19.17 27.29
C GLY D 518 -1.58 17.90 27.72
N PHE D 519 -2.09 16.74 27.29
CA PHE D 519 -1.50 15.45 27.62
C PHE D 519 -1.13 14.71 26.34
N GLN D 520 0.03 14.07 26.36
CA GLN D 520 0.48 13.31 25.19
C GLN D 520 -0.44 12.13 24.92
N HIS D 521 -1.02 11.56 25.98
CA HIS D 521 -1.92 10.43 25.82
C HIS D 521 -3.15 10.80 25.01
N THR D 522 -3.81 11.91 25.38
CA THR D 522 -5.03 12.32 24.72
C THR D 522 -4.81 13.28 23.56
N GLY D 523 -3.72 14.04 23.59
CA GLY D 523 -3.46 15.01 22.55
C GLY D 523 -3.24 14.41 21.17
N ILE D 524 -2.43 13.36 21.10
CA ILE D 524 -2.15 12.72 19.82
C ILE D 524 -3.38 11.99 19.29
N TYR D 525 -4.15 11.35 20.18
CA TYR D 525 -5.32 10.61 19.75
C TYR D 525 -6.38 11.53 19.16
N SER D 526 -6.57 12.70 19.76
CA SER D 526 -7.61 13.62 19.31
C SER D 526 -7.17 14.49 18.13
N VAL D 527 -6.03 14.20 17.52
CA VAL D 527 -5.60 14.98 16.36
C VAL D 527 -6.46 14.67 15.15
N MET D 528 -6.74 13.38 14.90
CA MET D 528 -7.38 12.96 13.66
C MET D 528 -8.91 12.96 13.79
N ILE D 529 -9.44 14.11 14.20
CA ILE D 529 -10.88 14.33 14.19
C ILE D 529 -11.21 15.60 13.43
N GLN D 530 -10.52 16.69 13.77
CA GLN D 530 -10.79 17.97 13.11
C GLN D 530 -10.30 17.98 11.67
N LYS D 531 -9.21 17.25 11.39
CA LYS D 531 -8.63 17.27 10.05
C LYS D 531 -9.52 16.57 9.02
N VAL D 532 -10.01 15.38 9.35
CA VAL D 532 -10.74 14.58 8.36
C VAL D 532 -12.15 14.22 8.85
N ILE D 533 -12.28 13.83 10.12
CA ILE D 533 -13.53 13.28 10.62
C ILE D 533 -14.63 14.32 10.59
N LEU D 534 -14.37 15.50 11.15
CA LEU D 534 -15.42 16.51 11.29
C LEU D 534 -15.81 17.10 9.93
N ARG D 535 -14.86 17.20 9.02
CA ARG D 535 -15.13 17.83 7.73
C ARG D 535 -16.09 17.00 6.89
N ASP D 536 -15.86 15.68 6.81
CA ASP D 536 -16.64 14.85 5.91
C ASP D 536 -18.01 14.52 6.48
N LEU D 537 -18.17 14.63 7.81
CA LEU D 537 -19.50 14.48 8.39
C LEU D 537 -20.44 15.59 7.92
N LEU D 538 -19.90 16.79 7.70
CA LEU D 538 -20.71 17.89 7.18
C LEU D 538 -21.10 17.63 5.73
N ARG D 539 -20.25 16.94 4.98
CA ARG D 539 -20.53 16.71 3.57
C ARG D 539 -21.75 15.83 3.38
N PHE D 540 -21.85 14.77 4.18
CA PHE D 540 -22.99 13.85 4.09
C PHE D 540 -24.28 14.55 4.53
N LEU D 541 -24.19 15.38 5.56
CA LEU D 541 -25.40 15.99 6.14
C LEU D 541 -26.08 16.92 5.14
N LEU D 542 -25.31 17.76 4.47
CA LEU D 542 -25.90 18.74 3.56
C LEU D 542 -26.57 18.04 2.38
N VAL D 543 -25.93 17.02 1.81
CA VAL D 543 -26.51 16.31 0.67
C VAL D 543 -27.72 15.51 1.12
N TYR D 544 -27.62 14.85 2.27
CA TYR D 544 -28.70 13.97 2.73
C TYR D 544 -29.92 14.77 3.14
N LEU D 545 -29.72 15.92 3.80
CA LEU D 545 -30.84 16.71 4.30
C LEU D 545 -31.68 17.27 3.15
N VAL D 546 -31.04 17.58 2.02
CA VAL D 546 -31.76 18.11 0.87
C VAL D 546 -32.76 17.08 0.35
N PHE D 547 -32.30 15.83 0.21
CA PHE D 547 -33.17 14.80 -0.34
C PHE D 547 -34.03 14.14 0.73
N LEU D 548 -33.69 14.31 2.01
CA LEU D 548 -34.63 13.99 3.07
C LEU D 548 -35.85 14.88 2.97
N PHE D 549 -35.65 16.16 2.68
CA PHE D 549 -36.76 17.07 2.44
C PHE D 549 -37.53 16.68 1.19
N GLY D 550 -36.83 16.28 0.13
CA GLY D 550 -37.52 15.91 -1.10
C GLY D 550 -38.43 14.70 -0.93
N PHE D 551 -37.98 13.70 -0.18
CA PHE D 551 -38.81 12.53 0.06
C PHE D 551 -39.91 12.83 1.06
N ALA D 552 -39.63 13.69 2.05
CA ALA D 552 -40.62 14.02 3.07
C ALA D 552 -41.85 14.69 2.45
N VAL D 553 -41.62 15.65 1.55
CA VAL D 553 -42.74 16.29 0.86
C VAL D 553 -43.46 15.28 -0.03
N ALA D 554 -42.72 14.35 -0.63
CA ALA D 554 -43.32 13.35 -1.49
C ALA D 554 -44.24 12.42 -0.70
N LEU D 555 -43.77 11.97 0.48
CA LEU D 555 -44.56 11.02 1.27
C LEU D 555 -45.83 11.65 1.78
N VAL D 556 -45.77 12.90 2.25
CA VAL D 556 -46.95 13.55 2.81
C VAL D 556 -48.01 13.74 1.74
N SER D 557 -47.62 14.21 0.55
CA SER D 557 -48.57 14.42 -0.53
C SER D 557 -49.19 13.11 -0.99
N LEU D 558 -48.40 12.05 -1.04
CA LEU D 558 -48.91 10.76 -1.51
C LEU D 558 -49.78 10.07 -0.46
N SER D 559 -49.51 10.34 0.82
CA SER D 559 -50.24 9.70 1.92
C SER D 559 -51.47 10.48 2.35
N ARG D 560 -51.80 11.58 1.66
CA ARG D 560 -52.95 12.38 2.06
C ARG D 560 -54.28 11.70 1.73
N GLU D 561 -54.28 10.72 0.84
CA GLU D 561 -55.50 10.04 0.44
C GLU D 561 -55.61 8.70 1.16
N ALA D 562 -56.76 8.45 1.78
CA ALA D 562 -57.00 7.21 2.49
C ALA D 562 -57.59 6.16 1.56
N ARG D 563 -57.52 4.91 1.99
CA ARG D 563 -58.05 3.78 1.22
C ARG D 563 -59.57 3.85 1.12
N PRO D 589 -50.49 8.62 9.01
CA PRO D 589 -49.04 8.75 8.99
C PRO D 589 -48.55 9.82 8.03
N TYR D 590 -47.39 10.40 8.30
CA TYR D 590 -46.79 11.44 7.47
C TYR D 590 -47.75 12.60 7.28
N ARG D 591 -48.11 13.24 8.40
CA ARG D 591 -49.03 14.37 8.37
C ARG D 591 -48.36 15.69 8.02
N SER D 592 -47.04 15.76 8.08
CA SER D 592 -46.33 17.01 7.80
C SER D 592 -44.88 16.69 7.44
N ILE D 593 -44.15 17.73 7.02
CA ILE D 593 -42.74 17.55 6.69
C ILE D 593 -41.95 17.13 7.91
N LEU D 594 -42.20 17.79 9.05
CA LEU D 594 -41.46 17.46 10.27
C LEU D 594 -41.67 16.02 10.68
N ASP D 595 -42.91 15.54 10.60
CA ASP D 595 -43.18 14.12 10.86
C ASP D 595 -42.49 13.24 9.82
N ALA D 596 -42.74 13.52 8.54
CA ALA D 596 -42.18 12.68 7.48
C ALA D 596 -40.65 12.70 7.49
N SER D 597 -40.05 13.84 7.83
CA SER D 597 -38.60 13.89 7.97
C SER D 597 -38.14 12.99 9.12
N LEU D 598 -38.92 12.95 10.20
CA LEU D 598 -38.53 12.16 11.37
C LEU D 598 -38.61 10.67 11.07
N GLU D 599 -39.69 10.22 10.43
CA GLU D 599 -39.78 8.80 10.07
C GLU D 599 -38.72 8.40 9.05
N LEU D 600 -38.40 9.28 8.11
CA LEU D 600 -37.35 8.96 7.14
C LEU D 600 -35.98 8.90 7.80
N PHE D 601 -35.76 9.73 8.83
CA PHE D 601 -34.45 9.72 9.49
C PHE D 601 -34.28 8.48 10.35
N LYS D 602 -35.39 7.88 10.81
CA LYS D 602 -35.31 6.68 11.63
C LYS D 602 -34.68 5.51 10.89
N PHE D 603 -34.73 5.51 9.55
CA PHE D 603 -34.08 4.46 8.79
C PHE D 603 -32.56 4.54 8.93
N THR D 604 -32.02 5.75 9.03
CA THR D 604 -30.58 5.92 9.17
C THR D 604 -30.09 5.39 10.52
N ILE D 605 -30.87 5.61 11.58
CA ILE D 605 -30.49 5.18 12.92
C ILE D 605 -30.89 3.73 13.15
N GLY D 606 -31.40 3.08 12.11
CA GLY D 606 -31.76 1.68 12.22
C GLY D 606 -33.05 1.41 12.95
N MET D 607 -33.98 2.37 12.96
CA MET D 607 -35.26 2.20 13.63
C MET D 607 -36.42 2.52 12.68
N GLY D 608 -36.14 2.62 11.38
CA GLY D 608 -37.19 2.96 10.44
C GLY D 608 -38.28 1.90 10.38
N GLU D 609 -39.52 2.36 10.44
CA GLU D 609 -40.69 1.49 10.40
C GLU D 609 -41.13 1.36 8.95
N LEU D 610 -40.63 0.32 8.27
CA LEU D 610 -40.97 0.04 6.88
C LEU D 610 -42.05 -1.02 6.87
N ALA D 611 -43.31 -0.59 6.76
CA ALA D 611 -44.44 -1.49 6.80
C ALA D 611 -45.42 -1.16 5.69
N PHE D 612 -46.19 -2.16 5.29
CA PHE D 612 -47.20 -2.00 4.24
C PHE D 612 -48.46 -1.43 4.87
N GLN D 613 -48.58 -0.10 4.85
CA GLN D 613 -49.66 0.60 5.55
C GLN D 613 -50.94 0.48 4.73
N GLU D 614 -51.92 -0.25 5.27
CA GLU D 614 -53.17 -0.47 4.55
C GLU D 614 -54.10 0.74 4.58
N GLN D 615 -53.80 1.74 5.42
CA GLN D 615 -54.69 2.89 5.54
C GLN D 615 -54.59 3.83 4.35
N LEU D 616 -53.57 3.67 3.49
CA LEU D 616 -53.36 4.58 2.37
C LEU D 616 -53.90 3.96 1.08
N ARG D 617 -54.52 4.80 0.25
CA ARG D 617 -55.01 4.35 -1.04
C ARG D 617 -53.86 3.90 -1.95
N PHE D 618 -52.76 4.64 -1.91
CA PHE D 618 -51.57 4.33 -2.72
C PHE D 618 -50.51 3.60 -1.92
N ARG D 619 -50.97 2.68 -1.07
CA ARG D 619 -50.13 1.88 -0.17
C ARG D 619 -48.95 1.24 -0.89
N GLY D 620 -49.17 0.75 -2.11
CA GLY D 620 -48.09 0.17 -2.87
C GLY D 620 -47.01 1.16 -3.28
N VAL D 621 -47.42 2.35 -3.72
CA VAL D 621 -46.46 3.34 -4.19
C VAL D 621 -45.66 3.92 -3.01
N VAL D 622 -46.33 4.13 -1.87
CA VAL D 622 -45.64 4.68 -0.71
C VAL D 622 -44.50 3.77 -0.28
N LEU D 623 -44.72 2.46 -0.33
CA LEU D 623 -43.66 1.51 0.01
C LEU D 623 -42.50 1.61 -0.97
N LEU D 624 -42.79 1.82 -2.25
CA LEU D 624 -41.72 1.95 -3.25
C LEU D 624 -40.87 3.17 -2.96
N LEU D 625 -41.50 4.29 -2.59
CA LEU D 625 -40.74 5.49 -2.24
C LEU D 625 -39.88 5.25 -1.01
N LEU D 626 -40.42 4.57 0.00
CA LEU D 626 -39.65 4.27 1.19
C LEU D 626 -38.48 3.34 0.87
N LEU D 627 -38.71 2.34 0.01
CA LEU D 627 -37.63 1.47 -0.40
C LEU D 627 -36.57 2.23 -1.20
N ALA D 628 -37.01 3.05 -2.15
CA ALA D 628 -36.07 3.81 -2.97
C ALA D 628 -35.22 4.73 -2.10
N TYR D 629 -35.80 5.25 -1.02
CA TYR D 629 -35.05 6.09 -0.10
C TYR D 629 -33.98 5.29 0.63
N VAL D 630 -34.22 4.00 0.86
CA VAL D 630 -33.30 3.20 1.66
C VAL D 630 -31.98 2.99 0.91
N LEU D 631 -32.05 2.43 -0.30
CA LEU D 631 -30.82 2.20 -1.06
C LEU D 631 -30.16 3.51 -1.47
N LEU D 632 -30.96 4.53 -1.78
CA LEU D 632 -30.39 5.83 -2.12
C LEU D 632 -29.65 6.43 -0.93
N THR D 633 -30.17 6.26 0.28
CA THR D 633 -29.44 6.68 1.47
C THR D 633 -28.20 5.83 1.67
N TYR D 634 -28.30 4.52 1.44
CA TYR D 634 -27.14 3.64 1.57
C TYR D 634 -26.02 4.06 0.62
N VAL D 635 -26.39 4.60 -0.54
CA VAL D 635 -25.39 5.16 -1.45
C VAL D 635 -24.64 6.29 -0.77
N LEU D 636 -25.35 7.11 0.02
CA LEU D 636 -24.72 8.24 0.69
C LEU D 636 -23.80 7.77 1.82
N LEU D 637 -24.23 6.79 2.61
CA LEU D 637 -23.37 6.28 3.67
C LEU D 637 -22.11 5.63 3.10
N LEU D 638 -22.27 4.81 2.05
CA LEU D 638 -21.11 4.15 1.46
C LEU D 638 -20.16 5.16 0.83
N ASN D 639 -20.70 6.21 0.22
CA ASN D 639 -19.85 7.26 -0.35
C ASN D 639 -19.08 7.98 0.76
N MET D 640 -19.74 8.25 1.88
CA MET D 640 -19.06 8.89 3.00
C MET D 640 -18.02 7.96 3.60
N LEU D 641 -18.37 6.68 3.76
CA LEU D 641 -17.43 5.70 4.29
C LEU D 641 -16.22 5.56 3.38
N ILE D 642 -16.46 5.56 2.06
CA ILE D 642 -15.35 5.50 1.11
C ILE D 642 -14.50 6.76 1.20
N ALA D 643 -15.14 7.92 1.36
CA ALA D 643 -14.40 9.17 1.50
C ALA D 643 -13.56 9.18 2.76
N LEU D 644 -14.12 8.68 3.87
CA LEU D 644 -13.36 8.51 5.10
C LEU D 644 -12.20 7.55 4.90
N MET D 645 -12.42 6.53 4.08
CA MET D 645 -11.49 5.41 3.93
C MET D 645 -10.27 5.81 3.12
N SER D 646 -10.45 6.71 2.15
CA SER D 646 -9.39 7.03 1.20
C SER D 646 -8.28 7.87 1.80
N GLU D 647 -8.54 8.61 2.87
CA GLU D 647 -7.46 9.42 3.45
C GLU D 647 -6.69 8.65 4.53
N THR D 648 -7.30 7.59 5.08
CA THR D 648 -6.60 6.76 6.05
C THR D 648 -5.43 6.02 5.41
N VAL D 649 -5.64 5.49 4.20
CA VAL D 649 -4.56 4.78 3.52
C VAL D 649 -3.43 5.74 3.16
N ASN D 650 -3.79 6.93 2.67
CA ASN D 650 -2.81 7.96 2.34
C ASN D 650 -2.70 8.91 3.52
N HIS D 651 -2.14 8.41 4.62
CA HIS D 651 -1.96 9.19 5.83
C HIS D 651 -0.62 8.83 6.46
N VAL D 652 -0.04 9.79 7.16
CA VAL D 652 1.24 9.61 7.86
C VAL D 652 0.98 9.76 9.35
N ALA D 653 1.41 8.77 10.12
CA ALA D 653 1.20 8.82 11.58
C ALA D 653 2.09 9.87 12.23
N ASP D 654 3.22 10.21 11.58
CA ASP D 654 4.12 11.20 12.16
C ASP D 654 3.49 12.59 12.17
N ASN D 655 2.53 12.85 11.27
CA ASN D 655 1.87 14.14 11.25
C ASN D 655 1.08 14.39 12.52
N SER D 656 0.57 13.32 13.14
CA SER D 656 -0.21 13.48 14.37
C SER D 656 0.63 14.08 15.48
N TRP D 657 1.89 13.67 15.58
CA TRP D 657 2.77 14.22 16.61
C TRP D 657 3.12 15.67 16.33
N SER D 658 3.31 16.03 15.06
CA SER D 658 3.68 17.40 14.73
C SER D 658 2.46 18.33 14.82
N ILE D 659 1.28 17.84 14.44
CA ILE D 659 0.07 18.65 14.56
C ILE D 659 -0.24 18.93 16.03
N TRP D 660 -0.06 17.92 16.89
CA TRP D 660 -0.27 18.13 18.32
C TRP D 660 0.68 19.18 18.88
N LYS D 661 1.94 19.14 18.44
CA LYS D 661 2.89 20.15 18.90
C LYS D 661 2.50 21.55 18.43
N LEU D 662 1.90 21.65 17.25
CA LEU D 662 1.39 22.94 16.79
C LEU D 662 0.24 23.41 17.68
N GLN D 663 -0.62 22.48 18.12
CA GLN D 663 -1.69 22.84 19.03
C GLN D 663 -1.14 23.34 20.36
N LYS D 664 -0.10 22.69 20.87
CA LYS D 664 0.56 23.19 22.08
C LYS D 664 1.31 24.49 21.82
N ALA D 665 1.86 24.64 20.61
CA ALA D 665 2.57 25.88 20.27
C ALA D 665 1.61 27.06 20.26
N ILE D 666 0.41 26.87 19.72
CA ILE D 666 -0.59 27.94 19.72
C ILE D 666 -1.04 28.23 21.15
N SER D 667 -1.16 27.20 21.97
CA SER D 667 -1.64 27.38 23.33
C SER D 667 -0.66 28.18 24.17
N VAL D 668 0.62 27.85 24.11
CA VAL D 668 1.61 28.53 24.95
C VAL D 668 1.73 30.00 24.55
N LEU D 669 1.54 30.31 23.27
CA LEU D 669 1.61 31.71 22.84
C LEU D 669 0.42 32.50 23.35
N GLU D 670 -0.73 31.85 23.54
CA GLU D 670 -1.90 32.55 24.06
C GLU D 670 -1.78 32.78 25.57
N MET D 671 -1.23 31.80 26.29
CA MET D 671 -1.05 31.96 27.73
C MET D 671 0.07 32.94 28.06
N GLU D 672 1.02 33.13 27.14
CA GLU D 672 2.07 34.11 27.37
C GLU D 672 1.51 35.52 27.48
N ASN D 673 0.41 35.81 26.77
CA ASN D 673 -0.24 37.11 26.88
C ASN D 673 -0.96 37.28 28.21
N GLY D 674 -1.17 36.20 28.96
CA GLY D 674 -1.91 36.30 30.19
C GLY D 674 -3.41 36.36 29.96
N TYR D 675 -4.11 36.74 31.02
CA TYR D 675 -5.56 36.88 30.98
C TYR D 675 -5.95 38.27 30.48
N TRP D 676 -7.20 38.38 30.04
CA TRP D 676 -7.70 39.66 29.55
C TRP D 676 -7.76 40.70 30.66
N TRP D 677 -8.04 40.27 31.89
CA TRP D 677 -8.09 41.17 33.03
C TRP D 677 -6.73 41.43 33.65
N CYS D 678 -5.70 40.68 33.26
CA CYS D 678 -4.36 40.88 33.81
C CYS D 678 -3.30 40.52 32.78
N ARG D 679 -2.78 41.52 32.07
CA ARG D 679 -1.74 41.30 31.08
C ARG D 679 -0.40 41.14 31.79
N ARG D 680 0.17 39.94 31.74
CA ARG D 680 1.42 39.66 32.41
C ARG D 680 2.61 40.10 31.55
N LYS D 681 3.70 40.43 32.23
CA LYS D 681 4.92 40.84 31.54
C LYS D 681 5.58 39.63 30.88
N LYS D 682 5.90 39.75 29.60
CA LYS D 682 6.52 38.65 28.88
C LYS D 682 7.97 38.46 29.32
N HIS D 683 8.37 37.20 29.48
CA HIS D 683 9.72 36.86 29.92
C HIS D 683 10.53 36.40 28.71
N ARG D 684 11.69 37.03 28.50
CA ARG D 684 12.53 36.69 27.37
C ARG D 684 13.31 35.41 27.66
N GLU D 685 13.27 34.47 26.71
CA GLU D 685 13.99 33.23 26.86
C GLU D 685 15.46 33.40 26.46
N GLY D 686 16.28 32.45 26.89
CA GLY D 686 17.69 32.52 26.59
C GLY D 686 18.42 33.52 27.47
N ARG D 687 19.68 33.75 27.13
CA ARG D 687 20.51 34.67 27.88
C ARG D 687 21.44 35.40 26.92
N LEU D 688 21.87 36.59 27.33
CA LEU D 688 22.77 37.41 26.52
C LEU D 688 24.18 36.84 26.63
N LEU D 689 24.66 36.20 25.56
CA LEU D 689 25.96 35.55 25.54
C LEU D 689 26.77 36.07 24.36
N LYS D 690 28.06 36.29 24.59
CA LYS D 690 28.95 36.72 23.53
C LYS D 690 29.23 35.57 22.58
N VAL D 691 29.14 35.84 21.28
CA VAL D 691 29.37 34.82 20.26
C VAL D 691 30.22 35.39 19.14
N ASP D 700 30.30 41.03 19.67
CA ASP D 700 29.14 40.35 19.09
C ASP D 700 28.46 39.48 20.15
N GLU D 701 27.45 40.04 20.81
CA GLU D 701 26.70 39.34 21.83
C GLU D 701 25.22 39.29 21.45
N ARG D 702 24.64 38.10 21.57
CA ARG D 702 23.25 37.88 21.17
C ARG D 702 22.53 37.09 22.24
N TRP D 703 21.21 37.18 22.24
CA TRP D 703 20.39 36.40 23.15
C TRP D 703 20.26 34.97 22.62
N CYS D 704 21.27 34.15 22.88
CA CYS D 704 21.31 32.78 22.37
C CYS D 704 20.52 31.84 23.28
N PHE D 705 20.20 30.67 22.76
CA PHE D 705 19.43 29.65 23.47
C PHE D 705 20.16 28.32 23.34
N ARG D 706 20.66 27.79 24.46
CA ARG D 706 21.44 26.57 24.44
C ARG D 706 20.53 25.37 24.21
N VAL D 707 20.86 24.55 23.22
CA VAL D 707 20.10 23.35 22.89
C VAL D 707 21.05 22.16 22.95
N GLU D 708 20.69 21.15 23.74
CA GLU D 708 21.46 19.92 23.84
C GLU D 708 20.80 18.84 23.00
N GLU D 709 21.54 18.32 22.02
CA GLU D 709 21.00 17.36 21.07
C GLU D 709 21.89 16.13 21.04
N VAL D 710 21.28 14.95 21.13
CA VAL D 710 21.99 13.67 21.05
C VAL D 710 21.48 12.92 19.84
N ASN D 711 22.40 12.46 18.99
CA ASN D 711 22.04 11.77 17.76
C ASN D 711 23.09 10.68 17.51
N TRP D 712 22.75 9.45 17.93
CA TRP D 712 23.65 8.33 17.73
C TRP D 712 23.77 7.96 16.25
N ALA D 713 22.65 8.03 15.52
CA ALA D 713 22.65 7.62 14.12
C ALA D 713 23.56 8.52 13.28
N ALA D 714 23.47 9.83 13.49
CA ALA D 714 24.31 10.76 12.73
C ALA D 714 25.77 10.65 13.15
N TRP D 715 26.02 10.46 14.45
CA TRP D 715 27.39 10.36 14.94
C TRP D 715 28.08 9.11 14.40
N GLU D 716 27.36 7.98 14.36
CA GLU D 716 27.96 6.75 13.86
C GLU D 716 28.26 6.84 12.37
N LYS D 717 27.41 7.51 11.60
CA LYS D 717 27.70 7.75 10.19
C LYS D 717 28.91 8.65 10.01
N THR D 718 29.21 9.51 10.99
CA THR D 718 30.40 10.36 10.92
C THR D 718 31.68 9.56 11.17
N LEU D 719 31.61 8.54 12.01
CA LEU D 719 32.79 7.77 12.36
C LEU D 719 33.38 7.12 11.11
#